data_7H42
# 
_entry.id   7H42 
# 
_audit_conform.dict_name       mmcif_pdbx.dic 
_audit_conform.dict_version    5.397 
_audit_conform.dict_location   http://mmcif.pdb.org/dictionaries/ascii/mmcif_pdbx.dic 
# 
loop_
_database_2.database_id 
_database_2.database_code 
_database_2.pdbx_database_accession 
_database_2.pdbx_DOI 
PDB   7H42         pdb_00007h42 10.2210/pdb7h42/pdb 
WWPDB D_1001406997 ?            ?                   
# 
loop_
_pdbx_audit_revision_history.ordinal 
_pdbx_audit_revision_history.data_content_type 
_pdbx_audit_revision_history.major_revision 
_pdbx_audit_revision_history.minor_revision 
_pdbx_audit_revision_history.revision_date 
1 'Structure model' 1 0 2024-04-24 
2 'Structure model' 1 1 2024-10-16 
# 
_pdbx_audit_revision_details.ordinal             1 
_pdbx_audit_revision_details.revision_ordinal    1 
_pdbx_audit_revision_details.data_content_type   'Structure model' 
_pdbx_audit_revision_details.provider            repository 
_pdbx_audit_revision_details.type                'Initial release' 
_pdbx_audit_revision_details.description         ? 
_pdbx_audit_revision_details.details             ? 
# 
loop_
_pdbx_audit_revision_group.ordinal 
_pdbx_audit_revision_group.revision_ordinal 
_pdbx_audit_revision_group.data_content_type 
_pdbx_audit_revision_group.group 
1 2 'Structure model' 'Database references' 
2 2 'Structure model' 'Structure summary'   
# 
loop_
_pdbx_audit_revision_category.ordinal 
_pdbx_audit_revision_category.revision_ordinal 
_pdbx_audit_revision_category.data_content_type 
_pdbx_audit_revision_category.category 
1 2 'Structure model' citation           
2 2 'Structure model' citation_author    
3 2 'Structure model' pdbx_entry_details 
# 
loop_
_pdbx_audit_revision_item.ordinal 
_pdbx_audit_revision_item.revision_ordinal 
_pdbx_audit_revision_item.data_content_type 
_pdbx_audit_revision_item.item 
1 2 'Structure model' '_citation.country'                 
2 2 'Structure model' '_citation.journal_abbrev'          
3 2 'Structure model' '_citation.journal_id_CSD'          
4 2 'Structure model' '_citation.journal_id_ISSN'         
5 2 'Structure model' '_citation.pdbx_database_id_DOI'    
6 2 'Structure model' '_citation.pdbx_database_id_PubMed' 
7 2 'Structure model' '_citation.title'                   
8 2 'Structure model' '_citation.year'                    
# 
_pdbx_database_status.entry_id                        7H42 
_pdbx_database_status.status_code                     REL 
_pdbx_database_status.status_code_sf                  REL 
_pdbx_database_status.status_code_mr                  ? 
_pdbx_database_status.status_code_cs                  ? 
_pdbx_database_status.recvd_initial_deposition_date   2024-04-04 
_pdbx_database_status.status_code_nmr_data            ? 
_pdbx_database_status.deposit_site                    RCSB 
_pdbx_database_status.process_site                    RCSB 
_pdbx_database_status.SG_entry                        ? 
_pdbx_database_status.pdb_format_compatible           Y 
_pdbx_database_status.methods_development_category    ? 
# 
_pdbx_contact_author.id                 1 
_pdbx_contact_author.email              frank.von-delft@diamond.ac.uk 
_pdbx_contact_author.name_first         Frank 
_pdbx_contact_author.name_last          'von Delft' 
_pdbx_contact_author.role               'principal investigator/group leader' 
_pdbx_contact_author.identifier_ORCID   0000-0003-0378-0017 
_pdbx_contact_author.name_mi            ? 
# 
loop_
_audit_author.name 
_audit_author.pdbx_ordinal 
'Lithgo, R.M.'        1  
'Fairhead, M.'        2  
'Koekemoer, L.'       3  
'Balcomb, B.H.'       4  
'Capkin, E.'          5  
'Chandran, A.V.'      6  
'Golding, M.'         7  
'Godoy, A.S.'         8  
'Aschenbrenner, J.C.' 9  
'Marples, P.G.'       10 
'Ni, X.'              11 
'Thompson, W.'        12 
'Tomlinson, C.W.E.'   13 
'Wild, C.'            14 
'Winokan, M.'         15 
'Xavier, M.-A.E.'     16 
'Fearon, D.'          17 
'von Delft, F.'       18 
# 
_citation.id                        primary 
_citation.title                     
;Crystallographic Fragment Screen of Coxsackievirus A16 2A Protease identifies new opportunities for the development of broad-spectrum anti-enterovirals.
;
_citation.journal_abbrev            Biorxiv 
_citation.journal_volume            ? 
_citation.page_first                ? 
_citation.page_last                 ? 
_citation.year                      2024 
_citation.journal_id_ASTM           ? 
_citation.country                   US 
_citation.journal_id_ISSN           2692-8205 
_citation.journal_id_CSD            ? 
_citation.book_publisher            ? 
_citation.pdbx_database_id_PubMed   38746446 
_citation.pdbx_database_id_DOI      10.1101/2024.04.29.591684 
# 
loop_
_citation_author.citation_id 
_citation_author.name 
_citation_author.identifier_ORCID 
_citation_author.ordinal 
primary 'Lithgo, R.M.'        0000-0002-4706-9916 1  
primary 'Tomlinson, C.W.E.'   0000-0002-1845-6028 2  
primary 'Fairhead, M.'        0000-0001-5361-3933 3  
primary 'Winokan, M.'         ?                   4  
primary 'Thompson, W.'        0000-0003-1474-7810 5  
primary 'Wild, C.'            0000-0003-0654-8141 6  
primary 'Aschenbrenner, J.C.' 0000-0002-4318-0481 7  
primary 'Balcomb, B.H.'       0000-0001-7599-8467 8  
primary 'Marples, P.G.'       0000-0002-8787-7969 9  
primary 'Chandran, A.V.'      0000-0001-9942-2614 10 
primary 'Golding, M.'         0009-0004-7472-8333 11 
primary 'Koekemoer, L.'       0000-0001-9226-9127 12 
primary 'Williams, E.P.'      0000-0002-1331-9518 13 
primary 'Wang, S.'            ?                   14 
primary 'Ni, X.'              0000-0002-7769-8297 15 
primary 'MacLean, E.'         0000-0003-1680-4292 16 
primary 'Giroud, C.'          0000-0002-1629-1581 17 
primary 'Godoy, A.S.'         0000-0002-0613-9164 18 
primary 'Xavier, M.A.'        0000-0002-1709-9479 19 
primary 'Walsh, M.'           0000-0001-5683-1151 20 
primary 'Fearon, D.'          0000-0003-3529-7863 21 
primary 'von Delft, F.'       0000-0003-0378-0017 22 
# 
loop_
_entity.id 
_entity.type 
_entity.src_method 
_entity.pdbx_description 
_entity.formula_weight 
_entity.pdbx_number_of_molecules 
_entity.pdbx_ec 
_entity.pdbx_mutation 
_entity.pdbx_fragment 
_entity.details 
1 polymer     man 'Protease 2A'                                           16493.311 1   3.4.22.29 ? ? ? 
2 non-polymer man '4-({[(4-fluorophenyl)methyl]amino}methyl)benzonitrile' 240.276   1   ?         ? ? ? 
3 non-polymer syn 'ZINC ION'                                              65.409    1   ?         ? ? ? 
4 non-polymer syn 'DIMETHYL SULFOXIDE'                                    78.133    4   ?         ? ? ? 
5 non-polymer syn 'SULFATE ION'                                           96.063    1   ?         ? ? ? 
6 water       nat water                                                   18.015    235 ?         ? ? ? 
# 
_entity_name_com.entity_id   1 
_entity_name_com.name        'P2A,Picornain 2A,Protein 2A' 
# 
_entity_poly.entity_id                      1 
_entity_poly.type                           'polypeptide(L)' 
_entity_poly.nstd_linkage                   no 
_entity_poly.nstd_monomer                   no 
_entity_poly.pdbx_seq_one_letter_code       
;QEQTGGSGAIYVGNYRVVNRHLATHNDWANLVWEDSSRDLLVSSTTAQGCDTIARCDCQTGVYYCSSRRKHYPVSFSKPS
LIFVEASEYYPARYQSHLMLAVGHSEPGDCGGILRCQHGVVGIVSTGGNGLVGFADVRDLLWLDEEAMEQ
;
_entity_poly.pdbx_seq_one_letter_code_can   
;QEQTGGSGAIYVGNYRVVNRHLATHNDWANLVWEDSSRDLLVSSTTAQGCDTIARCDCQTGVYYCSSRRKHYPVSFSKPS
LIFVEASEYYPARYQSHLMLAVGHSEPGDCGGILRCQHGVVGIVSTGGNGLVGFADVRDLLWLDEEAMEQ
;
_entity_poly.pdbx_strand_id                 A 
_entity_poly.pdbx_target_identifier         ? 
# 
loop_
_pdbx_entity_nonpoly.entity_id 
_pdbx_entity_nonpoly.name 
_pdbx_entity_nonpoly.comp_id 
2 '4-({[(4-fluorophenyl)methyl]amino}methyl)benzonitrile' WHD 
3 'ZINC ION'                                              ZN  
4 'DIMETHYL SULFOXIDE'                                    DMS 
5 'SULFATE ION'                                           SO4 
6 water                                                   HOH 
# 
loop_
_entity_poly_seq.entity_id 
_entity_poly_seq.num 
_entity_poly_seq.mon_id 
_entity_poly_seq.hetero 
1 1   GLN n 
1 2   GLU n 
1 3   GLN n 
1 4   THR n 
1 5   GLY n 
1 6   GLY n 
1 7   SER n 
1 8   GLY n 
1 9   ALA n 
1 10  ILE n 
1 11  TYR n 
1 12  VAL n 
1 13  GLY n 
1 14  ASN n 
1 15  TYR n 
1 16  ARG n 
1 17  VAL n 
1 18  VAL n 
1 19  ASN n 
1 20  ARG n 
1 21  HIS n 
1 22  LEU n 
1 23  ALA n 
1 24  THR n 
1 25  HIS n 
1 26  ASN n 
1 27  ASP n 
1 28  TRP n 
1 29  ALA n 
1 30  ASN n 
1 31  LEU n 
1 32  VAL n 
1 33  TRP n 
1 34  GLU n 
1 35  ASP n 
1 36  SER n 
1 37  SER n 
1 38  ARG n 
1 39  ASP n 
1 40  LEU n 
1 41  LEU n 
1 42  VAL n 
1 43  SER n 
1 44  SER n 
1 45  THR n 
1 46  THR n 
1 47  ALA n 
1 48  GLN n 
1 49  GLY n 
1 50  CYS n 
1 51  ASP n 
1 52  THR n 
1 53  ILE n 
1 54  ALA n 
1 55  ARG n 
1 56  CYS n 
1 57  ASP n 
1 58  CYS n 
1 59  GLN n 
1 60  THR n 
1 61  GLY n 
1 62  VAL n 
1 63  TYR n 
1 64  TYR n 
1 65  CYS n 
1 66  SER n 
1 67  SER n 
1 68  ARG n 
1 69  ARG n 
1 70  LYS n 
1 71  HIS n 
1 72  TYR n 
1 73  PRO n 
1 74  VAL n 
1 75  SER n 
1 76  PHE n 
1 77  SER n 
1 78  LYS n 
1 79  PRO n 
1 80  SER n 
1 81  LEU n 
1 82  ILE n 
1 83  PHE n 
1 84  VAL n 
1 85  GLU n 
1 86  ALA n 
1 87  SER n 
1 88  GLU n 
1 89  TYR n 
1 90  TYR n 
1 91  PRO n 
1 92  ALA n 
1 93  ARG n 
1 94  TYR n 
1 95  GLN n 
1 96  SER n 
1 97  HIS n 
1 98  LEU n 
1 99  MET n 
1 100 LEU n 
1 101 ALA n 
1 102 VAL n 
1 103 GLY n 
1 104 HIS n 
1 105 SER n 
1 106 GLU n 
1 107 PRO n 
1 108 GLY n 
1 109 ASP n 
1 110 CYS n 
1 111 GLY n 
1 112 GLY n 
1 113 ILE n 
1 114 LEU n 
1 115 ARG n 
1 116 CYS n 
1 117 GLN n 
1 118 HIS n 
1 119 GLY n 
1 120 VAL n 
1 121 VAL n 
1 122 GLY n 
1 123 ILE n 
1 124 VAL n 
1 125 SER n 
1 126 THR n 
1 127 GLY n 
1 128 GLY n 
1 129 ASN n 
1 130 GLY n 
1 131 LEU n 
1 132 VAL n 
1 133 GLY n 
1 134 PHE n 
1 135 ALA n 
1 136 ASP n 
1 137 VAL n 
1 138 ARG n 
1 139 ASP n 
1 140 LEU n 
1 141 LEU n 
1 142 TRP n 
1 143 LEU n 
1 144 ASP n 
1 145 GLU n 
1 146 GLU n 
1 147 ALA n 
1 148 MET n 
1 149 GLU n 
1 150 GLN n 
# 
loop_
_entity_src_gen.entity_id 
_entity_src_gen.pdbx_src_id 
_entity_src_gen.pdbx_alt_source_flag 
_entity_src_gen.pdbx_seq_type 
_entity_src_gen.pdbx_beg_seq_num 
_entity_src_gen.pdbx_end_seq_num 
_entity_src_gen.gene_src_common_name 
_entity_src_gen.gene_src_genus 
_entity_src_gen.pdbx_gene_src_gene 
_entity_src_gen.gene_src_species 
_entity_src_gen.gene_src_strain 
_entity_src_gen.gene_src_tissue 
_entity_src_gen.gene_src_tissue_fraction 
_entity_src_gen.gene_src_details 
_entity_src_gen.pdbx_gene_src_fragment 
_entity_src_gen.pdbx_gene_src_scientific_name 
_entity_src_gen.pdbx_gene_src_ncbi_taxonomy_id 
_entity_src_gen.pdbx_gene_src_variant 
_entity_src_gen.pdbx_gene_src_cell_line 
_entity_src_gen.pdbx_gene_src_atcc 
_entity_src_gen.pdbx_gene_src_organ 
_entity_src_gen.pdbx_gene_src_organelle 
_entity_src_gen.pdbx_gene_src_cell 
_entity_src_gen.pdbx_gene_src_cellular_location 
_entity_src_gen.host_org_common_name 
_entity_src_gen.pdbx_host_org_scientific_name 
_entity_src_gen.pdbx_host_org_ncbi_taxonomy_id 
_entity_src_gen.host_org_genus 
_entity_src_gen.pdbx_host_org_gene 
_entity_src_gen.pdbx_host_org_organ 
_entity_src_gen.host_org_species 
_entity_src_gen.pdbx_host_org_tissue 
_entity_src_gen.pdbx_host_org_tissue_fraction 
_entity_src_gen.pdbx_host_org_strain 
_entity_src_gen.pdbx_host_org_variant 
_entity_src_gen.pdbx_host_org_cell_line 
_entity_src_gen.pdbx_host_org_atcc 
_entity_src_gen.pdbx_host_org_culture_collection 
_entity_src_gen.pdbx_host_org_cell 
_entity_src_gen.pdbx_host_org_organelle 
_entity_src_gen.pdbx_host_org_cellular_location 
_entity_src_gen.pdbx_host_org_vector_type 
_entity_src_gen.pdbx_host_org_vector 
_entity_src_gen.host_org_details 
_entity_src_gen.expression_system_id 
_entity_src_gen.plasmid_name 
_entity_src_gen.plasmid_details 
_entity_src_gen.pdbx_description 
1 1 sample 'Biological sequence' 1 150 ? ? ? ? ? ? ? ? ? 'Coxsackievirus A16' 31704 ? ? ? ? ? ? ? ? 'Escherichia coli' 562 ? ? ? ? 
? ? ? ? ? ? ? ? ? ? ? ? ? ? ? ? ? 
2 1 sample ?                     ? ?   ? ? ? ? ? ? ? ? ? 'Coxsackievirus A16' 31704 ? ? ? ? ? ? ? ? 'Escherichia coli' 562 ? ? ? ? 
? ? ? ? ? ? ? ? ? ? ? ? ? ? ? ? ? 
# 
loop_
_chem_comp.id 
_chem_comp.type 
_chem_comp.mon_nstd_flag 
_chem_comp.name 
_chem_comp.pdbx_synonyms 
_chem_comp.formula 
_chem_comp.formula_weight 
ALA 'L-peptide linking' y ALANINE                                                 ? 'C3 H7 N O2'     89.093  
ARG 'L-peptide linking' y ARGININE                                                ? 'C6 H15 N4 O2 1' 175.209 
ASN 'L-peptide linking' y ASPARAGINE                                              ? 'C4 H8 N2 O3'    132.118 
ASP 'L-peptide linking' y 'ASPARTIC ACID'                                         ? 'C4 H7 N O4'     133.103 
CYS 'L-peptide linking' y CYSTEINE                                                ? 'C3 H7 N O2 S'   121.158 
DMS non-polymer         . 'DIMETHYL SULFOXIDE'                                    ? 'C2 H6 O S'      78.133  
GLN 'L-peptide linking' y GLUTAMINE                                               ? 'C5 H10 N2 O3'   146.144 
GLU 'L-peptide linking' y 'GLUTAMIC ACID'                                         ? 'C5 H9 N O4'     147.129 
GLY 'peptide linking'   y GLYCINE                                                 ? 'C2 H5 N O2'     75.067  
HIS 'L-peptide linking' y HISTIDINE                                               ? 'C6 H10 N3 O2 1' 156.162 
HOH non-polymer         . WATER                                                   ? 'H2 O'           18.015  
ILE 'L-peptide linking' y ISOLEUCINE                                              ? 'C6 H13 N O2'    131.173 
LEU 'L-peptide linking' y LEUCINE                                                 ? 'C6 H13 N O2'    131.173 
LYS 'L-peptide linking' y LYSINE                                                  ? 'C6 H15 N2 O2 1' 147.195 
MET 'L-peptide linking' y METHIONINE                                              ? 'C5 H11 N O2 S'  149.211 
PHE 'L-peptide linking' y PHENYLALANINE                                           ? 'C9 H11 N O2'    165.189 
PRO 'L-peptide linking' y PROLINE                                                 ? 'C5 H9 N O2'     115.130 
SER 'L-peptide linking' y SERINE                                                  ? 'C3 H7 N O3'     105.093 
SO4 non-polymer         . 'SULFATE ION'                                           ? 'O4 S -2'        96.063  
THR 'L-peptide linking' y THREONINE                                               ? 'C4 H9 N O3'     119.119 
TRP 'L-peptide linking' y TRYPTOPHAN                                              ? 'C11 H12 N2 O2'  204.225 
TYR 'L-peptide linking' y TYROSINE                                                ? 'C9 H11 N O3'    181.189 
VAL 'L-peptide linking' y VALINE                                                  ? 'C5 H11 N O2'    117.146 
WHD non-polymer         . '4-({[(4-fluorophenyl)methyl]amino}methyl)benzonitrile' ? 'C15 H13 F N2'   240.276 
ZN  non-polymer         . 'ZINC ION'                                              ? 'Zn 2'           65.409  
# 
loop_
_pdbx_poly_seq_scheme.asym_id 
_pdbx_poly_seq_scheme.entity_id 
_pdbx_poly_seq_scheme.seq_id 
_pdbx_poly_seq_scheme.mon_id 
_pdbx_poly_seq_scheme.ndb_seq_num 
_pdbx_poly_seq_scheme.pdb_seq_num 
_pdbx_poly_seq_scheme.auth_seq_num 
_pdbx_poly_seq_scheme.pdb_mon_id 
_pdbx_poly_seq_scheme.auth_mon_id 
_pdbx_poly_seq_scheme.pdb_strand_id 
_pdbx_poly_seq_scheme.pdb_ins_code 
_pdbx_poly_seq_scheme.hetero 
A 1 1   GLN 1   1   ?   ?   ?   A . n 
A 1 2   GLU 2   2   ?   ?   ?   A . n 
A 1 3   GLN 3   3   ?   ?   ?   A . n 
A 1 4   THR 4   4   ?   ?   ?   A . n 
A 1 5   GLY 5   5   ?   ?   ?   A . n 
A 1 6   GLY 6   6   ?   ?   ?   A . n 
A 1 7   SER 7   7   7   SER SER A . n 
A 1 8   GLY 8   8   8   GLY GLY A . n 
A 1 9   ALA 9   9   9   ALA ALA A . n 
A 1 10  ILE 10  10  10  ILE ILE A . n 
A 1 11  TYR 11  11  11  TYR TYR A . n 
A 1 12  VAL 12  12  12  VAL VAL A . n 
A 1 13  GLY 13  13  13  GLY GLY A . n 
A 1 14  ASN 14  14  14  ASN ASN A . n 
A 1 15  TYR 15  15  15  TYR TYR A . n 
A 1 16  ARG 16  16  16  ARG ARG A . n 
A 1 17  VAL 17  17  17  VAL VAL A . n 
A 1 18  VAL 18  18  18  VAL VAL A . n 
A 1 19  ASN 19  19  19  ASN ASN A . n 
A 1 20  ARG 20  20  20  ARG ARG A . n 
A 1 21  HIS 21  21  21  HIS HIS A . n 
A 1 22  LEU 22  22  22  LEU LEU A . n 
A 1 23  ALA 23  23  23  ALA ALA A . n 
A 1 24  THR 24  24  24  THR THR A . n 
A 1 25  HIS 25  25  25  HIS HIS A . n 
A 1 26  ASN 26  26  26  ASN ASN A . n 
A 1 27  ASP 27  27  27  ASP ASP A . n 
A 1 28  TRP 28  28  28  TRP TRP A . n 
A 1 29  ALA 29  29  29  ALA ALA A . n 
A 1 30  ASN 30  30  30  ASN ASN A . n 
A 1 31  LEU 31  31  31  LEU LEU A . n 
A 1 32  VAL 32  32  32  VAL VAL A . n 
A 1 33  TRP 33  33  33  TRP TRP A . n 
A 1 34  GLU 34  34  34  GLU GLU A . n 
A 1 35  ASP 35  35  35  ASP ASP A . n 
A 1 36  SER 36  36  36  SER SER A . n 
A 1 37  SER 37  37  37  SER SER A . n 
A 1 38  ARG 38  38  38  ARG ARG A . n 
A 1 39  ASP 39  39  39  ASP ASP A . n 
A 1 40  LEU 40  40  40  LEU LEU A . n 
A 1 41  LEU 41  41  41  LEU LEU A . n 
A 1 42  VAL 42  42  42  VAL VAL A . n 
A 1 43  SER 43  43  43  SER SER A . n 
A 1 44  SER 44  44  44  SER SER A . n 
A 1 45  THR 45  45  45  THR THR A . n 
A 1 46  THR 46  46  46  THR THR A . n 
A 1 47  ALA 47  47  47  ALA ALA A . n 
A 1 48  GLN 48  48  48  GLN GLN A . n 
A 1 49  GLY 49  49  49  GLY GLY A . n 
A 1 50  CYS 50  50  50  CYS CYS A . n 
A 1 51  ASP 51  51  51  ASP ASP A . n 
A 1 52  THR 52  52  52  THR THR A . n 
A 1 53  ILE 53  53  53  ILE ILE A . n 
A 1 54  ALA 54  54  54  ALA ALA A . n 
A 1 55  ARG 55  55  55  ARG ARG A . n 
A 1 56  CYS 56  56  56  CYS CYS A . n 
A 1 57  ASP 57  57  57  ASP ASP A . n 
A 1 58  CYS 58  58  58  CYS CYS A . n 
A 1 59  GLN 59  59  59  GLN GLN A . n 
A 1 60  THR 60  60  60  THR THR A . n 
A 1 61  GLY 61  61  61  GLY GLY A . n 
A 1 62  VAL 62  62  62  VAL VAL A . n 
A 1 63  TYR 63  63  63  TYR TYR A . n 
A 1 64  TYR 64  64  64  TYR TYR A . n 
A 1 65  CYS 65  65  65  CYS CYS A . n 
A 1 66  SER 66  66  66  SER SER A . n 
A 1 67  SER 67  67  67  SER SER A . n 
A 1 68  ARG 68  68  68  ARG ARG A . n 
A 1 69  ARG 69  69  69  ARG ARG A . n 
A 1 70  LYS 70  70  70  LYS LYS A . n 
A 1 71  HIS 71  71  71  HIS HIS A . n 
A 1 72  TYR 72  72  72  TYR TYR A . n 
A 1 73  PRO 73  73  73  PRO PRO A . n 
A 1 74  VAL 74  74  74  VAL VAL A . n 
A 1 75  SER 75  75  75  SER SER A . n 
A 1 76  PHE 76  76  76  PHE PHE A . n 
A 1 77  SER 77  77  77  SER SER A . n 
A 1 78  LYS 78  78  78  LYS LYS A . n 
A 1 79  PRO 79  79  79  PRO PRO A . n 
A 1 80  SER 80  80  80  SER SER A . n 
A 1 81  LEU 81  81  81  LEU LEU A . n 
A 1 82  ILE 82  82  82  ILE ILE A . n 
A 1 83  PHE 83  83  83  PHE PHE A . n 
A 1 84  VAL 84  84  84  VAL VAL A . n 
A 1 85  GLU 85  85  85  GLU GLU A . n 
A 1 86  ALA 86  86  86  ALA ALA A . n 
A 1 87  SER 87  87  87  SER SER A . n 
A 1 88  GLU 88  88  88  GLU GLU A . n 
A 1 89  TYR 89  89  89  TYR TYR A . n 
A 1 90  TYR 90  90  90  TYR TYR A . n 
A 1 91  PRO 91  91  91  PRO PRO A . n 
A 1 92  ALA 92  92  92  ALA ALA A . n 
A 1 93  ARG 93  93  93  ARG ARG A . n 
A 1 94  TYR 94  94  94  TYR TYR A . n 
A 1 95  GLN 95  95  95  GLN GLN A . n 
A 1 96  SER 96  96  96  SER SER A . n 
A 1 97  HIS 97  97  97  HIS HIS A . n 
A 1 98  LEU 98  98  98  LEU LEU A . n 
A 1 99  MET 99  99  99  MET MET A . n 
A 1 100 LEU 100 100 100 LEU LEU A . n 
A 1 101 ALA 101 101 101 ALA ALA A . n 
A 1 102 VAL 102 102 102 VAL VAL A . n 
A 1 103 GLY 103 103 103 GLY GLY A . n 
A 1 104 HIS 104 104 104 HIS HIS A . n 
A 1 105 SER 105 105 105 SER SER A . n 
A 1 106 GLU 106 106 106 GLU GLU A . n 
A 1 107 PRO 107 107 107 PRO PRO A . n 
A 1 108 GLY 108 108 108 GLY GLY A . n 
A 1 109 ASP 109 109 109 ASP ASP A . n 
A 1 110 CYS 110 110 110 CYS CYS A . n 
A 1 111 GLY 111 111 111 GLY GLY A . n 
A 1 112 GLY 112 112 112 GLY GLY A . n 
A 1 113 ILE 113 113 113 ILE ILE A . n 
A 1 114 LEU 114 114 114 LEU LEU A . n 
A 1 115 ARG 115 115 115 ARG ARG A . n 
A 1 116 CYS 116 116 116 CYS CYS A . n 
A 1 117 GLN 117 117 117 GLN GLN A . n 
A 1 118 HIS 118 118 118 HIS HIS A . n 
A 1 119 GLY 119 119 119 GLY GLY A . n 
A 1 120 VAL 120 120 120 VAL VAL A . n 
A 1 121 VAL 121 121 121 VAL VAL A . n 
A 1 122 GLY 122 122 122 GLY GLY A . n 
A 1 123 ILE 123 123 123 ILE ILE A . n 
A 1 124 VAL 124 124 124 VAL VAL A . n 
A 1 125 SER 125 125 125 SER SER A . n 
A 1 126 THR 126 126 126 THR THR A . n 
A 1 127 GLY 127 127 127 GLY GLY A . n 
A 1 128 GLY 128 128 128 GLY GLY A . n 
A 1 129 ASN 129 129 129 ASN ASN A . n 
A 1 130 GLY 130 130 130 GLY GLY A . n 
A 1 131 LEU 131 131 131 LEU LEU A . n 
A 1 132 VAL 132 132 132 VAL VAL A . n 
A 1 133 GLY 133 133 133 GLY GLY A . n 
A 1 134 PHE 134 134 134 PHE PHE A . n 
A 1 135 ALA 135 135 135 ALA ALA A . n 
A 1 136 ASP 136 136 136 ASP ASP A . n 
A 1 137 VAL 137 137 137 VAL VAL A . n 
A 1 138 ARG 138 138 138 ARG ARG A . n 
A 1 139 ASP 139 139 139 ASP ASP A . n 
A 1 140 LEU 140 140 140 LEU LEU A . n 
A 1 141 LEU 141 141 141 LEU LEU A . n 
A 1 142 TRP 142 142 142 TRP TRP A . n 
A 1 143 LEU 143 143 143 LEU LEU A . n 
A 1 144 ASP 144 144 144 ASP ASP A . n 
A 1 145 GLU 145 145 145 GLU GLU A . n 
A 1 146 GLU 146 146 146 GLU GLU A . n 
A 1 147 ALA 147 147 ?   ?   ?   A . n 
A 1 148 MET 148 148 ?   ?   ?   A . n 
A 1 149 GLU 149 149 ?   ?   ?   A . n 
A 1 150 GLN 150 150 ?   ?   ?   A . n 
# 
loop_
_pdbx_nonpoly_scheme.asym_id 
_pdbx_nonpoly_scheme.entity_id 
_pdbx_nonpoly_scheme.mon_id 
_pdbx_nonpoly_scheme.ndb_seq_num 
_pdbx_nonpoly_scheme.pdb_seq_num 
_pdbx_nonpoly_scheme.auth_seq_num 
_pdbx_nonpoly_scheme.pdb_mon_id 
_pdbx_nonpoly_scheme.auth_mon_id 
_pdbx_nonpoly_scheme.pdb_strand_id 
_pdbx_nonpoly_scheme.pdb_ins_code 
B 2 WHD 1   201 147 WHD LIG A . 
C 3 ZN  1   202 1   ZN  ZN  A . 
D 4 DMS 1   203 -1  DMS DMS A . 
E 4 DMS 1   204 0   DMS DMS A . 
F 4 DMS 1   205 1   DMS DMS A . 
G 4 DMS 1   206 3   DMS DMS A . 
H 5 SO4 1   207 1   SO4 SO4 A . 
I 6 HOH 1   301 137 HOH HOH A . 
I 6 HOH 2   302 227 HOH HOH A . 
I 6 HOH 3   303 3   HOH HOH A . 
I 6 HOH 4   304 250 HOH HOH A . 
I 6 HOH 5   305 215 HOH HOH A . 
I 6 HOH 6   306 245 HOH HOH A . 
I 6 HOH 7   307 248 HOH HOH A . 
I 6 HOH 8   308 108 HOH HOH A . 
I 6 HOH 9   309 238 HOH HOH A . 
I 6 HOH 10  310 186 HOH HOH A . 
I 6 HOH 11  311 116 HOH HOH A . 
I 6 HOH 12  312 72  HOH HOH A . 
I 6 HOH 13  313 181 HOH HOH A . 
I 6 HOH 14  314 133 HOH HOH A . 
I 6 HOH 15  315 34  HOH HOH A . 
I 6 HOH 16  316 148 HOH HOH A . 
I 6 HOH 17  317 46  HOH HOH A . 
I 6 HOH 18  318 247 HOH HOH A . 
I 6 HOH 19  319 59  HOH HOH A . 
I 6 HOH 20  320 217 HOH HOH A . 
I 6 HOH 21  321 4   HOH HOH A . 
I 6 HOH 22  322 94  HOH HOH A . 
I 6 HOH 23  323 77  HOH HOH A . 
I 6 HOH 24  324 234 HOH HOH A . 
I 6 HOH 25  325 104 HOH HOH A . 
I 6 HOH 26  326 30  HOH HOH A . 
I 6 HOH 27  327 249 HOH HOH A . 
I 6 HOH 28  328 173 HOH HOH A . 
I 6 HOH 29  329 68  HOH HOH A . 
I 6 HOH 30  330 36  HOH HOH A . 
I 6 HOH 31  331 124 HOH HOH A . 
I 6 HOH 32  332 152 HOH HOH A . 
I 6 HOH 33  333 119 HOH HOH A . 
I 6 HOH 34  334 79  HOH HOH A . 
I 6 HOH 35  335 219 HOH HOH A . 
I 6 HOH 36  336 180 HOH HOH A . 
I 6 HOH 37  337 191 HOH HOH A . 
I 6 HOH 38  338 107 HOH HOH A . 
I 6 HOH 39  339 16  HOH HOH A . 
I 6 HOH 40  340 211 HOH HOH A . 
I 6 HOH 41  341 57  HOH HOH A . 
I 6 HOH 42  342 60  HOH HOH A . 
I 6 HOH 43  343 88  HOH HOH A . 
I 6 HOH 44  344 121 HOH HOH A . 
I 6 HOH 45  345 161 HOH HOH A . 
I 6 HOH 46  346 193 HOH HOH A . 
I 6 HOH 47  347 109 HOH HOH A . 
I 6 HOH 48  348 29  HOH HOH A . 
I 6 HOH 49  349 103 HOH HOH A . 
I 6 HOH 50  350 138 HOH HOH A . 
I 6 HOH 51  351 24  HOH HOH A . 
I 6 HOH 52  352 183 HOH HOH A . 
I 6 HOH 53  353 21  HOH HOH A . 
I 6 HOH 54  354 47  HOH HOH A . 
I 6 HOH 55  355 2   HOH HOH A . 
I 6 HOH 56  356 13  HOH HOH A . 
I 6 HOH 57  357 37  HOH HOH A . 
I 6 HOH 58  358 182 HOH HOH A . 
I 6 HOH 59  359 81  HOH HOH A . 
I 6 HOH 60  360 111 HOH HOH A . 
I 6 HOH 61  361 97  HOH HOH A . 
I 6 HOH 62  362 205 HOH HOH A . 
I 6 HOH 63  363 53  HOH HOH A . 
I 6 HOH 64  364 52  HOH HOH A . 
I 6 HOH 65  365 33  HOH HOH A . 
I 6 HOH 66  366 71  HOH HOH A . 
I 6 HOH 67  367 179 HOH HOH A . 
I 6 HOH 68  368 178 HOH HOH A . 
I 6 HOH 69  369 67  HOH HOH A . 
I 6 HOH 70  370 147 HOH HOH A . 
I 6 HOH 71  371 50  HOH HOH A . 
I 6 HOH 72  372 168 HOH HOH A . 
I 6 HOH 73  373 84  HOH HOH A . 
I 6 HOH 74  374 7   HOH HOH A . 
I 6 HOH 75  375 167 HOH HOH A . 
I 6 HOH 76  376 39  HOH HOH A . 
I 6 HOH 77  377 195 HOH HOH A . 
I 6 HOH 78  378 70  HOH HOH A . 
I 6 HOH 79  379 43  HOH HOH A . 
I 6 HOH 80  380 35  HOH HOH A . 
I 6 HOH 81  381 216 HOH HOH A . 
I 6 HOH 82  382 28  HOH HOH A . 
I 6 HOH 83  383 19  HOH HOH A . 
I 6 HOH 84  384 90  HOH HOH A . 
I 6 HOH 85  385 78  HOH HOH A . 
I 6 HOH 86  386 82  HOH HOH A . 
I 6 HOH 87  387 42  HOH HOH A . 
I 6 HOH 88  388 45  HOH HOH A . 
I 6 HOH 89  389 25  HOH HOH A . 
I 6 HOH 90  390 12  HOH HOH A . 
I 6 HOH 91  391 210 HOH HOH A . 
I 6 HOH 92  392 91  HOH HOH A . 
I 6 HOH 93  393 27  HOH HOH A . 
I 6 HOH 94  394 113 HOH HOH A . 
I 6 HOH 95  395 49  HOH HOH A . 
I 6 HOH 96  396 63  HOH HOH A . 
I 6 HOH 97  397 15  HOH HOH A . 
I 6 HOH 98  398 26  HOH HOH A . 
I 6 HOH 99  399 62  HOH HOH A . 
I 6 HOH 100 400 144 HOH HOH A . 
I 6 HOH 101 401 48  HOH HOH A . 
I 6 HOH 102 402 9   HOH HOH A . 
I 6 HOH 103 403 110 HOH HOH A . 
I 6 HOH 104 404 55  HOH HOH A . 
I 6 HOH 105 405 14  HOH HOH A . 
I 6 HOH 106 406 169 HOH HOH A . 
I 6 HOH 107 407 8   HOH HOH A . 
I 6 HOH 108 408 106 HOH HOH A . 
I 6 HOH 109 409 177 HOH HOH A . 
I 6 HOH 110 410 95  HOH HOH A . 
I 6 HOH 111 411 96  HOH HOH A . 
I 6 HOH 112 412 17  HOH HOH A . 
I 6 HOH 113 413 54  HOH HOH A . 
I 6 HOH 114 414 100 HOH HOH A . 
I 6 HOH 115 415 66  HOH HOH A . 
I 6 HOH 116 416 141 HOH HOH A . 
I 6 HOH 117 417 41  HOH HOH A . 
I 6 HOH 118 418 174 HOH HOH A . 
I 6 HOH 119 419 105 HOH HOH A . 
I 6 HOH 120 420 18  HOH HOH A . 
I 6 HOH 121 421 204 HOH HOH A . 
I 6 HOH 122 422 40  HOH HOH A . 
I 6 HOH 123 423 20  HOH HOH A . 
I 6 HOH 124 424 155 HOH HOH A . 
I 6 HOH 125 425 198 HOH HOH A . 
I 6 HOH 126 426 192 HOH HOH A . 
I 6 HOH 127 427 170 HOH HOH A . 
I 6 HOH 128 428 11  HOH HOH A . 
I 6 HOH 129 429 112 HOH HOH A . 
I 6 HOH 130 430 212 HOH HOH A . 
I 6 HOH 131 431 120 HOH HOH A . 
I 6 HOH 132 432 220 HOH HOH A . 
I 6 HOH 133 433 102 HOH HOH A . 
I 6 HOH 134 434 93  HOH HOH A . 
I 6 HOH 135 435 5   HOH HOH A . 
I 6 HOH 136 436 80  HOH HOH A . 
I 6 HOH 137 437 146 HOH HOH A . 
I 6 HOH 138 438 126 HOH HOH A . 
I 6 HOH 139 439 176 HOH HOH A . 
I 6 HOH 140 440 38  HOH HOH A . 
I 6 HOH 141 441 214 HOH HOH A . 
I 6 HOH 142 442 64  HOH HOH A . 
I 6 HOH 143 443 31  HOH HOH A . 
I 6 HOH 144 444 246 HOH HOH A . 
I 6 HOH 145 445 69  HOH HOH A . 
I 6 HOH 146 446 203 HOH HOH A . 
I 6 HOH 147 447 51  HOH HOH A . 
I 6 HOH 148 448 156 HOH HOH A . 
I 6 HOH 149 449 58  HOH HOH A . 
I 6 HOH 150 450 76  HOH HOH A . 
I 6 HOH 151 451 23  HOH HOH A . 
I 6 HOH 152 452 89  HOH HOH A . 
I 6 HOH 153 453 10  HOH HOH A . 
I 6 HOH 154 454 118 HOH HOH A . 
I 6 HOH 155 455 135 HOH HOH A . 
I 6 HOH 156 456 237 HOH HOH A . 
I 6 HOH 157 457 123 HOH HOH A . 
I 6 HOH 158 458 218 HOH HOH A . 
I 6 HOH 159 459 6   HOH HOH A . 
I 6 HOH 160 460 132 HOH HOH A . 
I 6 HOH 161 461 136 HOH HOH A . 
I 6 HOH 162 462 171 HOH HOH A . 
I 6 HOH 163 463 224 HOH HOH A . 
I 6 HOH 164 464 61  HOH HOH A . 
I 6 HOH 165 465 101 HOH HOH A . 
I 6 HOH 166 466 230 HOH HOH A . 
I 6 HOH 167 467 128 HOH HOH A . 
I 6 HOH 168 468 200 HOH HOH A . 
I 6 HOH 169 469 197 HOH HOH A . 
I 6 HOH 170 470 74  HOH HOH A . 
I 6 HOH 171 471 159 HOH HOH A . 
I 6 HOH 172 472 213 HOH HOH A . 
I 6 HOH 173 473 117 HOH HOH A . 
I 6 HOH 174 474 22  HOH HOH A . 
I 6 HOH 175 475 154 HOH HOH A . 
I 6 HOH 176 476 98  HOH HOH A . 
I 6 HOH 177 477 157 HOH HOH A . 
I 6 HOH 178 478 233 HOH HOH A . 
I 6 HOH 179 479 158 HOH HOH A . 
I 6 HOH 180 480 87  HOH HOH A . 
I 6 HOH 181 481 231 HOH HOH A . 
I 6 HOH 182 482 175 HOH HOH A . 
I 6 HOH 183 483 65  HOH HOH A . 
I 6 HOH 184 484 232 HOH HOH A . 
I 6 HOH 185 485 226 HOH HOH A . 
I 6 HOH 186 486 99  HOH HOH A . 
I 6 HOH 187 487 207 HOH HOH A . 
I 6 HOH 188 488 225 HOH HOH A . 
I 6 HOH 189 489 228 HOH HOH A . 
I 6 HOH 190 490 151 HOH HOH A . 
I 6 HOH 191 491 201 HOH HOH A . 
I 6 HOH 192 492 162 HOH HOH A . 
I 6 HOH 193 493 134 HOH HOH A . 
I 6 HOH 194 494 239 HOH HOH A . 
I 6 HOH 195 495 83  HOH HOH A . 
I 6 HOH 196 496 190 HOH HOH A . 
I 6 HOH 197 497 127 HOH HOH A . 
I 6 HOH 198 498 240 HOH HOH A . 
I 6 HOH 199 499 140 HOH HOH A . 
I 6 HOH 200 500 172 HOH HOH A . 
I 6 HOH 201 501 86  HOH HOH A . 
I 6 HOH 202 502 163 HOH HOH A . 
I 6 HOH 203 503 189 HOH HOH A . 
I 6 HOH 204 504 223 HOH HOH A . 
I 6 HOH 205 505 229 HOH HOH A . 
I 6 HOH 206 506 122 HOH HOH A . 
I 6 HOH 207 507 85  HOH HOH A . 
I 6 HOH 208 508 209 HOH HOH A . 
I 6 HOH 209 509 32  HOH HOH A . 
I 6 HOH 210 510 185 HOH HOH A . 
I 6 HOH 211 511 202 HOH HOH A . 
I 6 HOH 212 512 73  HOH HOH A . 
I 6 HOH 213 513 114 HOH HOH A . 
I 6 HOH 214 514 221 HOH HOH A . 
I 6 HOH 215 515 199 HOH HOH A . 
I 6 HOH 216 516 187 HOH HOH A . 
I 6 HOH 217 517 236 HOH HOH A . 
I 6 HOH 218 518 56  HOH HOH A . 
I 6 HOH 219 519 129 HOH HOH A . 
I 6 HOH 220 520 165 HOH HOH A . 
I 6 HOH 221 521 235 HOH HOH A . 
I 6 HOH 222 522 208 HOH HOH A . 
I 6 HOH 223 523 75  HOH HOH A . 
I 6 HOH 224 524 142 HOH HOH A . 
I 6 HOH 225 525 241 HOH HOH A . 
I 6 HOH 226 526 153 HOH HOH A . 
I 6 HOH 227 527 206 HOH HOH A . 
I 6 HOH 228 528 222 HOH HOH A . 
I 6 HOH 229 529 92  HOH HOH A . 
I 6 HOH 230 530 243 HOH HOH A . 
I 6 HOH 231 531 125 HOH HOH A . 
I 6 HOH 232 532 242 HOH HOH A . 
I 6 HOH 233 533 160 HOH HOH A . 
I 6 HOH 234 534 164 HOH HOH A . 
I 6 HOH 235 535 244 HOH HOH A . 
# 
loop_
_software.classification 
_software.name 
_software.version 
_software.citation_id 
_software.pdbx_ordinal 
refinement       REFMAC  5.8.0267 ? 1 
refinement       REFMAC5 .        ? 2 
'data scaling'   Aimless .        ? 3 
phasing          PHASER  .        ? 4 
'data reduction' XDS     .        ? 5 
# 
_cell.entry_id           7H42 
_cell.length_a           86.611 
_cell.length_b           56.422 
_cell.length_c           32.444 
_cell.angle_alpha        90.00 
_cell.angle_beta         95.39 
_cell.angle_gamma        90.00 
_cell.Z_PDB              4 
_cell.pdbx_unique_axis   ? 
# 
_symmetry.entry_id                         7H42 
_symmetry.space_group_name_H-M             'C 1 2 1' 
_symmetry.pdbx_full_space_group_name_H-M   ? 
_symmetry.cell_setting                     ? 
_symmetry.Int_Tables_number                5 
# 
_exptl.entry_id          7H42 
_exptl.method            'X-RAY DIFFRACTION' 
_exptl.crystals_number   1 
# 
_exptl_crystal.id                    1 
_exptl_crystal.density_meas          ? 
_exptl_crystal.density_Matthews      2.39 
_exptl_crystal.density_percent_sol   48.59 
_exptl_crystal.description           ? 
# 
_exptl_crystal_grow.crystal_id      1 
_exptl_crystal_grow.method          'VAPOR DIFFUSION, SITTING DROP' 
_exptl_crystal_grow.pH              6.05 
_exptl_crystal_grow.temp            293.15 
_exptl_crystal_grow.pdbx_details    '0.1 M MES, pH 6.05, 16 % PEG 20,000' 
_exptl_crystal_grow.temp_details    ? 
_exptl_crystal_grow.pdbx_pH_range   ? 
# 
_diffrn.id                     1 
_diffrn.ambient_temp           100 
_diffrn.crystal_id             1 
_diffrn.ambient_temp_details   ? 
# 
_diffrn_detector.detector               PIXEL 
_diffrn_detector.type                   'DECTRIS EIGER2 XE 16M' 
_diffrn_detector.pdbx_collection_date   2023-10-11 
_diffrn_detector.diffrn_id              1 
_diffrn_detector.details                ? 
# 
_diffrn_radiation.diffrn_id                        1 
_diffrn_radiation.wavelength_id                    1 
_diffrn_radiation.pdbx_diffrn_protocol             'SINGLE WAVELENGTH' 
_diffrn_radiation.pdbx_monochromatic_or_laue_m_l   ? 
_diffrn_radiation.monochromator                    ? 
_diffrn_radiation.pdbx_scattering_type             x-ray 
# 
_diffrn_radiation_wavelength.id           1 
_diffrn_radiation_wavelength.wavelength   0.94055 
_diffrn_radiation_wavelength.wt           1.0 
# 
_diffrn_source.diffrn_id                   1 
_diffrn_source.source                      SYNCHROTRON 
_diffrn_source.type                        'DIAMOND BEAMLINE I03' 
_diffrn_source.pdbx_wavelength_list        0.94055 
_diffrn_source.pdbx_synchrotron_site       Diamond 
_diffrn_source.pdbx_synchrotron_beamline   I03 
_diffrn_source.pdbx_wavelength             ? 
# 
_reflns.entry_id                     7H42 
_reflns.pdbx_diffrn_id               1 
_reflns.pdbx_ordinal                 1 
_reflns.d_resolution_low             47.24 
_reflns.d_resolution_high            1.24 
_reflns.number_obs                   43644 
_reflns.percent_possible_obs         99.0 
_reflns.pdbx_Rmerge_I_obs            0.145 
_reflns.pdbx_netI_over_sigmaI        13.1 
_reflns.pdbx_redundancy              6.9 
_reflns.pdbx_Rrim_I_all              0.158 
_reflns.pdbx_Rpim_I_all              0.060 
_reflns.pdbx_CC_half                 0.986 
_reflns.pdbx_number_measured_all     299827 
_reflns.pdbx_chi_squared             0.83 
_reflns.observed_criterion_sigma_I   ? 
_reflns.observed_criterion_sigma_F   ? 
_reflns.number_all                   ? 
_reflns.pdbx_Rsym_value              ? 
_reflns.B_iso_Wilson_estimate        ? 
# 
_reflns_shell.pdbx_diffrn_id              1 
_reflns_shell.pdbx_ordinal                1 
_reflns_shell.d_res_high                  1.24 
_reflns_shell.d_res_low                   1.26 
_reflns_shell.number_measured_all         15824 
_reflns_shell.number_unique_obs           2285 
_reflns_shell.Rmerge_I_obs                4.276 
_reflns_shell.pdbx_chi_squared            0.37 
_reflns_shell.pdbx_redundancy             6.9 
_reflns_shell.percent_possible_obs        97.8 
_reflns_shell.pdbx_netI_over_sigmaI_obs   0.9 
_reflns_shell.pdbx_Rrim_I_all             4.623 
_reflns_shell.pdbx_Rpim_I_all             1.738 
_reflns_shell.pdbx_CC_half                0.375 
_reflns_shell.percent_possible_all        ? 
_reflns_shell.pdbx_Rsym_value             ? 
_reflns_shell.meanI_over_sigI_obs         ? 
# 
_refine.pdbx_refine_id                           'X-RAY DIFFRACTION' 
_refine.entry_id                                 7H42 
_refine.pdbx_diffrn_id                           1 
_refine.pdbx_TLS_residual_ADP_flag               ? 
_refine.ls_number_reflns_obs                     41461 
_refine.ls_number_reflns_all                     ? 
_refine.pdbx_ls_sigma_I                          ? 
_refine.pdbx_ls_sigma_F                          ? 
_refine.pdbx_data_cutoff_high_absF               ? 
_refine.pdbx_data_cutoff_low_absF                ? 
_refine.pdbx_data_cutoff_high_rms_absF           ? 
_refine.ls_d_res_low                             47.21 
_refine.ls_d_res_high                            1.24 
_refine.ls_percent_reflns_obs                    98.82 
_refine.ls_R_factor_obs                          0.17392 
_refine.ls_R_factor_all                          ? 
_refine.ls_R_factor_R_work                       0.17317 
_refine.ls_R_factor_R_free                       0.18770 
_refine.ls_R_factor_R_free_error                 ? 
_refine.ls_R_factor_R_free_error_details         ? 
_refine.ls_percent_reflns_R_free                 4.9 
_refine.ls_number_reflns_R_free                  2153 
_refine.ls_number_parameters                     ? 
_refine.ls_number_restraints                     ? 
_refine.occupancy_min                            ? 
_refine.occupancy_max                            ? 
_refine.correlation_coeff_Fo_to_Fc               0.973 
_refine.correlation_coeff_Fo_to_Fc_free          0.969 
_refine.B_iso_mean                               16.945 
_refine.aniso_B[1][1]                            -0.07 
_refine.aniso_B[2][2]                            0.30 
_refine.aniso_B[3][3]                            -0.19 
_refine.aniso_B[1][2]                            -0.00 
_refine.aniso_B[1][3]                            -0.22 
_refine.aniso_B[2][3]                            0.00 
_refine.solvent_model_details                    MASK 
_refine.solvent_model_param_ksol                 ? 
_refine.solvent_model_param_bsol                 ? 
_refine.pdbx_solvent_vdw_probe_radii             1.20 
_refine.pdbx_solvent_ion_probe_radii             0.80 
_refine.pdbx_solvent_shrinkage_radii             0.80 
_refine.pdbx_ls_cross_valid_method               THROUGHOUT 
_refine.details                                  'HYDROGENS HAVE BEEN ADDED IN THE RIDING POSITIONS' 
_refine.pdbx_starting_model                      ? 
_refine.pdbx_method_to_determine_struct          'MOLECULAR REPLACEMENT' 
_refine.pdbx_isotropic_thermal_model             ? 
_refine.pdbx_stereochemistry_target_values       'MAXIMUM LIKELIHOOD' 
_refine.pdbx_stereochem_target_val_spec_case     ? 
_refine.pdbx_R_Free_selection_details            RANDOM 
_refine.pdbx_overall_ESU_R                       0.044 
_refine.pdbx_overall_ESU_R_Free                  0.044 
_refine.overall_SU_ML                            ? 
_refine.pdbx_overall_phase_error                 ? 
_refine.overall_SU_B                             ? 
_refine.overall_SU_R_Cruickshank_DPI             ? 
_refine.pdbx_overall_SU_R_free_Cruickshank_DPI   ? 
_refine.pdbx_overall_SU_R_Blow_DPI               ? 
_refine.pdbx_overall_SU_R_free_Blow_DPI          ? 
# 
_refine_hist.pdbx_refine_id                   'X-RAY DIFFRACTION' 
_refine_hist.cycle_id                         1 
_refine_hist.pdbx_number_atoms_protein        1083 
_refine_hist.pdbx_number_atoms_nucleic_acid   0 
_refine_hist.pdbx_number_atoms_ligand         40 
_refine_hist.number_atoms_solvent             235 
_refine_hist.number_atoms_total               1358 
_refine_hist.d_res_high                       1.24 
_refine_hist.d_res_low                        47.21 
# 
loop_
_refine_ls_restr.type 
_refine_ls_restr.dev_ideal 
_refine_ls_restr.dev_ideal_target 
_refine_ls_restr.weight 
_refine_ls_restr.number 
_refine_ls_restr.pdbx_refine_id 
_refine_ls_restr.pdbx_restraint_function 
r_bond_refined_d             0.014  0.013  ? 1303 'X-RAY DIFFRACTION' ? 
r_bond_other_d               0.036  0.014  ? 1100 'X-RAY DIFFRACTION' ? 
r_angle_refined_deg          1.828  1.605  ? 1688 'X-RAY DIFFRACTION' ? 
r_angle_other_deg            2.506  1.611  ? 2495 'X-RAY DIFFRACTION' ? 
r_dihedral_angle_1_deg       6.615  5.000  ? 157  'X-RAY DIFFRACTION' ? 
r_dihedral_angle_2_deg       33.000 21.385 ? 65   'X-RAY DIFFRACTION' ? 
r_dihedral_angle_3_deg       12.005 15.000 ? 175  'X-RAY DIFFRACTION' ? 
r_dihedral_angle_4_deg       23.650 15.000 ? 9    'X-RAY DIFFRACTION' ? 
r_chiral_restr               0.091  0.200  ? 146  'X-RAY DIFFRACTION' ? 
r_gen_planes_refined         0.012  0.020  ? 1609 'X-RAY DIFFRACTION' ? 
r_gen_planes_other           0.020  0.020  ? 309  'X-RAY DIFFRACTION' ? 
r_nbd_refined                ?      ?      ? ?    'X-RAY DIFFRACTION' ? 
r_nbd_other                  ?      ?      ? ?    'X-RAY DIFFRACTION' ? 
r_nbtor_refined              ?      ?      ? ?    'X-RAY DIFFRACTION' ? 
r_nbtor_other                ?      ?      ? ?    'X-RAY DIFFRACTION' ? 
r_xyhbond_nbd_refined        ?      ?      ? ?    'X-RAY DIFFRACTION' ? 
r_xyhbond_nbd_other          ?      ?      ? ?    'X-RAY DIFFRACTION' ? 
r_metal_ion_refined          ?      ?      ? ?    'X-RAY DIFFRACTION' ? 
r_metal_ion_other            ?      ?      ? ?    'X-RAY DIFFRACTION' ? 
r_symmetry_vdw_refined       ?      ?      ? ?    'X-RAY DIFFRACTION' ? 
r_symmetry_vdw_other         ?      ?      ? ?    'X-RAY DIFFRACTION' ? 
r_symmetry_hbond_refined     ?      ?      ? ?    'X-RAY DIFFRACTION' ? 
r_symmetry_hbond_other       ?      ?      ? ?    'X-RAY DIFFRACTION' ? 
r_symmetry_metal_ion_refined ?      ?      ? ?    'X-RAY DIFFRACTION' ? 
r_symmetry_metal_ion_other   ?      ?      ? ?    'X-RAY DIFFRACTION' ? 
r_mcbond_it                  1.290  1.495  ? 634  'X-RAY DIFFRACTION' ? 
r_mcbond_other               1.294  1.474  ? 630  'X-RAY DIFFRACTION' ? 
r_mcangle_it                 1.872  2.203  ? 769  'X-RAY DIFFRACTION' ? 
r_mcangle_other              1.871  2.204  ? 770  'X-RAY DIFFRACTION' ? 
r_scbond_it                  2.351  1.806  ? 665  'X-RAY DIFFRACTION' ? 
r_scbond_other               2.350  1.811  ? 666  'X-RAY DIFFRACTION' ? 
r_scangle_it                 ?      ?      ? ?    'X-RAY DIFFRACTION' ? 
r_scangle_other              3.299  2.577  ? 914  'X-RAY DIFFRACTION' ? 
r_long_range_B_refined       6.049  20.555 ? 1459 'X-RAY DIFFRACTION' ? 
r_long_range_B_other         6.047  20.596 ? 1460 'X-RAY DIFFRACTION' ? 
r_rigid_bond_restr           ?      ?      ? ?    'X-RAY DIFFRACTION' ? 
r_sphericity_free            ?      ?      ? ?    'X-RAY DIFFRACTION' ? 
r_sphericity_bonded          ?      ?      ? ?    'X-RAY DIFFRACTION' ? 
# 
_refine_ls_shell.pdbx_refine_id                   'X-RAY DIFFRACTION' 
_refine_ls_shell.pdbx_total_number_of_bins_used   20 
_refine_ls_shell.d_res_high                       1.240 
_refine_ls_shell.d_res_low                        1.272 
_refine_ls_shell.number_reflns_R_work             3017 
_refine_ls_shell.R_factor_R_work                  0.315 
_refine_ls_shell.percent_reflns_obs               98.05 
_refine_ls_shell.R_factor_R_free                  0.283 
_refine_ls_shell.R_factor_R_free_error            ? 
_refine_ls_shell.percent_reflns_R_free            ? 
_refine_ls_shell.number_reflns_R_free             157 
_refine_ls_shell.number_reflns_all                ? 
_refine_ls_shell.R_factor_all                     ? 
# 
_struct.entry_id                  7H42 
_struct.title                     
;Group deposition for crystallographic fragment screening of Coxsackievirus A16 (G-10) 2A protease -- Crystal structure of Coxsackievirus A16 (G-10) 2A protease in complex with Z124039706 (A71EV2A-x0540)
;
_struct.pdbx_model_details        ? 
_struct.pdbx_CASP_flag            ? 
_struct.pdbx_model_type_details   ? 
# 
_struct_keywords.entry_id        7H42 
_struct_keywords.pdbx_keywords   HYDROLASE 
_struct_keywords.text            
;Diamond Light Source, I03, ASAP, Coxsackievirus A16, crystallographic fragment screening, PanDDA, Pandda2, XChemExplorer, viral protein, HYDROLASE
;
# 
loop_
_struct_asym.id 
_struct_asym.pdbx_blank_PDB_chainid_flag 
_struct_asym.pdbx_modified 
_struct_asym.entity_id 
_struct_asym.details 
A N N 1 ? 
B N N 2 ? 
C N N 3 ? 
D N N 4 ? 
E N N 4 ? 
F N N 4 ? 
G N N 4 ? 
H N N 5 ? 
I N N 6 ? 
# 
_struct_ref.id                         1 
_struct_ref.db_name                    UNP 
_struct_ref.db_code                    POLG_CX16G 
_struct_ref.pdbx_db_accession          Q65900 
_struct_ref.pdbx_db_isoform            ? 
_struct_ref.entity_id                  1 
_struct_ref.pdbx_seq_one_letter_code   
;SGAIYVGNYRVVNRHLATHNDWANLVWEDSSRDLLVSSTTAQGCDTIARCDCQTGVYYCSSRRKHYPVSFSKPSLIFVEA
SEYYPARYQSHLMLAVGHSEPGDCGGILRCQHGVVGIVSTGGNGLVGFADVRDLLWLDEEAMEQ
;
_struct_ref.pdbx_align_begin           869 
# 
_struct_ref_seq.align_id                      1 
_struct_ref_seq.ref_id                        1 
_struct_ref_seq.pdbx_PDB_id_code              7H42 
_struct_ref_seq.pdbx_strand_id                A 
_struct_ref_seq.seq_align_beg                 7 
_struct_ref_seq.pdbx_seq_align_beg_ins_code   ? 
_struct_ref_seq.seq_align_end                 150 
_struct_ref_seq.pdbx_seq_align_end_ins_code   ? 
_struct_ref_seq.pdbx_db_accession             Q65900 
_struct_ref_seq.db_align_beg                  869 
_struct_ref_seq.pdbx_db_align_beg_ins_code    ? 
_struct_ref_seq.db_align_end                  1012 
_struct_ref_seq.pdbx_db_align_end_ins_code    ? 
_struct_ref_seq.pdbx_auth_seq_align_beg       7 
_struct_ref_seq.pdbx_auth_seq_align_end       150 
# 
loop_
_struct_ref_seq_dif.align_id 
_struct_ref_seq_dif.pdbx_pdb_id_code 
_struct_ref_seq_dif.mon_id 
_struct_ref_seq_dif.pdbx_pdb_strand_id 
_struct_ref_seq_dif.seq_num 
_struct_ref_seq_dif.pdbx_pdb_ins_code 
_struct_ref_seq_dif.pdbx_seq_db_name 
_struct_ref_seq_dif.pdbx_seq_db_accession_code 
_struct_ref_seq_dif.db_mon_id 
_struct_ref_seq_dif.pdbx_seq_db_seq_num 
_struct_ref_seq_dif.details 
_struct_ref_seq_dif.pdbx_auth_seq_num 
_struct_ref_seq_dif.pdbx_ordinal 
1 7H42 GLN A 1 ? UNP Q65900 ? ? 'expression tag' 1 1 
1 7H42 GLU A 2 ? UNP Q65900 ? ? 'expression tag' 2 2 
1 7H42 GLN A 3 ? UNP Q65900 ? ? 'expression tag' 3 3 
1 7H42 THR A 4 ? UNP Q65900 ? ? 'expression tag' 4 4 
1 7H42 GLY A 5 ? UNP Q65900 ? ? 'expression tag' 5 5 
1 7H42 GLY A 6 ? UNP Q65900 ? ? 'expression tag' 6 6 
# 
_pdbx_struct_assembly.id                   1 
_pdbx_struct_assembly.details              author_and_software_defined_assembly 
_pdbx_struct_assembly.method_details       PISA 
_pdbx_struct_assembly.oligomeric_details   monomeric 
_pdbx_struct_assembly.oligomeric_count     1 
# 
loop_
_pdbx_struct_assembly_prop.biol_id 
_pdbx_struct_assembly_prop.type 
_pdbx_struct_assembly_prop.value 
_pdbx_struct_assembly_prop.details 
1 'ABSA (A^2)' 680  ? 
1 MORE         -6   ? 
1 'SSA (A^2)'  7510 ? 
# 
_pdbx_struct_assembly_gen.assembly_id       1 
_pdbx_struct_assembly_gen.oper_expression   1 
_pdbx_struct_assembly_gen.asym_id_list      A,B,C,D,E,F,G,H,I 
# 
_pdbx_struct_oper_list.id                   1 
_pdbx_struct_oper_list.type                 'identity operation' 
_pdbx_struct_oper_list.name                 1_555 
_pdbx_struct_oper_list.symmetry_operation   x,y,z 
_pdbx_struct_oper_list.matrix[1][1]         1.0000000000 
_pdbx_struct_oper_list.matrix[1][2]         0.0000000000 
_pdbx_struct_oper_list.matrix[1][3]         0.0000000000 
_pdbx_struct_oper_list.vector[1]            0.0000000000 
_pdbx_struct_oper_list.matrix[2][1]         0.0000000000 
_pdbx_struct_oper_list.matrix[2][2]         1.0000000000 
_pdbx_struct_oper_list.matrix[2][3]         0.0000000000 
_pdbx_struct_oper_list.vector[2]            0.0000000000 
_pdbx_struct_oper_list.matrix[3][1]         0.0000000000 
_pdbx_struct_oper_list.matrix[3][2]         0.0000000000 
_pdbx_struct_oper_list.matrix[3][3]         1.0000000000 
_pdbx_struct_oper_list.vector[3]            0.0000000000 
# 
loop_
_struct_conf.conf_type_id 
_struct_conf.id 
_struct_conf.pdbx_PDB_helix_id 
_struct_conf.beg_label_comp_id 
_struct_conf.beg_label_asym_id 
_struct_conf.beg_label_seq_id 
_struct_conf.pdbx_beg_PDB_ins_code 
_struct_conf.end_label_comp_id 
_struct_conf.end_label_asym_id 
_struct_conf.end_label_seq_id 
_struct_conf.pdbx_end_PDB_ins_code 
_struct_conf.beg_auth_comp_id 
_struct_conf.beg_auth_asym_id 
_struct_conf.beg_auth_seq_id 
_struct_conf.end_auth_comp_id 
_struct_conf.end_auth_asym_id 
_struct_conf.end_auth_seq_id 
_struct_conf.pdbx_PDB_helix_class 
_struct_conf.details 
_struct_conf.pdbx_PDB_helix_length 
HELX_P HELX_P1 AA1 HIS A 21  ? ALA A 23  ? HIS A 21  ALA A 23  5 ? 3 
HELX_P HELX_P2 AA2 THR A 24  ? ASN A 30  ? THR A 24  ASN A 30  1 ? 7 
HELX_P HELX_P3 AA3 SER A 36  ? ARG A 38  ? SER A 36  ARG A 38  5 ? 3 
HELX_P HELX_P4 AA4 SER A 66  ? ARG A 69  ? SER A 66  ARG A 69  5 ? 4 
HELX_P HELX_P5 AA5 GLU A 106 ? CYS A 110 ? GLU A 106 CYS A 110 5 ? 5 
HELX_P HELX_P6 AA6 LEU A 140 ? GLU A 145 ? LEU A 140 GLU A 145 5 ? 6 
# 
_struct_conf_type.id          HELX_P 
_struct_conf_type.criteria    ? 
_struct_conf_type.reference   ? 
# 
loop_
_struct_conn.id 
_struct_conn.conn_type_id 
_struct_conn.pdbx_leaving_atom_flag 
_struct_conn.pdbx_PDB_id 
_struct_conn.ptnr1_label_asym_id 
_struct_conn.ptnr1_label_comp_id 
_struct_conn.ptnr1_label_seq_id 
_struct_conn.ptnr1_label_atom_id 
_struct_conn.pdbx_ptnr1_label_alt_id 
_struct_conn.pdbx_ptnr1_PDB_ins_code 
_struct_conn.pdbx_ptnr1_standard_comp_id 
_struct_conn.ptnr1_symmetry 
_struct_conn.ptnr2_label_asym_id 
_struct_conn.ptnr2_label_comp_id 
_struct_conn.ptnr2_label_seq_id 
_struct_conn.ptnr2_label_atom_id 
_struct_conn.pdbx_ptnr2_label_alt_id 
_struct_conn.pdbx_ptnr2_PDB_ins_code 
_struct_conn.ptnr1_auth_asym_id 
_struct_conn.ptnr1_auth_comp_id 
_struct_conn.ptnr1_auth_seq_id 
_struct_conn.ptnr2_auth_asym_id 
_struct_conn.ptnr2_auth_comp_id 
_struct_conn.ptnr2_auth_seq_id 
_struct_conn.ptnr2_symmetry 
_struct_conn.pdbx_ptnr3_label_atom_id 
_struct_conn.pdbx_ptnr3_label_seq_id 
_struct_conn.pdbx_ptnr3_label_comp_id 
_struct_conn.pdbx_ptnr3_label_asym_id 
_struct_conn.pdbx_ptnr3_label_alt_id 
_struct_conn.pdbx_ptnr3_PDB_ins_code 
_struct_conn.details 
_struct_conn.pdbx_dist_value 
_struct_conn.pdbx_value_order 
_struct_conn.pdbx_role 
metalc1 metalc ? ? A CYS 56  SG  ? ? ? 1_555 C ZN . ZN ? ? A CYS 56  A ZN 202 1_555 ? ? ? ? ? ? ? 2.341 ? ? 
metalc2 metalc ? ? A CYS 58  SG  ? ? ? 1_555 C ZN . ZN ? ? A CYS 58  A ZN 202 1_555 ? ? ? ? ? ? ? 2.320 ? ? 
metalc3 metalc ? ? A CYS 116 SG  ? ? ? 1_555 C ZN . ZN ? ? A CYS 116 A ZN 202 1_555 ? ? ? ? ? ? ? 2.290 ? ? 
metalc4 metalc ? ? A HIS 118 ND1 ? ? ? 1_555 C ZN . ZN ? ? A HIS 118 A ZN 202 1_555 ? ? ? ? ? ? ? 2.018 ? ? 
# 
_struct_conn_type.id          metalc 
_struct_conn_type.criteria    ? 
_struct_conn_type.reference   ? 
# 
loop_
_pdbx_struct_conn_angle.id 
_pdbx_struct_conn_angle.ptnr1_label_atom_id 
_pdbx_struct_conn_angle.ptnr1_label_alt_id 
_pdbx_struct_conn_angle.ptnr1_label_asym_id 
_pdbx_struct_conn_angle.ptnr1_label_comp_id 
_pdbx_struct_conn_angle.ptnr1_label_seq_id 
_pdbx_struct_conn_angle.ptnr1_auth_atom_id 
_pdbx_struct_conn_angle.ptnr1_auth_asym_id 
_pdbx_struct_conn_angle.ptnr1_auth_comp_id 
_pdbx_struct_conn_angle.ptnr1_auth_seq_id 
_pdbx_struct_conn_angle.ptnr1_PDB_ins_code 
_pdbx_struct_conn_angle.ptnr1_symmetry 
_pdbx_struct_conn_angle.ptnr2_label_atom_id 
_pdbx_struct_conn_angle.ptnr2_label_alt_id 
_pdbx_struct_conn_angle.ptnr2_label_asym_id 
_pdbx_struct_conn_angle.ptnr2_label_comp_id 
_pdbx_struct_conn_angle.ptnr2_label_seq_id 
_pdbx_struct_conn_angle.ptnr2_auth_atom_id 
_pdbx_struct_conn_angle.ptnr2_auth_asym_id 
_pdbx_struct_conn_angle.ptnr2_auth_comp_id 
_pdbx_struct_conn_angle.ptnr2_auth_seq_id 
_pdbx_struct_conn_angle.ptnr2_PDB_ins_code 
_pdbx_struct_conn_angle.ptnr2_symmetry 
_pdbx_struct_conn_angle.ptnr3_label_atom_id 
_pdbx_struct_conn_angle.ptnr3_label_alt_id 
_pdbx_struct_conn_angle.ptnr3_label_asym_id 
_pdbx_struct_conn_angle.ptnr3_label_comp_id 
_pdbx_struct_conn_angle.ptnr3_label_seq_id 
_pdbx_struct_conn_angle.ptnr3_auth_atom_id 
_pdbx_struct_conn_angle.ptnr3_auth_asym_id 
_pdbx_struct_conn_angle.ptnr3_auth_comp_id 
_pdbx_struct_conn_angle.ptnr3_auth_seq_id 
_pdbx_struct_conn_angle.ptnr3_PDB_ins_code 
_pdbx_struct_conn_angle.ptnr3_symmetry 
_pdbx_struct_conn_angle.value 
_pdbx_struct_conn_angle.value_esd 
1 SG ? A CYS 56  ? A CYS 56  ? 1_555 ZN ? C ZN . ? A ZN 202 ? 1_555 SG  ? A CYS 58  ? A CYS 58  ? 1_555 109.1 ? 
2 SG ? A CYS 56  ? A CYS 56  ? 1_555 ZN ? C ZN . ? A ZN 202 ? 1_555 SG  ? A CYS 116 ? A CYS 116 ? 1_555 106.2 ? 
3 SG ? A CYS 58  ? A CYS 58  ? 1_555 ZN ? C ZN . ? A ZN 202 ? 1_555 SG  ? A CYS 116 ? A CYS 116 ? 1_555 118.1 ? 
4 SG ? A CYS 56  ? A CYS 56  ? 1_555 ZN ? C ZN . ? A ZN 202 ? 1_555 ND1 ? A HIS 118 ? A HIS 118 ? 1_555 104.9 ? 
5 SG ? A CYS 58  ? A CYS 58  ? 1_555 ZN ? C ZN . ? A ZN 202 ? 1_555 ND1 ? A HIS 118 ? A HIS 118 ? 1_555 101.5 ? 
6 SG ? A CYS 116 ? A CYS 116 ? 1_555 ZN ? C ZN . ? A ZN 202 ? 1_555 ND1 ? A HIS 118 ? A HIS 118 ? 1_555 116.4 ? 
# 
loop_
_struct_sheet.id 
_struct_sheet.type 
_struct_sheet.number_strands 
_struct_sheet.details 
AA1 ? 4 ? 
AA2 ? 7 ? 
# 
loop_
_struct_sheet_order.sheet_id 
_struct_sheet_order.range_id_1 
_struct_sheet_order.range_id_2 
_struct_sheet_order.offset 
_struct_sheet_order.sense 
AA1 1 2 ? anti-parallel 
AA1 2 3 ? anti-parallel 
AA1 3 4 ? anti-parallel 
AA2 1 2 ? anti-parallel 
AA2 2 3 ? anti-parallel 
AA2 3 4 ? anti-parallel 
AA2 4 5 ? anti-parallel 
AA2 5 6 ? anti-parallel 
AA2 6 7 ? anti-parallel 
# 
loop_
_struct_sheet_range.sheet_id 
_struct_sheet_range.id 
_struct_sheet_range.beg_label_comp_id 
_struct_sheet_range.beg_label_asym_id 
_struct_sheet_range.beg_label_seq_id 
_struct_sheet_range.pdbx_beg_PDB_ins_code 
_struct_sheet_range.end_label_comp_id 
_struct_sheet_range.end_label_asym_id 
_struct_sheet_range.end_label_seq_id 
_struct_sheet_range.pdbx_end_PDB_ins_code 
_struct_sheet_range.beg_auth_comp_id 
_struct_sheet_range.beg_auth_asym_id 
_struct_sheet_range.beg_auth_seq_id 
_struct_sheet_range.end_auth_comp_id 
_struct_sheet_range.end_auth_asym_id 
_struct_sheet_range.end_auth_seq_id 
AA1 1 ILE A 10  ? VAL A 12  ? ILE A 10  VAL A 12  
AA1 2 TYR A 15  ? ASN A 19  ? TYR A 15  ASN A 19  
AA1 3 LEU A 40  ? SER A 44  ? LEU A 40  SER A 44  
AA1 4 LEU A 31  ? ASP A 35  ? LEU A 31  ASP A 35  
AA2 1 LYS A 70  ? SER A 75  ? LYS A 70  SER A 75  
AA2 2 THR A 60  ? CYS A 65  ? THR A 60  CYS A 65  
AA2 3 ILE A 113 ? CYS A 116 ? ILE A 113 CYS A 116 
AA2 4 GLY A 119 ? THR A 126 ? GLY A 119 THR A 126 
AA2 5 LEU A 131 ? ASP A 136 ? LEU A 131 ASP A 136 
AA2 6 ARG A 93  ? VAL A 102 ? ARG A 93  VAL A 102 
AA2 7 SER A 80  ? VAL A 84  ? SER A 80  VAL A 84  
# 
loop_
_pdbx_struct_sheet_hbond.sheet_id 
_pdbx_struct_sheet_hbond.range_id_1 
_pdbx_struct_sheet_hbond.range_id_2 
_pdbx_struct_sheet_hbond.range_1_label_atom_id 
_pdbx_struct_sheet_hbond.range_1_label_comp_id 
_pdbx_struct_sheet_hbond.range_1_label_asym_id 
_pdbx_struct_sheet_hbond.range_1_label_seq_id 
_pdbx_struct_sheet_hbond.range_1_PDB_ins_code 
_pdbx_struct_sheet_hbond.range_1_auth_atom_id 
_pdbx_struct_sheet_hbond.range_1_auth_comp_id 
_pdbx_struct_sheet_hbond.range_1_auth_asym_id 
_pdbx_struct_sheet_hbond.range_1_auth_seq_id 
_pdbx_struct_sheet_hbond.range_2_label_atom_id 
_pdbx_struct_sheet_hbond.range_2_label_comp_id 
_pdbx_struct_sheet_hbond.range_2_label_asym_id 
_pdbx_struct_sheet_hbond.range_2_label_seq_id 
_pdbx_struct_sheet_hbond.range_2_PDB_ins_code 
_pdbx_struct_sheet_hbond.range_2_auth_atom_id 
_pdbx_struct_sheet_hbond.range_2_auth_comp_id 
_pdbx_struct_sheet_hbond.range_2_auth_asym_id 
_pdbx_struct_sheet_hbond.range_2_auth_seq_id 
AA1 1 2 N ILE A 10  ? N ILE A 10  O VAL A 17  ? O VAL A 17  
AA1 2 3 N VAL A 18  ? N VAL A 18  O LEU A 41  ? O LEU A 41  
AA1 3 4 O VAL A 42  ? O VAL A 42  N TRP A 33  ? N TRP A 33  
AA2 1 2 O LYS A 70  ? O LYS A 70  N CYS A 65  ? N CYS A 65  
AA2 2 3 N VAL A 62  ? N VAL A 62  O ARG A 115 ? O ARG A 115 
AA2 3 4 N LEU A 114 ? N LEU A 114 O VAL A 121 ? O VAL A 121 
AA2 4 5 N SER A 125 ? N SER A 125 O GLY A 133 ? O GLY A 133 
AA2 5 6 O VAL A 132 ? O VAL A 132 N ALA A 101 ? N ALA A 101 
AA2 6 7 O ARG A 93  ? O ARG A 93  N VAL A 84  ? N VAL A 84  
# 
_pdbx_entry_details.entry_id                   7H42 
_pdbx_entry_details.compound_details           ? 
_pdbx_entry_details.source_details             ? 
_pdbx_entry_details.nonpolymer_details         ? 
_pdbx_entry_details.sequence_details           ? 
_pdbx_entry_details.has_ligand_of_interest     ? 
_pdbx_entry_details.has_protein_modification   N 
# 
loop_
_pdbx_validate_close_contact.id 
_pdbx_validate_close_contact.PDB_model_num 
_pdbx_validate_close_contact.auth_atom_id_1 
_pdbx_validate_close_contact.auth_asym_id_1 
_pdbx_validate_close_contact.auth_comp_id_1 
_pdbx_validate_close_contact.auth_seq_id_1 
_pdbx_validate_close_contact.PDB_ins_code_1 
_pdbx_validate_close_contact.label_alt_id_1 
_pdbx_validate_close_contact.auth_atom_id_2 
_pdbx_validate_close_contact.auth_asym_id_2 
_pdbx_validate_close_contact.auth_comp_id_2 
_pdbx_validate_close_contact.auth_seq_id_2 
_pdbx_validate_close_contact.PDB_ins_code_2 
_pdbx_validate_close_contact.label_alt_id_2 
_pdbx_validate_close_contact.dist 
1 1 O   A HOH 307 ? ? O A HOH 448 ? ? 1.95 
2 1 OE1 A GLU 106 ? ? O A HOH 301 ? ? 2.05 
3 1 O   A HOH 327 ? ? O A HOH 337 ? ? 2.17 
# 
loop_
_pdbx_validate_symm_contact.id 
_pdbx_validate_symm_contact.PDB_model_num 
_pdbx_validate_symm_contact.auth_atom_id_1 
_pdbx_validate_symm_contact.auth_asym_id_1 
_pdbx_validate_symm_contact.auth_comp_id_1 
_pdbx_validate_symm_contact.auth_seq_id_1 
_pdbx_validate_symm_contact.PDB_ins_code_1 
_pdbx_validate_symm_contact.label_alt_id_1 
_pdbx_validate_symm_contact.site_symmetry_1 
_pdbx_validate_symm_contact.auth_atom_id_2 
_pdbx_validate_symm_contact.auth_asym_id_2 
_pdbx_validate_symm_contact.auth_comp_id_2 
_pdbx_validate_symm_contact.auth_seq_id_2 
_pdbx_validate_symm_contact.PDB_ins_code_2 
_pdbx_validate_symm_contact.label_alt_id_2 
_pdbx_validate_symm_contact.site_symmetry_2 
_pdbx_validate_symm_contact.dist 
1 1 O3 A SO4 207 ? ? 1_555 O4 A SO4 207 ? ? 2_556 0.85 
2 1 O2 A SO4 207 ? ? 1_555 O2 A SO4 207 ? ? 2_556 1.10 
3 1 S  A SO4 207 ? ? 1_555 O3 A SO4 207 ? ? 2_556 1.53 
4 1 S  A SO4 207 ? ? 1_555 S  A SO4 207 ? ? 2_556 1.75 
5 1 O3 A SO4 207 ? ? 1_555 O3 A SO4 207 ? ? 2_556 1.87 
6 1 S  A SO4 207 ? ? 1_555 O2 A SO4 207 ? ? 2_556 1.99 
7 1 S  A SO4 207 ? ? 1_555 O4 A SO4 207 ? ? 2_556 2.04 
8 1 O  A HOH 377 ? ? 1_555 O  A HOH 499 ? ? 4_556 2.14 
9 1 O  A HOH 523 ? ? 1_555 O  A HOH 533 ? ? 4_556 2.19 
# 
_pdbx_validate_rmsd_bond.id                        1 
_pdbx_validate_rmsd_bond.PDB_model_num             1 
_pdbx_validate_rmsd_bond.auth_atom_id_1            CD 
_pdbx_validate_rmsd_bond.auth_asym_id_1            A 
_pdbx_validate_rmsd_bond.auth_comp_id_1            GLU 
_pdbx_validate_rmsd_bond.auth_seq_id_1             106 
_pdbx_validate_rmsd_bond.PDB_ins_code_1            ? 
_pdbx_validate_rmsd_bond.label_alt_id_1            ? 
_pdbx_validate_rmsd_bond.auth_atom_id_2            OE2 
_pdbx_validate_rmsd_bond.auth_asym_id_2            A 
_pdbx_validate_rmsd_bond.auth_comp_id_2            GLU 
_pdbx_validate_rmsd_bond.auth_seq_id_2             106 
_pdbx_validate_rmsd_bond.PDB_ins_code_2            ? 
_pdbx_validate_rmsd_bond.label_alt_id_2            ? 
_pdbx_validate_rmsd_bond.bond_value                1.166 
_pdbx_validate_rmsd_bond.bond_target_value         1.252 
_pdbx_validate_rmsd_bond.bond_deviation            -0.086 
_pdbx_validate_rmsd_bond.bond_standard_deviation   0.011 
_pdbx_validate_rmsd_bond.linker_flag               N 
# 
_pdbx_validate_rmsd_angle.id                         1 
_pdbx_validate_rmsd_angle.PDB_model_num              1 
_pdbx_validate_rmsd_angle.auth_atom_id_1             NE 
_pdbx_validate_rmsd_angle.auth_asym_id_1             A 
_pdbx_validate_rmsd_angle.auth_comp_id_1             ARG 
_pdbx_validate_rmsd_angle.auth_seq_id_1              16 
_pdbx_validate_rmsd_angle.PDB_ins_code_1             ? 
_pdbx_validate_rmsd_angle.label_alt_id_1             ? 
_pdbx_validate_rmsd_angle.auth_atom_id_2             CZ 
_pdbx_validate_rmsd_angle.auth_asym_id_2             A 
_pdbx_validate_rmsd_angle.auth_comp_id_2             ARG 
_pdbx_validate_rmsd_angle.auth_seq_id_2              16 
_pdbx_validate_rmsd_angle.PDB_ins_code_2             ? 
_pdbx_validate_rmsd_angle.label_alt_id_2             ? 
_pdbx_validate_rmsd_angle.auth_atom_id_3             NH1 
_pdbx_validate_rmsd_angle.auth_asym_id_3             A 
_pdbx_validate_rmsd_angle.auth_comp_id_3             ARG 
_pdbx_validate_rmsd_angle.auth_seq_id_3              16 
_pdbx_validate_rmsd_angle.PDB_ins_code_3             ? 
_pdbx_validate_rmsd_angle.label_alt_id_3             ? 
_pdbx_validate_rmsd_angle.angle_value                123.46 
_pdbx_validate_rmsd_angle.angle_target_value         120.30 
_pdbx_validate_rmsd_angle.angle_deviation            3.16 
_pdbx_validate_rmsd_angle.angle_standard_deviation   0.50 
_pdbx_validate_rmsd_angle.linker_flag                N 
# 
_pdbx_distant_solvent_atoms.id                                1 
_pdbx_distant_solvent_atoms.PDB_model_num                     1 
_pdbx_distant_solvent_atoms.auth_atom_id                      O 
_pdbx_distant_solvent_atoms.label_alt_id                      ? 
_pdbx_distant_solvent_atoms.auth_asym_id                      A 
_pdbx_distant_solvent_atoms.auth_comp_id                      HOH 
_pdbx_distant_solvent_atoms.auth_seq_id                       535 
_pdbx_distant_solvent_atoms.PDB_ins_code                      ? 
_pdbx_distant_solvent_atoms.neighbor_macromolecule_distance   8.03 
_pdbx_distant_solvent_atoms.neighbor_ligand_distance          . 
# 
loop_
_pdbx_unobs_or_zero_occ_residues.id 
_pdbx_unobs_or_zero_occ_residues.PDB_model_num 
_pdbx_unobs_or_zero_occ_residues.polymer_flag 
_pdbx_unobs_or_zero_occ_residues.occupancy_flag 
_pdbx_unobs_or_zero_occ_residues.auth_asym_id 
_pdbx_unobs_or_zero_occ_residues.auth_comp_id 
_pdbx_unobs_or_zero_occ_residues.auth_seq_id 
_pdbx_unobs_or_zero_occ_residues.PDB_ins_code 
_pdbx_unobs_or_zero_occ_residues.label_asym_id 
_pdbx_unobs_or_zero_occ_residues.label_comp_id 
_pdbx_unobs_or_zero_occ_residues.label_seq_id 
1  1 Y 1 A GLN 1   ? A GLN 1   
2  1 Y 1 A GLU 2   ? A GLU 2   
3  1 Y 1 A GLN 3   ? A GLN 3   
4  1 Y 1 A THR 4   ? A THR 4   
5  1 Y 1 A GLY 5   ? A GLY 5   
6  1 Y 1 A GLY 6   ? A GLY 6   
7  1 Y 1 A ALA 147 ? A ALA 147 
8  1 Y 1 A MET 148 ? A MET 148 
9  1 Y 1 A GLU 149 ? A GLU 149 
10 1 Y 1 A GLN 150 ? A GLN 150 
# 
loop_
_chem_comp_atom.comp_id 
_chem_comp_atom.atom_id 
_chem_comp_atom.type_symbol 
_chem_comp_atom.pdbx_aromatic_flag 
_chem_comp_atom.pdbx_stereo_config 
_chem_comp_atom.pdbx_ordinal 
ALA N    N  N N 1   
ALA CA   C  N S 2   
ALA C    C  N N 3   
ALA O    O  N N 4   
ALA CB   C  N N 5   
ALA OXT  O  N N 6   
ALA H    H  N N 7   
ALA H2   H  N N 8   
ALA HA   H  N N 9   
ALA HB1  H  N N 10  
ALA HB2  H  N N 11  
ALA HB3  H  N N 12  
ALA HXT  H  N N 13  
ARG N    N  N N 14  
ARG CA   C  N S 15  
ARG C    C  N N 16  
ARG O    O  N N 17  
ARG CB   C  N N 18  
ARG CG   C  N N 19  
ARG CD   C  N N 20  
ARG NE   N  N N 21  
ARG CZ   C  N N 22  
ARG NH1  N  N N 23  
ARG NH2  N  N N 24  
ARG OXT  O  N N 25  
ARG H    H  N N 26  
ARG H2   H  N N 27  
ARG HA   H  N N 28  
ARG HB2  H  N N 29  
ARG HB3  H  N N 30  
ARG HG2  H  N N 31  
ARG HG3  H  N N 32  
ARG HD2  H  N N 33  
ARG HD3  H  N N 34  
ARG HE   H  N N 35  
ARG HH11 H  N N 36  
ARG HH12 H  N N 37  
ARG HH21 H  N N 38  
ARG HH22 H  N N 39  
ARG HXT  H  N N 40  
ASN N    N  N N 41  
ASN CA   C  N S 42  
ASN C    C  N N 43  
ASN O    O  N N 44  
ASN CB   C  N N 45  
ASN CG   C  N N 46  
ASN OD1  O  N N 47  
ASN ND2  N  N N 48  
ASN OXT  O  N N 49  
ASN H    H  N N 50  
ASN H2   H  N N 51  
ASN HA   H  N N 52  
ASN HB2  H  N N 53  
ASN HB3  H  N N 54  
ASN HD21 H  N N 55  
ASN HD22 H  N N 56  
ASN HXT  H  N N 57  
ASP N    N  N N 58  
ASP CA   C  N S 59  
ASP C    C  N N 60  
ASP O    O  N N 61  
ASP CB   C  N N 62  
ASP CG   C  N N 63  
ASP OD1  O  N N 64  
ASP OD2  O  N N 65  
ASP OXT  O  N N 66  
ASP H    H  N N 67  
ASP H2   H  N N 68  
ASP HA   H  N N 69  
ASP HB2  H  N N 70  
ASP HB3  H  N N 71  
ASP HD2  H  N N 72  
ASP HXT  H  N N 73  
CYS N    N  N N 74  
CYS CA   C  N R 75  
CYS C    C  N N 76  
CYS O    O  N N 77  
CYS CB   C  N N 78  
CYS SG   S  N N 79  
CYS OXT  O  N N 80  
CYS H    H  N N 81  
CYS H2   H  N N 82  
CYS HA   H  N N 83  
CYS HB2  H  N N 84  
CYS HB3  H  N N 85  
CYS HG   H  N N 86  
CYS HXT  H  N N 87  
DMS S    S  N N 88  
DMS O    O  N N 89  
DMS C1   C  N N 90  
DMS C2   C  N N 91  
DMS H11  H  N N 92  
DMS H12  H  N N 93  
DMS H13  H  N N 94  
DMS H21  H  N N 95  
DMS H22  H  N N 96  
DMS H23  H  N N 97  
GLN N    N  N N 98  
GLN CA   C  N S 99  
GLN C    C  N N 100 
GLN O    O  N N 101 
GLN CB   C  N N 102 
GLN CG   C  N N 103 
GLN CD   C  N N 104 
GLN OE1  O  N N 105 
GLN NE2  N  N N 106 
GLN OXT  O  N N 107 
GLN H    H  N N 108 
GLN H2   H  N N 109 
GLN HA   H  N N 110 
GLN HB2  H  N N 111 
GLN HB3  H  N N 112 
GLN HG2  H  N N 113 
GLN HG3  H  N N 114 
GLN HE21 H  N N 115 
GLN HE22 H  N N 116 
GLN HXT  H  N N 117 
GLU N    N  N N 118 
GLU CA   C  N S 119 
GLU C    C  N N 120 
GLU O    O  N N 121 
GLU CB   C  N N 122 
GLU CG   C  N N 123 
GLU CD   C  N N 124 
GLU OE1  O  N N 125 
GLU OE2  O  N N 126 
GLU OXT  O  N N 127 
GLU H    H  N N 128 
GLU H2   H  N N 129 
GLU HA   H  N N 130 
GLU HB2  H  N N 131 
GLU HB3  H  N N 132 
GLU HG2  H  N N 133 
GLU HG3  H  N N 134 
GLU HE2  H  N N 135 
GLU HXT  H  N N 136 
GLY N    N  N N 137 
GLY CA   C  N N 138 
GLY C    C  N N 139 
GLY O    O  N N 140 
GLY OXT  O  N N 141 
GLY H    H  N N 142 
GLY H2   H  N N 143 
GLY HA2  H  N N 144 
GLY HA3  H  N N 145 
GLY HXT  H  N N 146 
HIS N    N  N N 147 
HIS CA   C  N S 148 
HIS C    C  N N 149 
HIS O    O  N N 150 
HIS CB   C  N N 151 
HIS CG   C  Y N 152 
HIS ND1  N  Y N 153 
HIS CD2  C  Y N 154 
HIS CE1  C  Y N 155 
HIS NE2  N  Y N 156 
HIS OXT  O  N N 157 
HIS H    H  N N 158 
HIS H2   H  N N 159 
HIS HA   H  N N 160 
HIS HB2  H  N N 161 
HIS HB3  H  N N 162 
HIS HD1  H  N N 163 
HIS HD2  H  N N 164 
HIS HE1  H  N N 165 
HIS HE2  H  N N 166 
HIS HXT  H  N N 167 
HOH O    O  N N 168 
HOH H1   H  N N 169 
HOH H2   H  N N 170 
ILE N    N  N N 171 
ILE CA   C  N S 172 
ILE C    C  N N 173 
ILE O    O  N N 174 
ILE CB   C  N S 175 
ILE CG1  C  N N 176 
ILE CG2  C  N N 177 
ILE CD1  C  N N 178 
ILE OXT  O  N N 179 
ILE H    H  N N 180 
ILE H2   H  N N 181 
ILE HA   H  N N 182 
ILE HB   H  N N 183 
ILE HG12 H  N N 184 
ILE HG13 H  N N 185 
ILE HG21 H  N N 186 
ILE HG22 H  N N 187 
ILE HG23 H  N N 188 
ILE HD11 H  N N 189 
ILE HD12 H  N N 190 
ILE HD13 H  N N 191 
ILE HXT  H  N N 192 
LEU N    N  N N 193 
LEU CA   C  N S 194 
LEU C    C  N N 195 
LEU O    O  N N 196 
LEU CB   C  N N 197 
LEU CG   C  N N 198 
LEU CD1  C  N N 199 
LEU CD2  C  N N 200 
LEU OXT  O  N N 201 
LEU H    H  N N 202 
LEU H2   H  N N 203 
LEU HA   H  N N 204 
LEU HB2  H  N N 205 
LEU HB3  H  N N 206 
LEU HG   H  N N 207 
LEU HD11 H  N N 208 
LEU HD12 H  N N 209 
LEU HD13 H  N N 210 
LEU HD21 H  N N 211 
LEU HD22 H  N N 212 
LEU HD23 H  N N 213 
LEU HXT  H  N N 214 
LYS N    N  N N 215 
LYS CA   C  N S 216 
LYS C    C  N N 217 
LYS O    O  N N 218 
LYS CB   C  N N 219 
LYS CG   C  N N 220 
LYS CD   C  N N 221 
LYS CE   C  N N 222 
LYS NZ   N  N N 223 
LYS OXT  O  N N 224 
LYS H    H  N N 225 
LYS H2   H  N N 226 
LYS HA   H  N N 227 
LYS HB2  H  N N 228 
LYS HB3  H  N N 229 
LYS HG2  H  N N 230 
LYS HG3  H  N N 231 
LYS HD2  H  N N 232 
LYS HD3  H  N N 233 
LYS HE2  H  N N 234 
LYS HE3  H  N N 235 
LYS HZ1  H  N N 236 
LYS HZ2  H  N N 237 
LYS HZ3  H  N N 238 
LYS HXT  H  N N 239 
MET N    N  N N 240 
MET CA   C  N S 241 
MET C    C  N N 242 
MET O    O  N N 243 
MET CB   C  N N 244 
MET CG   C  N N 245 
MET SD   S  N N 246 
MET CE   C  N N 247 
MET OXT  O  N N 248 
MET H    H  N N 249 
MET H2   H  N N 250 
MET HA   H  N N 251 
MET HB2  H  N N 252 
MET HB3  H  N N 253 
MET HG2  H  N N 254 
MET HG3  H  N N 255 
MET HE1  H  N N 256 
MET HE2  H  N N 257 
MET HE3  H  N N 258 
MET HXT  H  N N 259 
PHE N    N  N N 260 
PHE CA   C  N S 261 
PHE C    C  N N 262 
PHE O    O  N N 263 
PHE CB   C  N N 264 
PHE CG   C  Y N 265 
PHE CD1  C  Y N 266 
PHE CD2  C  Y N 267 
PHE CE1  C  Y N 268 
PHE CE2  C  Y N 269 
PHE CZ   C  Y N 270 
PHE OXT  O  N N 271 
PHE H    H  N N 272 
PHE H2   H  N N 273 
PHE HA   H  N N 274 
PHE HB2  H  N N 275 
PHE HB3  H  N N 276 
PHE HD1  H  N N 277 
PHE HD2  H  N N 278 
PHE HE1  H  N N 279 
PHE HE2  H  N N 280 
PHE HZ   H  N N 281 
PHE HXT  H  N N 282 
PRO N    N  N N 283 
PRO CA   C  N S 284 
PRO C    C  N N 285 
PRO O    O  N N 286 
PRO CB   C  N N 287 
PRO CG   C  N N 288 
PRO CD   C  N N 289 
PRO OXT  O  N N 290 
PRO H    H  N N 291 
PRO HA   H  N N 292 
PRO HB2  H  N N 293 
PRO HB3  H  N N 294 
PRO HG2  H  N N 295 
PRO HG3  H  N N 296 
PRO HD2  H  N N 297 
PRO HD3  H  N N 298 
PRO HXT  H  N N 299 
SER N    N  N N 300 
SER CA   C  N S 301 
SER C    C  N N 302 
SER O    O  N N 303 
SER CB   C  N N 304 
SER OG   O  N N 305 
SER OXT  O  N N 306 
SER H    H  N N 307 
SER H2   H  N N 308 
SER HA   H  N N 309 
SER HB2  H  N N 310 
SER HB3  H  N N 311 
SER HG   H  N N 312 
SER HXT  H  N N 313 
SO4 S    S  N N 314 
SO4 O1   O  N N 315 
SO4 O2   O  N N 316 
SO4 O3   O  N N 317 
SO4 O4   O  N N 318 
THR N    N  N N 319 
THR CA   C  N S 320 
THR C    C  N N 321 
THR O    O  N N 322 
THR CB   C  N R 323 
THR OG1  O  N N 324 
THR CG2  C  N N 325 
THR OXT  O  N N 326 
THR H    H  N N 327 
THR H2   H  N N 328 
THR HA   H  N N 329 
THR HB   H  N N 330 
THR HG1  H  N N 331 
THR HG21 H  N N 332 
THR HG22 H  N N 333 
THR HG23 H  N N 334 
THR HXT  H  N N 335 
TRP N    N  N N 336 
TRP CA   C  N S 337 
TRP C    C  N N 338 
TRP O    O  N N 339 
TRP CB   C  N N 340 
TRP CG   C  Y N 341 
TRP CD1  C  Y N 342 
TRP CD2  C  Y N 343 
TRP NE1  N  Y N 344 
TRP CE2  C  Y N 345 
TRP CE3  C  Y N 346 
TRP CZ2  C  Y N 347 
TRP CZ3  C  Y N 348 
TRP CH2  C  Y N 349 
TRP OXT  O  N N 350 
TRP H    H  N N 351 
TRP H2   H  N N 352 
TRP HA   H  N N 353 
TRP HB2  H  N N 354 
TRP HB3  H  N N 355 
TRP HD1  H  N N 356 
TRP HE1  H  N N 357 
TRP HE3  H  N N 358 
TRP HZ2  H  N N 359 
TRP HZ3  H  N N 360 
TRP HH2  H  N N 361 
TRP HXT  H  N N 362 
TYR N    N  N N 363 
TYR CA   C  N S 364 
TYR C    C  N N 365 
TYR O    O  N N 366 
TYR CB   C  N N 367 
TYR CG   C  Y N 368 
TYR CD1  C  Y N 369 
TYR CD2  C  Y N 370 
TYR CE1  C  Y N 371 
TYR CE2  C  Y N 372 
TYR CZ   C  Y N 373 
TYR OH   O  N N 374 
TYR OXT  O  N N 375 
TYR H    H  N N 376 
TYR H2   H  N N 377 
TYR HA   H  N N 378 
TYR HB2  H  N N 379 
TYR HB3  H  N N 380 
TYR HD1  H  N N 381 
TYR HD2  H  N N 382 
TYR HE1  H  N N 383 
TYR HE2  H  N N 384 
TYR HH   H  N N 385 
TYR HXT  H  N N 386 
VAL N    N  N N 387 
VAL CA   C  N S 388 
VAL C    C  N N 389 
VAL O    O  N N 390 
VAL CB   C  N N 391 
VAL CG1  C  N N 392 
VAL CG2  C  N N 393 
VAL OXT  O  N N 394 
VAL H    H  N N 395 
VAL H2   H  N N 396 
VAL HA   H  N N 397 
VAL HB   H  N N 398 
VAL HG11 H  N N 399 
VAL HG12 H  N N 400 
VAL HG13 H  N N 401 
VAL HG21 H  N N 402 
VAL HG22 H  N N 403 
VAL HG23 H  N N 404 
VAL HXT  H  N N 405 
WHD N1   N  N N 406 
WHD C4   C  N N 407 
WHD C5   C  N N 408 
WHD C6   C  Y N 409 
WHD C7   C  Y N 410 
WHD C8   C  Y N 411 
WHD C10  C  N N 412 
WHD C13  C  Y N 413 
WHD N    N  N N 414 
WHD C    C  Y N 415 
WHD C1   C  Y N 416 
WHD C11  C  Y N 417 
WHD C12  C  Y N 418 
WHD C14  C  Y N 419 
WHD C2   C  Y N 420 
WHD C3   C  Y N 421 
WHD C9   C  Y N 422 
WHD F    F  N N 423 
WHD H3   H  N N 424 
WHD H2   H  N N 425 
WHD H6   H  N N 426 
WHD H5   H  N N 427 
WHD H7   H  N N 428 
WHD H8   H  N N 429 
WHD H11  H  N N 430 
WHD H4   H  N N 431 
WHD H    H  N N 432 
WHD H9   H  N N 433 
WHD H10  H  N N 434 
WHD H12  H  N N 435 
WHD H1   H  N N 436 
ZN  ZN   ZN N N 437 
# 
loop_
_chem_comp_bond.comp_id 
_chem_comp_bond.atom_id_1 
_chem_comp_bond.atom_id_2 
_chem_comp_bond.value_order 
_chem_comp_bond.pdbx_aromatic_flag 
_chem_comp_bond.pdbx_stereo_config 
_chem_comp_bond.pdbx_ordinal 
ALA N   CA   sing N N 1   
ALA N   H    sing N N 2   
ALA N   H2   sing N N 3   
ALA CA  C    sing N N 4   
ALA CA  CB   sing N N 5   
ALA CA  HA   sing N N 6   
ALA C   O    doub N N 7   
ALA C   OXT  sing N N 8   
ALA CB  HB1  sing N N 9   
ALA CB  HB2  sing N N 10  
ALA CB  HB3  sing N N 11  
ALA OXT HXT  sing N N 12  
ARG N   CA   sing N N 13  
ARG N   H    sing N N 14  
ARG N   H2   sing N N 15  
ARG CA  C    sing N N 16  
ARG CA  CB   sing N N 17  
ARG CA  HA   sing N N 18  
ARG C   O    doub N N 19  
ARG C   OXT  sing N N 20  
ARG CB  CG   sing N N 21  
ARG CB  HB2  sing N N 22  
ARG CB  HB3  sing N N 23  
ARG CG  CD   sing N N 24  
ARG CG  HG2  sing N N 25  
ARG CG  HG3  sing N N 26  
ARG CD  NE   sing N N 27  
ARG CD  HD2  sing N N 28  
ARG CD  HD3  sing N N 29  
ARG NE  CZ   sing N N 30  
ARG NE  HE   sing N N 31  
ARG CZ  NH1  sing N N 32  
ARG CZ  NH2  doub N N 33  
ARG NH1 HH11 sing N N 34  
ARG NH1 HH12 sing N N 35  
ARG NH2 HH21 sing N N 36  
ARG NH2 HH22 sing N N 37  
ARG OXT HXT  sing N N 38  
ASN N   CA   sing N N 39  
ASN N   H    sing N N 40  
ASN N   H2   sing N N 41  
ASN CA  C    sing N N 42  
ASN CA  CB   sing N N 43  
ASN CA  HA   sing N N 44  
ASN C   O    doub N N 45  
ASN C   OXT  sing N N 46  
ASN CB  CG   sing N N 47  
ASN CB  HB2  sing N N 48  
ASN CB  HB3  sing N N 49  
ASN CG  OD1  doub N N 50  
ASN CG  ND2  sing N N 51  
ASN ND2 HD21 sing N N 52  
ASN ND2 HD22 sing N N 53  
ASN OXT HXT  sing N N 54  
ASP N   CA   sing N N 55  
ASP N   H    sing N N 56  
ASP N   H2   sing N N 57  
ASP CA  C    sing N N 58  
ASP CA  CB   sing N N 59  
ASP CA  HA   sing N N 60  
ASP C   O    doub N N 61  
ASP C   OXT  sing N N 62  
ASP CB  CG   sing N N 63  
ASP CB  HB2  sing N N 64  
ASP CB  HB3  sing N N 65  
ASP CG  OD1  doub N N 66  
ASP CG  OD2  sing N N 67  
ASP OD2 HD2  sing N N 68  
ASP OXT HXT  sing N N 69  
CYS N   CA   sing N N 70  
CYS N   H    sing N N 71  
CYS N   H2   sing N N 72  
CYS CA  C    sing N N 73  
CYS CA  CB   sing N N 74  
CYS CA  HA   sing N N 75  
CYS C   O    doub N N 76  
CYS C   OXT  sing N N 77  
CYS CB  SG   sing N N 78  
CYS CB  HB2  sing N N 79  
CYS CB  HB3  sing N N 80  
CYS SG  HG   sing N N 81  
CYS OXT HXT  sing N N 82  
DMS S   O    doub N N 83  
DMS S   C1   sing N N 84  
DMS S   C2   sing N N 85  
DMS C1  H11  sing N N 86  
DMS C1  H12  sing N N 87  
DMS C1  H13  sing N N 88  
DMS C2  H21  sing N N 89  
DMS C2  H22  sing N N 90  
DMS C2  H23  sing N N 91  
GLN N   CA   sing N N 92  
GLN N   H    sing N N 93  
GLN N   H2   sing N N 94  
GLN CA  C    sing N N 95  
GLN CA  CB   sing N N 96  
GLN CA  HA   sing N N 97  
GLN C   O    doub N N 98  
GLN C   OXT  sing N N 99  
GLN CB  CG   sing N N 100 
GLN CB  HB2  sing N N 101 
GLN CB  HB3  sing N N 102 
GLN CG  CD   sing N N 103 
GLN CG  HG2  sing N N 104 
GLN CG  HG3  sing N N 105 
GLN CD  OE1  doub N N 106 
GLN CD  NE2  sing N N 107 
GLN NE2 HE21 sing N N 108 
GLN NE2 HE22 sing N N 109 
GLN OXT HXT  sing N N 110 
GLU N   CA   sing N N 111 
GLU N   H    sing N N 112 
GLU N   H2   sing N N 113 
GLU CA  C    sing N N 114 
GLU CA  CB   sing N N 115 
GLU CA  HA   sing N N 116 
GLU C   O    doub N N 117 
GLU C   OXT  sing N N 118 
GLU CB  CG   sing N N 119 
GLU CB  HB2  sing N N 120 
GLU CB  HB3  sing N N 121 
GLU CG  CD   sing N N 122 
GLU CG  HG2  sing N N 123 
GLU CG  HG3  sing N N 124 
GLU CD  OE1  doub N N 125 
GLU CD  OE2  sing N N 126 
GLU OE2 HE2  sing N N 127 
GLU OXT HXT  sing N N 128 
GLY N   CA   sing N N 129 
GLY N   H    sing N N 130 
GLY N   H2   sing N N 131 
GLY CA  C    sing N N 132 
GLY CA  HA2  sing N N 133 
GLY CA  HA3  sing N N 134 
GLY C   O    doub N N 135 
GLY C   OXT  sing N N 136 
GLY OXT HXT  sing N N 137 
HIS N   CA   sing N N 138 
HIS N   H    sing N N 139 
HIS N   H2   sing N N 140 
HIS CA  C    sing N N 141 
HIS CA  CB   sing N N 142 
HIS CA  HA   sing N N 143 
HIS C   O    doub N N 144 
HIS C   OXT  sing N N 145 
HIS CB  CG   sing N N 146 
HIS CB  HB2  sing N N 147 
HIS CB  HB3  sing N N 148 
HIS CG  ND1  sing Y N 149 
HIS CG  CD2  doub Y N 150 
HIS ND1 CE1  doub Y N 151 
HIS ND1 HD1  sing N N 152 
HIS CD2 NE2  sing Y N 153 
HIS CD2 HD2  sing N N 154 
HIS CE1 NE2  sing Y N 155 
HIS CE1 HE1  sing N N 156 
HIS NE2 HE2  sing N N 157 
HIS OXT HXT  sing N N 158 
HOH O   H1   sing N N 159 
HOH O   H2   sing N N 160 
ILE N   CA   sing N N 161 
ILE N   H    sing N N 162 
ILE N   H2   sing N N 163 
ILE CA  C    sing N N 164 
ILE CA  CB   sing N N 165 
ILE CA  HA   sing N N 166 
ILE C   O    doub N N 167 
ILE C   OXT  sing N N 168 
ILE CB  CG1  sing N N 169 
ILE CB  CG2  sing N N 170 
ILE CB  HB   sing N N 171 
ILE CG1 CD1  sing N N 172 
ILE CG1 HG12 sing N N 173 
ILE CG1 HG13 sing N N 174 
ILE CG2 HG21 sing N N 175 
ILE CG2 HG22 sing N N 176 
ILE CG2 HG23 sing N N 177 
ILE CD1 HD11 sing N N 178 
ILE CD1 HD12 sing N N 179 
ILE CD1 HD13 sing N N 180 
ILE OXT HXT  sing N N 181 
LEU N   CA   sing N N 182 
LEU N   H    sing N N 183 
LEU N   H2   sing N N 184 
LEU CA  C    sing N N 185 
LEU CA  CB   sing N N 186 
LEU CA  HA   sing N N 187 
LEU C   O    doub N N 188 
LEU C   OXT  sing N N 189 
LEU CB  CG   sing N N 190 
LEU CB  HB2  sing N N 191 
LEU CB  HB3  sing N N 192 
LEU CG  CD1  sing N N 193 
LEU CG  CD2  sing N N 194 
LEU CG  HG   sing N N 195 
LEU CD1 HD11 sing N N 196 
LEU CD1 HD12 sing N N 197 
LEU CD1 HD13 sing N N 198 
LEU CD2 HD21 sing N N 199 
LEU CD2 HD22 sing N N 200 
LEU CD2 HD23 sing N N 201 
LEU OXT HXT  sing N N 202 
LYS N   CA   sing N N 203 
LYS N   H    sing N N 204 
LYS N   H2   sing N N 205 
LYS CA  C    sing N N 206 
LYS CA  CB   sing N N 207 
LYS CA  HA   sing N N 208 
LYS C   O    doub N N 209 
LYS C   OXT  sing N N 210 
LYS CB  CG   sing N N 211 
LYS CB  HB2  sing N N 212 
LYS CB  HB3  sing N N 213 
LYS CG  CD   sing N N 214 
LYS CG  HG2  sing N N 215 
LYS CG  HG3  sing N N 216 
LYS CD  CE   sing N N 217 
LYS CD  HD2  sing N N 218 
LYS CD  HD3  sing N N 219 
LYS CE  NZ   sing N N 220 
LYS CE  HE2  sing N N 221 
LYS CE  HE3  sing N N 222 
LYS NZ  HZ1  sing N N 223 
LYS NZ  HZ2  sing N N 224 
LYS NZ  HZ3  sing N N 225 
LYS OXT HXT  sing N N 226 
MET N   CA   sing N N 227 
MET N   H    sing N N 228 
MET N   H2   sing N N 229 
MET CA  C    sing N N 230 
MET CA  CB   sing N N 231 
MET CA  HA   sing N N 232 
MET C   O    doub N N 233 
MET C   OXT  sing N N 234 
MET CB  CG   sing N N 235 
MET CB  HB2  sing N N 236 
MET CB  HB3  sing N N 237 
MET CG  SD   sing N N 238 
MET CG  HG2  sing N N 239 
MET CG  HG3  sing N N 240 
MET SD  CE   sing N N 241 
MET CE  HE1  sing N N 242 
MET CE  HE2  sing N N 243 
MET CE  HE3  sing N N 244 
MET OXT HXT  sing N N 245 
PHE N   CA   sing N N 246 
PHE N   H    sing N N 247 
PHE N   H2   sing N N 248 
PHE CA  C    sing N N 249 
PHE CA  CB   sing N N 250 
PHE CA  HA   sing N N 251 
PHE C   O    doub N N 252 
PHE C   OXT  sing N N 253 
PHE CB  CG   sing N N 254 
PHE CB  HB2  sing N N 255 
PHE CB  HB3  sing N N 256 
PHE CG  CD1  doub Y N 257 
PHE CG  CD2  sing Y N 258 
PHE CD1 CE1  sing Y N 259 
PHE CD1 HD1  sing N N 260 
PHE CD2 CE2  doub Y N 261 
PHE CD2 HD2  sing N N 262 
PHE CE1 CZ   doub Y N 263 
PHE CE1 HE1  sing N N 264 
PHE CE2 CZ   sing Y N 265 
PHE CE2 HE2  sing N N 266 
PHE CZ  HZ   sing N N 267 
PHE OXT HXT  sing N N 268 
PRO N   CA   sing N N 269 
PRO N   CD   sing N N 270 
PRO N   H    sing N N 271 
PRO CA  C    sing N N 272 
PRO CA  CB   sing N N 273 
PRO CA  HA   sing N N 274 
PRO C   O    doub N N 275 
PRO C   OXT  sing N N 276 
PRO CB  CG   sing N N 277 
PRO CB  HB2  sing N N 278 
PRO CB  HB3  sing N N 279 
PRO CG  CD   sing N N 280 
PRO CG  HG2  sing N N 281 
PRO CG  HG3  sing N N 282 
PRO CD  HD2  sing N N 283 
PRO CD  HD3  sing N N 284 
PRO OXT HXT  sing N N 285 
SER N   CA   sing N N 286 
SER N   H    sing N N 287 
SER N   H2   sing N N 288 
SER CA  C    sing N N 289 
SER CA  CB   sing N N 290 
SER CA  HA   sing N N 291 
SER C   O    doub N N 292 
SER C   OXT  sing N N 293 
SER CB  OG   sing N N 294 
SER CB  HB2  sing N N 295 
SER CB  HB3  sing N N 296 
SER OG  HG   sing N N 297 
SER OXT HXT  sing N N 298 
SO4 S   O1   doub N N 299 
SO4 S   O2   doub N N 300 
SO4 S   O3   sing N N 301 
SO4 S   O4   sing N N 302 
THR N   CA   sing N N 303 
THR N   H    sing N N 304 
THR N   H2   sing N N 305 
THR CA  C    sing N N 306 
THR CA  CB   sing N N 307 
THR CA  HA   sing N N 308 
THR C   O    doub N N 309 
THR C   OXT  sing N N 310 
THR CB  OG1  sing N N 311 
THR CB  CG2  sing N N 312 
THR CB  HB   sing N N 313 
THR OG1 HG1  sing N N 314 
THR CG2 HG21 sing N N 315 
THR CG2 HG22 sing N N 316 
THR CG2 HG23 sing N N 317 
THR OXT HXT  sing N N 318 
TRP N   CA   sing N N 319 
TRP N   H    sing N N 320 
TRP N   H2   sing N N 321 
TRP CA  C    sing N N 322 
TRP CA  CB   sing N N 323 
TRP CA  HA   sing N N 324 
TRP C   O    doub N N 325 
TRP C   OXT  sing N N 326 
TRP CB  CG   sing N N 327 
TRP CB  HB2  sing N N 328 
TRP CB  HB3  sing N N 329 
TRP CG  CD1  doub Y N 330 
TRP CG  CD2  sing Y N 331 
TRP CD1 NE1  sing Y N 332 
TRP CD1 HD1  sing N N 333 
TRP CD2 CE2  doub Y N 334 
TRP CD2 CE3  sing Y N 335 
TRP NE1 CE2  sing Y N 336 
TRP NE1 HE1  sing N N 337 
TRP CE2 CZ2  sing Y N 338 
TRP CE3 CZ3  doub Y N 339 
TRP CE3 HE3  sing N N 340 
TRP CZ2 CH2  doub Y N 341 
TRP CZ2 HZ2  sing N N 342 
TRP CZ3 CH2  sing Y N 343 
TRP CZ3 HZ3  sing N N 344 
TRP CH2 HH2  sing N N 345 
TRP OXT HXT  sing N N 346 
TYR N   CA   sing N N 347 
TYR N   H    sing N N 348 
TYR N   H2   sing N N 349 
TYR CA  C    sing N N 350 
TYR CA  CB   sing N N 351 
TYR CA  HA   sing N N 352 
TYR C   O    doub N N 353 
TYR C   OXT  sing N N 354 
TYR CB  CG   sing N N 355 
TYR CB  HB2  sing N N 356 
TYR CB  HB3  sing N N 357 
TYR CG  CD1  doub Y N 358 
TYR CG  CD2  sing Y N 359 
TYR CD1 CE1  sing Y N 360 
TYR CD1 HD1  sing N N 361 
TYR CD2 CE2  doub Y N 362 
TYR CD2 HD2  sing N N 363 
TYR CE1 CZ   doub Y N 364 
TYR CE1 HE1  sing N N 365 
TYR CE2 CZ   sing Y N 366 
TYR CE2 HE2  sing N N 367 
TYR CZ  OH   sing N N 368 
TYR OH  HH   sing N N 369 
TYR OXT HXT  sing N N 370 
VAL N   CA   sing N N 371 
VAL N   H    sing N N 372 
VAL N   H2   sing N N 373 
VAL CA  C    sing N N 374 
VAL CA  CB   sing N N 375 
VAL CA  HA   sing N N 376 
VAL C   O    doub N N 377 
VAL C   OXT  sing N N 378 
VAL CB  CG1  sing N N 379 
VAL CB  CG2  sing N N 380 
VAL CB  HB   sing N N 381 
VAL CG1 HG11 sing N N 382 
VAL CG1 HG12 sing N N 383 
VAL CG1 HG13 sing N N 384 
VAL CG2 HG21 sing N N 385 
VAL CG2 HG22 sing N N 386 
VAL CG2 HG23 sing N N 387 
VAL OXT HXT  sing N N 388 
WHD F   C    sing N N 389 
WHD C   C1   sing Y N 390 
WHD C1  C2   doub Y N 391 
WHD C2  C3   sing Y N 392 
WHD C3  C4   sing N N 393 
WHD C4  N    sing N N 394 
WHD N   C5   sing N N 395 
WHD C5  C6   sing N N 396 
WHD C6  C7   sing Y N 397 
WHD C7  C8   doub Y N 398 
WHD C8  C9   sing Y N 399 
WHD C9  C10  sing N N 400 
WHD C10 N1   trip N N 401 
WHD C11 C9   doub Y N 402 
WHD C12 C11  sing Y N 403 
WHD C6  C12  doub Y N 404 
WHD C13 C3   doub Y N 405 
WHD C14 C13  sing Y N 406 
WHD C   C14  doub Y N 407 
WHD C4  H3   sing N N 408 
WHD C4  H2   sing N N 409 
WHD C5  H6   sing N N 410 
WHD C5  H5   sing N N 411 
WHD C7  H7   sing N N 412 
WHD C8  H8   sing N N 413 
WHD C13 H11  sing N N 414 
WHD N   H4   sing N N 415 
WHD C1  H    sing N N 416 
WHD C11 H9   sing N N 417 
WHD C12 H10  sing N N 418 
WHD C14 H12  sing N N 419 
WHD C2  H1   sing N N 420 
# 
_pdbx_audit_support.funding_organization   
'National Institutes of Health/National Institute Of Allergy and Infectious Diseases (NIH/NIAID)' 
_pdbx_audit_support.country                'United States' 
_pdbx_audit_support.grant_number           U19AI171399 
_pdbx_audit_support.ordinal                1 
# 
_pdbx_deposit_group.group_id            G_1002288 
_pdbx_deposit_group.group_description   'Crystallographic fragment screening of Coxsackievirus A16 (G-10) 2A protease' 
_pdbx_deposit_group.group_title         
'Group deposition for crystallographic fragment screening of Coxsackievirus A16 (G-10) 2A protease' 
_pdbx_deposit_group.group_type          'changed state' 
# 
_atom_sites.entry_id                    7H42 
_atom_sites.fract_transf_matrix[1][1]   0.00133947 
_atom_sites.fract_transf_matrix[1][2]   -0.00967757 
_atom_sites.fract_transf_matrix[1][3]   0.00624855 
_atom_sites.fract_transf_matrix[2][1]   0.01060289 
_atom_sites.fract_transf_matrix[2][2]   -0.00663920 
_atom_sites.fract_transf_matrix[2][3]   -0.01255548 
_atom_sites.fract_transf_matrix[3][1]   0.02477653 
_atom_sites.fract_transf_matrix[3][2]   0.01003292 
_atom_sites.fract_transf_matrix[3][3]   0.01561807 
_atom_sites.fract_transf_vector[1]      0.184148 
_atom_sites.fract_transf_vector[2]      0.124376 
_atom_sites.fract_transf_vector[3]      0.450173 
# 
loop_
_atom_type.symbol 
C  
F  
N  
O  
S  
ZN 
# 
loop_
_atom_site.group_PDB 
_atom_site.id 
_atom_site.type_symbol 
_atom_site.label_atom_id 
_atom_site.label_alt_id 
_atom_site.label_comp_id 
_atom_site.label_asym_id 
_atom_site.label_entity_id 
_atom_site.label_seq_id 
_atom_site.pdbx_PDB_ins_code 
_atom_site.Cartn_x 
_atom_site.Cartn_y 
_atom_site.Cartn_z 
_atom_site.occupancy 
_atom_site.B_iso_or_equiv 
_atom_site.pdbx_formal_charge 
_atom_site.auth_seq_id 
_atom_site.auth_comp_id 
_atom_site.auth_asym_id 
_atom_site.auth_atom_id 
_atom_site.pdbx_PDB_model_num 
ATOM   1    N  N   . SER A 1 7   ? 8.051   0.569   7.212   1.00 18.04 ? 7   SER A N   1 
ATOM   2    C  CA  . SER A 1 7   ? 7.538   -0.782  7.284   1.00 18.06 ? 7   SER A CA  1 
ATOM   3    C  C   . SER A 1 7   ? 6.064   -0.754  7.649   1.00 16.21 ? 7   SER A C   1 
ATOM   4    O  O   . SER A 1 7   ? 5.519   0.311   8.069   1.00 17.92 ? 7   SER A O   1 
ATOM   5    C  CB  . SER A 1 7   ? 8.304   -1.581  8.302   1.00 21.81 ? 7   SER A CB  1 
ATOM   6    O  OG  . SER A 1 7   ? 8.156   -0.926  9.540   1.00 24.48 ? 7   SER A OG  1 
ATOM   7    N  N   . GLY A 1 8   ? 5.414   -1.872  7.440   1.00 15.88 ? 8   GLY A N   1 
ATOM   8    C  CA  . GLY A 1 8   ? 4.004   -2.023  7.761   1.00 15.56 ? 8   GLY A CA  1 
ATOM   9    C  C   . GLY A 1 8   ? 3.293   -2.984  6.866   1.00 14.35 ? 8   GLY A C   1 
ATOM   10   O  O   . GLY A 1 8   ? 3.720   -3.196  5.742   1.00 17.03 ? 8   GLY A O   1 
ATOM   11   N  N   . ALA A 1 9   ? 2.186   -3.519  7.356   1.00 14.19 ? 9   ALA A N   1 
ATOM   12   C  CA  . ALA A 1 9   ? 1.357   -4.457  6.604   1.00 14.46 ? 9   ALA A CA  1 
ATOM   13   C  C   . ALA A 1 9   ? -0.118  -4.192  6.857   1.00 13.19 ? 9   ALA A C   1 
ATOM   14   O  O   . ALA A 1 9   ? -0.469  -3.578  7.870   1.00 15.64 ? 9   ALA A O   1 
ATOM   15   C  CB  . ALA A 1 9   ? 1.732   -5.873  6.926   1.00 16.34 ? 9   ALA A CB  1 
ATOM   16   N  N   . ILE A 1 10  ? -0.910  -4.789  6.018   1.00 13.06 ? 10  ILE A N   1 
ATOM   17   C  CA  . ILE A 1 10  ? -2.364  -4.934  6.209   1.00 14.11 ? 10  ILE A CA  1 
ATOM   18   C  C   . ILE A 1 10  ? -2.575  -6.374  6.613   1.00 15.25 ? 10  ILE A C   1 
ATOM   19   O  O   . ILE A 1 10  ? -2.077  -7.280  5.943   1.00 15.38 ? 10  ILE A O   1 
ATOM   20   C  CB  . ILE A 1 10  ? -3.198  -4.588  4.958   1.00 13.50 ? 10  ILE A CB  1 
ATOM   21   C  CG1 . ILE A 1 10  ? -2.794  -3.266  4.293   1.00 13.64 ? 10  ILE A CG1 1 
ATOM   22   C  CG2 . ILE A 1 10  ? -4.685  -4.588  5.328   1.00 14.81 ? 10  ILE A CG2 1 
ATOM   23   C  CD1 . ILE A 1 10  ? -3.335  -3.095  2.902   1.00 13.84 ? 10  ILE A CD1 1 
ATOM   24   N  N   . TYR A 1 11  ? -3.365  -6.551  7.670   1.00 17.28 ? 11  TYR A N   1 
ATOM   25   C  CA  . TYR A 1 11  ? -3.747  -7.869  8.215   1.00 17.56 ? 11  TYR A CA  1 
ATOM   26   C  C   . TYR A 1 11  ? -5.248  -8.015  8.045   1.00 17.88 ? 11  TYR A C   1 
ATOM   27   O  O   . TYR A 1 11  ? -5.954  -7.546  8.931   1.00 18.05 ? 11  TYR A O   1 
ATOM   28   C  CB  . TYR A 1 11  ? -3.245  -7.987  9.658   1.00 18.35 ? 11  TYR A CB  1 
ATOM   29   C  CG  . TYR A 1 11  ? -1.744  -8.050  9.720   1.00 16.93 ? 11  TYR A CG  1 
ATOM   30   C  CD1 . TYR A 1 11  ? -1.080  -9.237  9.384   1.00 18.39 ? 11  TYR A CD1 1 
ATOM   31   C  CD2 . TYR A 1 11  ? -1.004  -6.974  10.132  1.00 21.28 ? 11  TYR A CD2 1 
ATOM   32   C  CE1 . TYR A 1 11  ? 0.303   -9.296  9.378   1.00 17.36 ? 11  TYR A CE1 1 
ATOM   33   C  CE2 . TYR A 1 11  ? 0.377   -7.012  10.141  1.00 20.90 ? 11  TYR A CE2 1 
ATOM   34   C  CZ  . TYR A 1 11  ? 1.017   -8.177  9.773   1.00 19.26 ? 11  TYR A CZ  1 
ATOM   35   O  OH  . TYR A 1 11  ? 2.374   -8.131  9.842   1.00 20.78 ? 11  TYR A OH  1 
ATOM   36   N  N   . VAL A 1 12  ? -5.658  -8.623  6.962   1.00 15.88 ? 12  VAL A N   1 
ATOM   37   C  CA  . VAL A 1 12  ? -7.095  -8.817  6.629   1.00 17.13 ? 12  VAL A CA  1 
ATOM   38   C  C   . VAL A 1 12  ? -7.340  -10.305 6.537   1.00 18.05 ? 12  VAL A C   1 
ATOM   39   O  O   . VAL A 1 12  ? -6.661  -11.026 5.783   1.00 19.10 ? 12  VAL A O   1 
ATOM   40   C  CB  . VAL A 1 12  ? -7.548  -8.079  5.346   1.00 17.77 ? 12  VAL A CB  1 
ATOM   41   C  CG1 . VAL A 1 12  ? -6.755  -8.374  4.114   1.00 17.30 ? 12  VAL A CG1 1 
ATOM   42   C  CG2 . VAL A 1 12  ? -8.997  -8.343  5.085   1.00 17.14 ? 12  VAL A CG2 1 
ATOM   43   N  N   . GLY A 1 13  ? -8.292  -10.801 7.333   1.00 20.15 ? 13  GLY A N   1 
ATOM   44   C  CA  . GLY A 1 13  ? -8.520  -12.246 7.270   1.00 18.88 ? 13  GLY A CA  1 
ATOM   45   C  C   . GLY A 1 13  ? -7.259  -13.035 7.614   1.00 16.95 ? 13  GLY A C   1 
ATOM   46   O  O   . GLY A 1 13  ? -6.586  -12.646 8.561   1.00 19.10 ? 13  GLY A O   1 
ATOM   47   N  N   . ASN A 1 14  ? -6.958  -14.015 6.796   1.00 19.52 ? 14  ASN A N   1 
ATOM   48   C  CA  . ASN A 1 14  ? -5.700  -14.789 6.933   1.00 20.95 ? 14  ASN A CA  1 
ATOM   49   C  C   . ASN A 1 14  ? -4.660  -14.337 5.904   1.00 22.49 ? 14  ASN A C   1 
ATOM   50   O  O   . ASN A 1 14  ? -3.915  -15.194 5.375   1.00 21.32 ? 14  ASN A O   1 
ATOM   51   C  CB  . ASN A 1 14  ? -6.003  -16.276 6.896   1.00 23.55 ? 14  ASN A CB  1 
ATOM   52   C  CG  . ASN A 1 14  ? -6.613  -16.741 8.206   1.00 23.03 ? 14  ASN A CG  1 
ATOM   53   O  OD1 . ASN A 1 14  ? -5.899  -17.120 9.140   1.00 28.97 ? 14  ASN A OD1 1 
ATOM   54   N  ND2 . ASN A 1 14  ? -7.934  -16.689 8.288   1.00 22.00 ? 14  ASN A ND2 1 
ATOM   55   N  N   . TYR A 1 15  ? -4.646  -13.033 5.592   1.00 19.53 ? 15  TYR A N   1 
ATOM   56   C  CA  . TYR A 1 15  ? -3.708  -12.480 4.575   1.00 18.20 ? 15  TYR A CA  1 
ATOM   57   C  C   . TYR A 1 15  ? -2.898  -11.396 5.252   1.00 16.96 ? 15  TYR A C   1 
ATOM   58   O  O   . TYR A 1 15  ? -3.383  -10.643 6.089   1.00 17.11 ? 15  TYR A O   1 
ATOM   59   C  CB  . TYR A 1 15  ? -4.437  -11.908 3.360   1.00 18.46 ? 15  TYR A CB  1 
ATOM   60   C  CG  . TYR A 1 15  ? -5.255  -12.897 2.582   1.00 18.29 ? 15  TYR A CG  1 
ATOM   61   C  CD1 . TYR A 1 15  ? -4.697  -13.972 1.916   1.00 19.55 ? 15  TYR A CD1 1 
ATOM   62   C  CD2 . TYR A 1 15  ? -6.627  -12.722 2.440   1.00 19.90 ? 15  TYR A CD2 1 
ATOM   63   C  CE1 . TYR A 1 15  ? -5.453  -14.895 1.215   1.00 21.98 ? 15  TYR A CE1 1 
ATOM   64   C  CE2 . TYR A 1 15  ? -7.388  -13.596 1.684   1.00 20.99 ? 15  TYR A CE2 1 
ATOM   65   C  CZ  . TYR A 1 15  ? -6.807  -14.679 1.056   1.00 24.56 ? 15  TYR A CZ  1 
ATOM   66   O  OH  . TYR A 1 15  ? -7.576  -15.553 0.353   1.00 28.21 ? 15  TYR A OH  1 
ATOM   67   N  N   . ARG A 1 16  ? -1.646  -11.261 4.814   1.00 16.14 ? 16  ARG A N   1 
ATOM   68   C  CA  . ARG A 1 16  ? -0.695  -10.216 5.168   1.00 15.31 ? 16  ARG A CA  1 
ATOM   69   C  C   . ARG A 1 16  ? -0.316  -9.568  3.851   1.00 14.71 ? 16  ARG A C   1 
ATOM   70   O  O   . ARG A 1 16  ? 0.164   -10.244 2.933   1.00 16.19 ? 16  ARG A O   1 
ATOM   71   C  CB  . ARG A 1 16  ? 0.520   -10.818 5.865   1.00 15.60 ? 16  ARG A CB  1 
ATOM   72   C  CG  . ARG A 1 16  ? 1.717   -9.905  5.976   1.00 16.12 ? 16  ARG A CG  1 
ATOM   73   C  CD  . ARG A 1 16  ? 2.806   -10.574 6.815   1.00 16.57 ? 16  ARG A CD  1 
ATOM   74   N  NE  . ARG A 1 16  ? 4.159   -10.229 6.391   1.00 15.90 ? 16  ARG A NE  1 
ATOM   75   C  CZ  . ARG A 1 16  ? 4.864   -9.203  6.761   1.00 16.09 ? 16  ARG A CZ  1 
ATOM   76   N  NH1 . ARG A 1 16  ? 4.408   -8.257  7.568   1.00 16.87 ? 16  ARG A NH1 1 
ATOM   77   N  NH2 . ARG A 1 16  ? 6.062   -9.062  6.221   1.00 16.37 ? 16  ARG A NH2 1 
ATOM   78   N  N   . VAL A 1 17  ? -0.641  -8.279  3.742   1.00 13.50 ? 17  VAL A N   1 
ATOM   79   C  CA  . VAL A 1 17  ? -0.350  -7.492  2.528   1.00 12.51 ? 17  VAL A CA  1 
ATOM   80   C  C   . VAL A 1 17  ? 0.797   -6.566  2.859   1.00 12.76 ? 17  VAL A C   1 
ATOM   81   O  O   . VAL A 1 17  ? 0.682   -5.760  3.766   1.00 12.88 ? 17  VAL A O   1 
ATOM   82   C  CB  . VAL A 1 17  ? -1.568  -6.663  2.088   1.00 12.54 ? 17  VAL A CB  1 
ATOM   83   C  CG1 . VAL A 1 17  ? -1.217  -5.985  0.765   1.00 13.80 ? 17  VAL A CG1 1 
ATOM   84   C  CG2 . VAL A 1 17  ? -2.824  -7.519  2.036   1.00 13.44 ? 17  VAL A CG2 1 
ATOM   85   N  N   . VAL A 1 18  ? 1.905   -6.710  2.115   1.00 12.67 ? 18  VAL A N   1 
ATOM   86   C  CA  . VAL A 1 18  ? 3.141   -5.960  2.320   1.00 12.53 ? 18  VAL A CA  1 
ATOM   87   C  C   . VAL A 1 18  ? 3.564   -5.368  0.998   1.00 11.69 ? 18  VAL A C   1 
ATOM   88   O  O   . VAL A 1 18  ? 3.199   -5.823  -0.090  1.00 12.79 ? 18  VAL A O   1 
ATOM   89   C  CB  . VAL A 1 18  ? 4.274   -6.797  2.939   1.00 14.32 ? 18  VAL A CB  1 
ATOM   90   C  CG1 . VAL A 1 18  ? 3.911   -7.059  4.380   1.00 16.39 ? 18  VAL A CG1 1 
ATOM   91   C  CG2 . VAL A 1 18  ? 4.610   -8.073  2.179   1.00 14.59 ? 18  VAL A CG2 1 
ATOM   92   N  N   . ASN A 1 19  ? 4.445   -4.400  1.150   1.00 11.52 ? 19  ASN A N   1 
ATOM   93   C  CA  . ASN A 1 19  ? 5.182   -3.940  -0.038  1.00 11.75 ? 19  ASN A CA  1 
ATOM   94   C  C   . ASN A 1 19  ? 6.035   -5.102  -0.555  1.00 11.78 ? 19  ASN A C   1 
ATOM   95   O  O   . ASN A 1 19  ? 6.791   -5.727  0.220   1.00 12.81 ? 19  ASN A O   1 
ATOM   96   C  CB  . ASN A 1 19  ? 6.107   -2.781  0.269   1.00 11.15 ? 19  ASN A CB  1 
ATOM   97   C  CG  . ASN A 1 19  ? 5.403   -1.533  0.749   1.00 11.57 ? 19  ASN A CG  1 
ATOM   98   O  OD1 . ASN A 1 19  ? 5.243   -1.331  1.941   1.00 12.61 ? 19  ASN A OD1 1 
ATOM   99   N  ND2 . ASN A 1 19  ? 4.962   -0.705  -0.176  1.00 12.69 ? 19  ASN A ND2 1 
ATOM   100  N  N   . ARG A 1 20  ? 5.942   -5.376  -1.856  1.00 11.65 ? 20  ARG A N   1 
ATOM   101  C  CA  . ARG A 1 20  ? 6.742   -6.489  -2.429  1.00 12.53 ? 20  ARG A CA  1 
ATOM   102  C  C   . ARG A 1 20  ? 8.212   -6.307  -2.083  1.00 13.15 ? 20  ARG A C   1 
ATOM   103  O  O   . ARG A 1 20  ? 8.881   -7.322  -1.747  1.00 13.49 ? 20  ARG A O   1 
ATOM   104  C  CB  . ARG A 1 20  ? 6.591   -6.557  -3.934  1.00 11.95 ? 20  ARG A CB  1 
ATOM   105  C  CG  . ARG A 1 20  ? 7.117   -7.857  -4.556  1.00 12.72 ? 20  ARG A CG  1 
ATOM   106  C  CD  . ARG A 1 20  ? 6.948   -7.829  -6.054  1.00 15.20 ? 20  ARG A CD  1 
ATOM   107  N  NE  . ARG A 1 20  ? 7.507   -9.008  -6.746  1.00 15.28 ? 20  ARG A NE  1 
ATOM   108  C  CZ  . ARG A 1 20  ? 8.773   -9.176  -7.077  1.00 16.55 ? 20  ARG A CZ  1 
ATOM   109  N  NH1 . ARG A 1 20  ? 9.721   -8.349  -6.710  1.00 18.11 ? 20  ARG A NH1 1 
ATOM   110  N  NH2 . ARG A 1 20  ? 9.108   -10.256 -7.783  1.00 19.16 ? 20  ARG A NH2 1 
ATOM   111  N  N   . HIS A 1 21  ? 8.724   -5.071  -2.111  1.00 12.73 ? 21  HIS A N   1 
ATOM   112  C  CA  . HIS A 1 21  ? 10.162  -4.847  -1.870  1.00 13.70 ? 21  HIS A CA  1 
ATOM   113  C  C   . HIS A 1 21  ? 10.543  -5.129  -0.438  1.00 13.78 ? 21  HIS A C   1 
ATOM   114  O  O   . HIS A 1 21  ? 11.769  -5.173  -0.179  1.00 15.56 ? 21  HIS A O   1 
ATOM   115  C  CB  . HIS A 1 21  ? 10.649  -3.509  -2.393  1.00 13.92 ? 21  HIS A CB  1 
ATOM   116  C  CG  . HIS A 1 21  ? 10.219  -2.335  -1.569  1.00 14.15 ? 21  HIS A CG  1 
ATOM   117  N  ND1 . HIS A 1 21  ? 9.025   -1.674  -1.766  1.00 13.55 ? 21  HIS A ND1 1 
ATOM   118  C  CD2 . HIS A 1 21  ? 10.869  -1.663  -0.570  1.00 12.96 ? 21  HIS A CD2 1 
ATOM   119  C  CE1 . HIS A 1 21  ? 8.931   -0.700  -0.882  1.00 14.50 ? 21  HIS A CE1 1 
ATOM   120  N  NE2 . HIS A 1 21  ? 10.029  -0.633  -0.154  1.00 14.48 ? 21  HIS A NE2 1 
ATOM   121  N  N   . LEU A 1 22  ? 9.612   -5.244  0.491   1.00 12.06 ? 22  LEU A N   1 
ATOM   122  C  CA  . LEU A 1 22  ? 9.883   -5.482  1.933   1.00 13.61 ? 22  LEU A CA  1 
ATOM   123  C  C   . LEU A 1 22  ? 9.479   -6.897  2.294   1.00 13.47 ? 22  LEU A C   1 
ATOM   124  O  O   . LEU A 1 22  ? 9.574   -7.236  3.493   1.00 13.89 ? 22  LEU A O   1 
ATOM   125  C  CB  . LEU A 1 22  ? 9.146   -4.432  2.765   1.00 14.21 ? 22  LEU A CB  1 
ATOM   126  C  CG  . LEU A 1 22  ? 9.647   -3.000  2.590   1.00 14.36 ? 22  LEU A CG  1 
ATOM   127  C  CD1 . LEU A 1 22  ? 8.906   -2.037  3.497   1.00 15.34 ? 22  LEU A CD1 1 
ATOM   128  C  CD2 . LEU A 1 22  ? 11.176  -2.868  2.837   1.00 14.88 ? 22  LEU A CD2 1 
ATOM   129  N  N   . ALA A 1 23  ? 9.006   -7.695  1.347   1.00 12.93 ? 23  ALA A N   1 
ATOM   130  C  CA  . ALA A 1 23  ? 8.544   -9.043  1.686   1.00 13.68 ? 23  ALA A CA  1 
ATOM   131  C  C   . ALA A 1 23  ? 9.721   -9.880  2.206   1.00 14.43 ? 23  ALA A C   1 
ATOM   132  O  O   . ALA A 1 23  ? 10.877  -9.716  1.713   1.00 15.40 ? 23  ALA A O   1 
ATOM   133  C  CB  . ALA A 1 23  ? 7.929   -9.718  0.493   1.00 13.46 ? 23  ALA A CB  1 
ATOM   134  N  N   . THR A 1 24  ? 9.437   -10.720 3.170   1.00 14.84 ? 24  THR A N   1 
ATOM   135  C  CA  . THR A 1 24  ? 10.465  -11.560 3.790   1.00 15.22 ? 24  THR A CA  1 
ATOM   136  C  C   . THR A 1 24  ? 10.543  -12.909 3.104   1.00 14.84 ? 24  THR A C   1 
ATOM   137  O  O   . THR A 1 24  ? 9.719   -13.265 2.296   1.00 13.29 ? 24  THR A O   1 
ATOM   138  C  CB  . THR A 1 24  ? 10.156  -11.760 5.283   1.00 14.57 ? 24  THR A CB  1 
ATOM   139  O  OG1 . THR A 1 24  ? 8.948   -12.485 5.373   1.00 16.31 ? 24  THR A OG1 1 
ATOM   140  C  CG2 . THR A 1 24  ? 10.016  -10.466 6.052   1.00 17.13 ? 24  THR A CG2 1 
ATOM   141  N  N   . HIS A 1 25  ? 11.544  -13.722 3.501   1.00 14.85 ? 25  HIS A N   1 
ATOM   142  C  CA  . HIS A 1 25  ? 11.572  -15.118 3.009   1.00 15.76 ? 25  HIS A CA  1 
ATOM   143  C  C   . HIS A 1 25  ? 10.289  -15.849 3.413   1.00 14.39 ? 25  HIS A C   1 
ATOM   144  O  O   . HIS A 1 25  ? 9.732   -16.587 2.614   1.00 15.38 ? 25  HIS A O   1 
ATOM   145  C  CB  . HIS A 1 25  ? 12.826  -15.859 3.505   1.00 17.40 ? 25  HIS A CB  1 
ATOM   146  C  CG  . HIS A 1 25  ? 12.691  -17.347 3.392   1.00 19.43 ? 25  HIS A CG  1 
ATOM   147  N  ND1 . HIS A 1 25  ? 12.864  -18.033 2.210   1.00 19.12 ? 25  HIS A ND1 1 
ATOM   148  C  CD2 . HIS A 1 25  ? 12.265  -18.278 4.306   1.00 21.00 ? 25  HIS A CD2 1 
ATOM   149  C  CE1 . HIS A 1 25  ? 12.674  -19.321 2.407   1.00 21.05 ? 25  HIS A CE1 1 
ATOM   150  N  NE2 . HIS A 1 25  ? 12.223  -19.503 3.685   1.00 22.68 ? 25  HIS A NE2 1 
ATOM   151  N  N   . ASN A 1 26  ? 9.835   -15.658 4.653   1.00 15.63 ? 26  ASN A N   1 
ATOM   152  C  CA  . ASN A 1 26  ? 8.621   -16.356 5.108   1.00 16.34 ? 26  ASN A CA  1 
ATOM   153  C  C   . ASN A 1 26  ? 7.424   -15.929 4.241   1.00 14.50 ? 26  ASN A C   1 
ATOM   154  O  O   . ASN A 1 26  ? 6.543   -16.731 3.912   1.00 16.01 ? 26  ASN A O   1 
ATOM   155  C  CB  . ASN A 1 26  ? 8.305   -16.035 6.564   1.00 19.45 ? 26  ASN A CB  1 
ATOM   156  C  CG  . ASN A 1 26  ? 7.110   -16.838 7.048   1.00 24.47 ? 26  ASN A CG  1 
ATOM   157  O  OD1 . ASN A 1 26  ? 7.213   -18.061 7.201   1.00 27.09 ? 26  ASN A OD1 1 
ATOM   158  N  ND2 . ASN A 1 26  ? 5.944   -16.211 7.169   1.00 25.08 ? 26  ASN A ND2 1 
ATOM   159  N  N   . ASP A 1 27  ? 7.360   -14.652 3.842   1.00 15.48 ? 27  ASP A N   1 
ATOM   160  C  CA  . ASP A 1 27  ? 6.270   -14.210 2.964   1.00 14.25 ? 27  ASP A CA  1 
ATOM   161  C  C   . ASP A 1 27  ? 6.313   -14.986 1.655   1.00 12.74 ? 27  ASP A C   1 
ATOM   162  O  O   . ASP A 1 27  ? 5.284   -15.482 1.179   1.00 13.87 ? 27  ASP A O   1 
ATOM   163  C  CB  . ASP A 1 27  ? 6.323   -12.707 2.656   1.00 14.53 ? 27  ASP A CB  1 
ATOM   164  C  CG  . ASP A 1 27  ? 5.957   -11.800 3.803   1.00 15.30 ? 27  ASP A CG  1 
ATOM   165  O  OD1 . ASP A 1 27  ? 5.001   -12.141 4.538   1.00 16.80 ? 27  ASP A OD1 1 
ATOM   166  O  OD2 . ASP A 1 27  ? 6.644   -10.795 4.001   1.00 14.15 ? 27  ASP A OD2 1 
ATOM   167  N  N   . TRP A 1 28  ? 7.492   -15.077 1.017   1.00 13.08 ? 28  TRP A N   1 
ATOM   168  C  CA  . TRP A 1 28  ? 7.659   -15.791 -0.260  1.00 13.71 ? 28  TRP A CA  1 
ATOM   169  C  C   . TRP A 1 28  ? 7.375   -17.288 -0.106  1.00 12.73 ? 28  TRP A C   1 
ATOM   170  O  O   . TRP A 1 28  ? 6.853   -17.864 -1.005  1.00 14.84 ? 28  TRP A O   1 
ATOM   171  C  CB  . TRP A 1 28  ? 9.064   -15.558 -0.818  1.00 14.04 ? 28  TRP A CB  1 
ATOM   172  C  CG  . TRP A 1 28  ? 9.213   -14.223 -1.494  1.00 13.18 ? 28  TRP A CG  1 
ATOM   173  C  CD1 . TRP A 1 28  ? 9.805   -13.093 -0.992  1.00 13.45 ? 28  TRP A CD1 1 
ATOM   174  C  CD2 . TRP A 1 28  ? 8.773   -13.926 -2.823  1.00 12.31 ? 28  TRP A CD2 1 
ATOM   175  N  NE1 . TRP A 1 28  ? 9.769   -12.121 -1.959  1.00 12.42 ? 28  TRP A NE1 1 
ATOM   176  C  CE2 . TRP A 1 28  ? 9.114   -12.577 -3.078  1.00 11.83 ? 28  TRP A CE2 1 
ATOM   177  C  CE3 . TRP A 1 28  ? 8.083   -14.666 -3.802  1.00 12.85 ? 28  TRP A CE3 1 
ATOM   178  C  CZ2 . TRP A 1 28  ? 8.872   -11.993 -4.316  1.00 13.53 ? 28  TRP A CZ2 1 
ATOM   179  C  CZ3 . TRP A 1 28  ? 7.841   -14.073 -5.013  1.00 13.55 ? 28  TRP A CZ3 1 
ATOM   180  C  CH2 . TRP A 1 28  ? 8.196   -12.736 -5.249  1.00 14.01 ? 28  TRP A CH2 1 
ATOM   181  N  N   . ALA A 1 29  ? 7.680   -17.850 1.057   1.00 13.99 ? 29  ALA A N   1 
ATOM   182  C  CA  . ALA A 1 29  ? 7.460   -19.288 1.336   1.00 15.99 ? 29  ALA A CA  1 
ATOM   183  C  C   . ALA A 1 29  ? 5.983   -19.570 1.574   1.00 18.06 ? 29  ALA A C   1 
ATOM   184  O  O   . ALA A 1 29  ? 5.584   -20.755 1.566   1.00 18.30 ? 29  ALA A O   1 
ATOM   185  C  CB  . ALA A 1 29  ? 8.318   -19.714 2.496   1.00 16.07 ? 29  ALA A CB  1 
ATOM   186  N  N   . ASN A 1 30  ? 5.204   -18.520 1.864   1.00 17.79 ? 30  ASN A N   1 
ATOM   187  C  CA  . ASN A 1 30  ? 3.754   -18.635 2.135   1.00 18.78 ? 30  ASN A CA  1 
ATOM   188  C  C   . ASN A 1 30  ? 3.018   -17.749 1.141   1.00 17.18 ? 30  ASN A C   1 
ATOM   189  O  O   . ASN A 1 30  ? 1.990   -17.112 1.546   1.00 18.08 ? 30  ASN A O   1 
ATOM   190  C  CB  . ASN A 1 30  ? 3.498   -18.279 3.592   1.00 18.74 ? 30  ASN A CB  1 
ATOM   191  C  CG  . ASN A 1 30  ? 4.066   -19.335 4.516   1.00 21.34 ? 30  ASN A CG  1 
ATOM   192  O  OD1 . ASN A 1 30  ? 3.463   -20.390 4.674   1.00 23.57 ? 30  ASN A OD1 1 
ATOM   193  N  ND2 . ASN A 1 30  ? 5.204   -19.070 5.113   1.00 21.45 ? 30  ASN A ND2 1 
ATOM   194  N  N   . LEU A 1 31  ? 3.487   -17.648 -0.103  1.00 16.23 ? 31  LEU A N   1 
ATOM   195  C  CA  . LEU A 1 31  ? 2.985   -16.645 -1.070  1.00 16.38 ? 31  LEU A CA  1 
ATOM   196  C  C   . LEU A 1 31  ? 1.552   -16.971 -1.453  1.00 16.51 ? 31  LEU A C   1 
ATOM   197  O  O   . LEU A 1 31  ? 1.236   -18.145 -1.741  1.00 18.36 ? 31  LEU A O   1 
ATOM   198  C  CB  . LEU A 1 31  ? 3.844   -16.726 -2.315  1.00 16.41 ? 31  LEU A CB  1 
ATOM   199  C  CG  . LEU A 1 31  ? 3.504   -15.729 -3.409  1.00 15.86 ? 31  LEU A CG  1 
ATOM   200  C  CD1 . LEU A 1 31  ? 3.592   -14.303 -2.913  1.00 17.90 ? 31  LEU A CD1 1 
ATOM   201  C  CD2 . LEU A 1 31  ? 4.380   -15.958 -4.602  1.00 17.46 ? 31  LEU A CD2 1 
ATOM   202  N  N   . VAL A 1 32  ? 0.714   -15.935 -1.527  1.00 15.73 ? 32  VAL A N   1 
ATOM   203  C  CA  . VAL A 1 32  ? -0.630  -16.023 -2.143  1.00 17.48 ? 32  VAL A CA  1 
ATOM   204  C  C   . VAL A 1 32  ? -0.585  -15.370 -3.520  1.00 16.97 ? 32  VAL A C   1 
ATOM   205  O  O   . VAL A 1 32  ? -1.106  -15.932 -4.502  1.00 18.80 ? 32  VAL A O   1 
ATOM   206  C  CB  . VAL A 1 32  ? -1.647  -15.402 -1.175  1.00 17.45 ? 32  VAL A CB  1 
ATOM   207  C  CG1 . VAL A 1 32  ? -3.037  -15.348 -1.804  1.00 18.73 ? 32  VAL A CG1 1 
ATOM   208  C  CG2 . VAL A 1 32  ? -1.694  -16.137 0.146   1.00 17.95 ? 32  VAL A CG2 1 
ATOM   209  N  N   . TRP A 1 33  ? 0.003   -14.179 -3.632  1.00 15.24 ? 33  TRP A N   1 
ATOM   210  C  CA  . TRP A 1 33  ? -0.068  -13.375 -4.858  1.00 16.42 ? 33  TRP A CA  1 
ATOM   211  C  C   . TRP A 1 33  ? 0.976   -12.270 -4.768  1.00 13.85 ? 33  TRP A C   1 
ATOM   212  O  O   . TRP A 1 33  ? 1.185   -11.739 -3.664  1.00 14.78 ? 33  TRP A O   1 
ATOM   213  C  CB  . TRP A 1 33  ? -1.495  -12.815 -5.034  1.00 17.23 ? 33  TRP A CB  1 
ATOM   214  C  CG  . TRP A 1 33  ? -1.654  -11.801 -6.112  1.00 17.56 ? 33  TRP A CG  1 
ATOM   215  C  CD1 . TRP A 1 33  ? -1.895  -12.022 -7.432  1.00 19.65 ? 33  TRP A CD1 1 
ATOM   216  C  CD2 . TRP A 1 33  ? -1.601  -10.367 -5.955  1.00 16.03 ? 33  TRP A CD2 1 
ATOM   217  N  NE1 . TRP A 1 33  ? -1.970  -10.830 -8.119  1.00 20.89 ? 33  TRP A NE1 1 
ATOM   218  C  CE2 . TRP A 1 33  ? -1.808  -9.803  -7.233  1.00 17.68 ? 33  TRP A CE2 1 
ATOM   219  C  CE3 . TRP A 1 33  ? -1.368  -9.521  -4.884  1.00 16.08 ? 33  TRP A CE3 1 
ATOM   220  C  CZ2 . TRP A 1 33  ? -1.879  -8.428  -7.441  1.00 17.94 ? 33  TRP A CZ2 1 
ATOM   221  C  CZ3 . TRP A 1 33  ? -1.453  -8.154  -5.084  1.00 17.74 ? 33  TRP A CZ3 1 
ATOM   222  C  CH2 . TRP A 1 33  ? -1.660  -7.628  -6.348  1.00 17.47 ? 33  TRP A CH2 1 
ATOM   223  N  N   . GLU A 1 34  ? 1.589   -11.922 -5.881  1.00 15.29 ? 34  GLU A N   1 
ATOM   224  C  CA  . GLU A 1 34  ? 2.554   -10.812 -5.901  1.00 15.91 ? 34  GLU A CA  1 
ATOM   225  C  C   . GLU A 1 34  ? 2.573   -10.156 -7.270  1.00 15.89 ? 34  GLU A C   1 
ATOM   226  O  O   . GLU A 1 34  ? 2.245   -10.829 -8.280  1.00 16.89 ? 34  GLU A O   1 
ATOM   227  C  CB  . GLU A 1 34  ? 3.941   -11.242 -5.475  1.00 15.66 ? 34  GLU A CB  1 
ATOM   228  C  CG  . GLU A 1 34  ? 4.499   -12.366 -6.330  1.00 15.09 ? 34  GLU A CG  1 
ATOM   229  C  CD  . GLU A 1 34  ? 5.180   -11.950 -7.647  1.00 16.30 ? 34  GLU A CD  1 
ATOM   230  O  OE1 . GLU A 1 34  ? 5.325   -12.832 -8.518  1.00 17.54 ? 34  GLU A OE1 1 
ATOM   231  O  OE2 . GLU A 1 34  ? 5.574   -10.784 -7.780  1.00 17.28 ? 34  GLU A OE2 1 
ATOM   232  N  N   . ASP A 1 35  ? 2.797   -8.841  -7.298  1.00 16.27 ? 35  ASP A N   1 
ATOM   233  C  CA  . ASP A 1 35  ? 2.837   -8.058  -8.552  1.00 15.41 ? 35  ASP A CA  1 
ATOM   234  C  C   . ASP A 1 35  ? 3.893   -6.972  -8.368  1.00 16.70 ? 35  ASP A C   1 
ATOM   235  O  O   . ASP A 1 35  ? 3.671   -6.007  -7.604  1.00 15.49 ? 35  ASP A O   1 
ATOM   236  C  CB  . ASP A 1 35  ? 1.424   -7.556  -8.845  1.00 17.71 ? 35  ASP A CB  1 
ATOM   237  C  CG  . ASP A 1 35  ? 1.292   -6.753  -10.110 1.00 17.39 ? 35  ASP A CG  1 
ATOM   238  O  OD1 . ASP A 1 35  ? 2.207   -6.021  -10.426 1.00 20.06 ? 35  ASP A OD1 1 
ATOM   239  O  OD2 . ASP A 1 35  ? 0.204   -6.878  -10.729 1.00 22.87 ? 35  ASP A OD2 1 
ATOM   240  N  N   A SER A 1 36  ? 5.039   -7.081  -9.040  0.25 15.69 ? 36  SER A N   1 
ATOM   241  N  N   B SER A 1 36  ? 5.039   -7.081  -9.040  0.25 15.69 ? 36  SER A N   1 
ATOM   242  C  CA  A SER A 1 36  ? 6.141   -6.097  -8.953  0.25 15.36 ? 36  SER A CA  1 
ATOM   243  C  CA  B SER A 1 36  ? 6.140   -6.100  -8.962  0.25 17.14 ? 36  SER A CA  1 
ATOM   244  C  C   A SER A 1 36  ? 5.662   -4.737  -9.452  0.25 14.90 ? 36  SER A C   1 
ATOM   245  C  C   B SER A 1 36  ? 5.662   -4.737  -9.452  0.25 14.90 ? 36  SER A C   1 
ATOM   246  O  O   A SER A 1 36  ? 6.042   -3.737  -8.851  0.25 15.98 ? 36  SER A O   1 
ATOM   247  O  O   B SER A 1 36  ? 6.042   -3.737  -8.851  0.25 15.98 ? 36  SER A O   1 
ATOM   248  C  CB  A SER A 1 36  ? 7.343   -6.530  -9.771  0.25 15.08 ? 36  SER A CB  1 
ATOM   249  C  CB  B SER A 1 36  ? 7.283   -6.559  -9.816  0.25 19.06 ? 36  SER A CB  1 
ATOM   250  O  OG  A SER A 1 36  ? 8.341   -5.525  -9.825  0.25 14.23 ? 36  SER A OG  1 
ATOM   251  O  OG  B SER A 1 36  ? 6.758   -7.273  -10.927 0.25 23.94 ? 36  SER A OG  1 
ATOM   252  N  N   . SER A 1 37  ? 4.874   -4.723  -10.523 1.00 15.50 ? 37  SER A N   1 
ATOM   253  C  CA  . SER A 1 37  ? 4.412   -3.433  -11.097 1.00 16.12 ? 37  SER A CA  1 
ATOM   254  C  C   . SER A 1 37  ? 3.586   -2.646  -10.076 1.00 16.00 ? 37  SER A C   1 
ATOM   255  O  O   . SER A 1 37  ? 3.598   -1.421  -10.131 1.00 17.66 ? 37  SER A O   1 
ATOM   256  C  CB  . SER A 1 37  ? 3.659   -3.600  -12.379 1.00 17.15 ? 37  SER A CB  1 
ATOM   257  O  OG  . SER A 1 37  ? 2.396   -4.105  -12.135 1.00 22.75 ? 37  SER A OG  1 
ATOM   258  N  N   . ARG A 1 38  ? 2.962   -3.332  -9.119  1.00 14.53 ? 38  ARG A N   1 
ATOM   259  C  CA  . ARG A 1 38  ? 2.128   -2.687  -8.060  1.00 14.18 ? 38  ARG A CA  1 
ATOM   260  C  C   . ARG A 1 38  ? 2.911   -2.510  -6.750  1.00 13.10 ? 38  ARG A C   1 
ATOM   261  O  O   . ARG A 1 38  ? 2.363   -1.942  -5.803  1.00 13.25 ? 38  ARG A O   1 
ATOM   262  C  CB  . ARG A 1 38  ? 0.876   -3.536  -7.833  1.00 14.90 ? 38  ARG A CB  1 
ATOM   263  C  CG  . ARG A 1 38  ? -0.047  -3.630  -9.031  1.00 16.26 ? 38  ARG A CG  1 
ATOM   264  C  CD  . ARG A 1 38  ? -1.280  -4.440  -8.655  1.00 15.84 ? 38  ARG A CD  1 
ATOM   265  N  NE  . ARG A 1 38  ? -2.139  -3.797  -7.671  1.00 14.15 ? 38  ARG A NE  1 
ATOM   266  C  CZ  . ARG A 1 38  ? -3.471  -3.882  -7.671  1.00 13.82 ? 38  ARG A CZ  1 
ATOM   267  N  NH1 . ARG A 1 38  ? -4.100  -4.691  -8.536  1.00 15.38 ? 38  ARG A NH1 1 
ATOM   268  N  NH2 . ARG A 1 38  ? -4.193  -3.226  -6.758  1.00 14.16 ? 38  ARG A NH2 1 
ATOM   269  N  N   . ASP A 1 39  ? 4.097   -3.075  -6.655  1.00 13.39 ? 39  ASP A N   1 
ATOM   270  C  CA  . ASP A 1 39  ? 4.835   -3.133  -5.378  1.00 11.85 ? 39  ASP A CA  1 
ATOM   271  C  C   . ASP A 1 39  ? 4.036   -3.859  -4.288  1.00 11.15 ? 39  ASP A C   1 
ATOM   272  O  O   . ASP A 1 39  ? 4.130   -3.440  -3.151  1.00 12.56 ? 39  ASP A O   1 
ATOM   273  C  CB  . ASP A 1 39  ? 5.310   -1.759  -4.890  1.00 12.05 ? 39  ASP A CB  1 
ATOM   274  C  CG  . ASP A 1 39  ? 6.207   -1.815  -3.663  1.00 12.67 ? 39  ASP A CG  1 
ATOM   275  O  OD1 . ASP A 1 39  ? 7.042   -2.762  -3.562  1.00 13.46 ? 39  ASP A OD1 1 
ATOM   276  O  OD2 . ASP A 1 39  ? 6.139   -0.915  -2.841  1.00 12.93 ? 39  ASP A OD2 1 
ATOM   277  N  N   . LEU A 1 40  ? 3.265   -4.903  -4.636  1.00 11.75 ? 40  LEU A N   1 
ATOM   278  C  CA  . LEU A 1 40  ? 2.500   -5.651  -3.625  1.00 11.82 ? 40  LEU A CA  1 
ATOM   279  C  C   . LEU A 1 40  ? 2.892   -7.130  -3.571  1.00 12.18 ? 40  LEU A C   1 
ATOM   280  O  O   . LEU A 1 40  ? 3.102   -7.752  -4.625  1.00 13.14 ? 40  LEU A O   1 
ATOM   281  C  CB  . LEU A 1 40  ? 0.990   -5.528  -3.867  1.00 12.44 ? 40  LEU A CB  1 
ATOM   282  C  CG  . LEU A 1 40  ? 0.368   -4.149  -3.631  1.00 11.84 ? 40  LEU A CG  1 
ATOM   283  C  CD1 . LEU A 1 40  ? -1.132  -4.223  -3.952  1.00 12.36 ? 40  LEU A CD1 1 
ATOM   284  C  CD2 . LEU A 1 40  ? 0.544   -3.715  -2.192  1.00 13.90 ? 40  LEU A CD2 1 
ATOM   285  N  N   . LEU A 1 41  ? 2.771   -7.659  -2.363  1.00 12.03 ? 41  LEU A N   1 
ATOM   286  C  CA  . LEU A 1 41  ? 2.852   -9.114  -2.150  1.00 11.95 ? 41  LEU A CA  1 
ATOM   287  C  C   . LEU A 1 41  ? 1.909   -9.464  -1.002  1.00 13.41 ? 41  LEU A C   1 
ATOM   288  O  O   . LEU A 1 41  ? 1.817   -8.700  -0.029  1.00 13.07 ? 41  LEU A O   1 
ATOM   289  C  CB  . LEU A 1 41  ? 4.302   -9.492  -1.829  1.00 13.11 ? 41  LEU A CB  1 
ATOM   290  C  CG  . LEU A 1 41  ? 4.556   -10.987 -1.625  1.00 13.20 ? 41  LEU A CG  1 
ATOM   291  C  CD1 . LEU A 1 41  ? 5.903   -11.421 -2.153  1.00 13.70 ? 41  LEU A CD1 1 
ATOM   292  C  CD2 . LEU A 1 41  ? 4.392   -11.379 -0.171  1.00 13.53 ? 41  LEU A CD2 1 
ATOM   293  N  N   . VAL A 1 42  ? 1.223   -10.580 -1.197  1.00 12.89 ? 42  VAL A N   1 
ATOM   294  C  CA  . VAL A 1 42  ? 0.297   -11.086 -0.166  1.00 13.99 ? 42  VAL A CA  1 
ATOM   295  C  C   . VAL A 1 42  ? 0.775   -12.492 0.215   1.00 14.04 ? 42  VAL A C   1 
ATOM   296  O  O   . VAL A 1 42  ? 0.941   -13.290 -0.698  1.00 14.55 ? 42  VAL A O   1 
ATOM   297  C  CB  . VAL A 1 42  ? -1.140  -11.096 -0.683  1.00 14.39 ? 42  VAL A CB  1 
ATOM   298  C  CG1 . VAL A 1 42  ? -2.033  -11.598 0.436   1.00 15.25 ? 42  VAL A CG1 1 
ATOM   299  C  CG2 . VAL A 1 42  ? -1.585  -9.714  -1.107  1.00 13.96 ? 42  VAL A CG2 1 
ATOM   300  N  N   . SER A 1 43  ? 0.860   -12.732 1.515   1.00 14.44 ? 43  SER A N   1 
ATOM   301  C  CA  . SER A 1 43  ? 1.200   -14.053 2.079   1.00 14.61 ? 43  SER A CA  1 
ATOM   302  C  C   . SER A 1 43  ? 0.066   -14.504 3.008   1.00 18.26 ? 43  SER A C   1 
ATOM   303  O  O   . SER A 1 43  ? -0.781  -13.658 3.449   1.00 17.43 ? 43  SER A O   1 
ATOM   304  C  CB  . SER A 1 43  ? 2.528   -14.006 2.799   1.00 14.56 ? 43  SER A CB  1 
ATOM   305  O  OG  . SER A 1 43  ? 2.553   -13.096 3.871   1.00 16.68 ? 43  SER A OG  1 
ATOM   306  N  N   . SER A 1 44  ? 0.083   -15.782 3.358   1.00 17.15 ? 44  SER A N   1 
ATOM   307  C  CA  . SER A 1 44  ? -0.941  -16.400 4.241   1.00 19.62 ? 44  SER A CA  1 
ATOM   308  C  C   . SER A 1 44  ? -0.523  -16.309 5.703   1.00 20.15 ? 44  SER A C   1 
ATOM   309  O  O   . SER A 1 44  ? 0.703   -16.359 5.982   1.00 22.46 ? 44  SER A O   1 
ATOM   310  C  CB  . SER A 1 44  ? -1.197  -17.782 3.829   1.00 21.54 ? 44  SER A CB  1 
ATOM   311  O  OG  . SER A 1 44  ? -0.026  -18.561 3.999   1.00 25.67 ? 44  SER A OG  1 
ATOM   312  N  N   . THR A 1 45  ? -1.464  -16.142 6.645   1.00 19.11 ? 45  THR A N   1 
ATOM   313  C  CA  . THR A 1 45  ? -1.184  -15.965 8.091   1.00 20.62 ? 45  THR A CA  1 
ATOM   314  C  C   . THR A 1 45  ? -1.880  -17.094 8.877   1.00 22.63 ? 45  THR A C   1 
ATOM   315  O  O   . THR A 1 45  ? -2.924  -17.574 8.399   1.00 24.12 ? 45  THR A O   1 
ATOM   316  C  CB  . THR A 1 45  ? -1.633  -14.610 8.656   1.00 21.56 ? 45  THR A CB  1 
ATOM   317  O  OG1 . THR A 1 45  ? -3.052  -14.534 8.634   1.00 24.18 ? 45  THR A OG1 1 
ATOM   318  C  CG2 . THR A 1 45  ? -1.105  -13.447 7.846   1.00 22.33 ? 45  THR A CG2 1 
ATOM   319  N  N   . THR A 1 46  ? -1.368  -17.422 10.058  1.00 26.06 ? 46  THR A N   1 
ATOM   320  C  CA  . THR A 1 46  ? -2.050  -18.433 10.903  1.00 27.69 ? 46  THR A CA  1 
ATOM   321  C  C   . THR A 1 46  ? -3.190  -17.727 11.655  1.00 26.33 ? 46  THR A C   1 
ATOM   322  O  O   . THR A 1 46  ? -4.270  -18.298 11.717  1.00 30.10 ? 46  THR A O   1 
ATOM   323  C  CB  . THR A 1 46  ? -1.011  -19.190 11.734  1.00 27.24 ? 46  THR A CB  1 
ATOM   324  O  OG1 . THR A 1 46  ? -0.277  -18.280 12.539  1.00 33.91 ? 46  THR A OG1 1 
ATOM   325  C  CG2 . THR A 1 46  ? -0.002  -19.904 10.871  1.00 29.87 ? 46  THR A CG2 1 
ATOM   326  N  N   . ALA A 1 47  ? -2.939  -16.550 12.238  1.00 26.69 ? 47  ALA A N   1 
ATOM   327  C  CA  . ALA A 1 47  ? -3.931  -15.792 13.044  1.00 23.44 ? 47  ALA A CA  1 
ATOM   328  C  C   . ALA A 1 47  ? -4.717  -14.848 12.127  1.00 23.71 ? 47  ALA A C   1 
ATOM   329  O  O   . ALA A 1 47  ? -4.115  -14.281 11.179  1.00 23.67 ? 47  ALA A O   1 
ATOM   330  C  CB  . ALA A 1 47  ? -3.244  -15.047 14.154  1.00 26.50 ? 47  ALA A CB  1 
ATOM   331  N  N   . GLN A 1 48  ? -6.030  -14.711 12.345  1.00 22.42 ? 48  GLN A N   1 
ATOM   332  C  CA  . GLN A 1 48  ? -6.848  -13.682 11.648  1.00 21.57 ? 48  GLN A CA  1 
ATOM   333  C  C   . GLN A 1 48  ? -6.459  -12.278 12.103  1.00 17.60 ? 48  GLN A C   1 
ATOM   334  O  O   . GLN A 1 48  ? -6.040  -12.061 13.258  1.00 21.75 ? 48  GLN A O   1 
ATOM   335  C  CB  . GLN A 1 48  ? -8.336  -13.925 11.888  1.00 22.91 ? 48  GLN A CB  1 
ATOM   336  C  CG  . GLN A 1 48  ? -8.914  -15.093 11.127  1.00 28.21 ? 48  GLN A CG  1 
ATOM   337  C  CD  . GLN A 1 48  ? -10.408 -14.978 11.276  1.00 36.14 ? 48  GLN A CD  1 
ATOM   338  O  OE1 . GLN A 1 48  ? -10.947 -15.208 12.353  1.00 43.27 ? 48  GLN A OE1 1 
ATOM   339  N  NE2 . GLN A 1 48  ? -11.074 -14.498 10.240  1.00 40.50 ? 48  GLN A NE2 1 
ATOM   340  N  N   . GLY A 1 49  ? -6.513  -11.327 11.152  1.00 20.40 ? 49  GLY A N   1 
ATOM   341  C  CA  . GLY A 1 49  ? -6.149  -9.921  11.400  1.00 20.08 ? 49  GLY A CA  1 
ATOM   342  C  C   . GLY A 1 49  ? -7.339  -9.013  11.596  1.00 18.41 ? 49  GLY A C   1 
ATOM   343  O  O   . GLY A 1 49  ? -8.469  -9.435  11.448  1.00 19.19 ? 49  GLY A O   1 
ATOM   344  N  N   . CYS A 1 50  ? -7.025  -7.791  11.973  1.00 18.97 ? 50  CYS A N   1 
ATOM   345  C  CA  . CYS A 1 50  ? -7.973  -6.816  12.523  1.00 18.53 ? 50  CYS A CA  1 
ATOM   346  C  C   . CYS A 1 50  ? -8.421  -5.863  11.416  1.00 17.88 ? 50  CYS A C   1 
ATOM   347  O  O   . CYS A 1 50  ? -9.372  -5.174  11.668  1.00 20.93 ? 50  CYS A O   1 
ATOM   348  C  CB  . CYS A 1 50  ? -7.366  -6.021  13.675  1.00 19.03 ? 50  CYS A CB  1 
ATOM   349  S  SG  . CYS A 1 50  ? -7.080  -6.950  15.213  1.00 22.64 ? 50  CYS A SG  1 
ATOM   350  N  N   . ASP A 1 51  ? -7.806  -5.871  10.238  1.00 18.40 ? 51  ASP A N   1 
ATOM   351  C  CA  . ASP A 1 51  ? -8.126  -4.829  9.227   1.00 16.49 ? 51  ASP A CA  1 
ATOM   352  C  C   . ASP A 1 51  ? -9.254  -5.235  8.307   1.00 16.47 ? 51  ASP A C   1 
ATOM   353  O  O   . ASP A 1 51  ? -9.388  -6.400  7.956   1.00 18.37 ? 51  ASP A O   1 
ATOM   354  C  CB  . ASP A 1 51  ? -6.880  -4.455  8.427   1.00 18.41 ? 51  ASP A CB  1 
ATOM   355  C  CG  . ASP A 1 51  ? -5.771  -3.912  9.271   1.00 18.12 ? 51  ASP A CG  1 
ATOM   356  O  OD1 . ASP A 1 51  ? -6.013  -3.068  10.145  1.00 22.67 ? 51  ASP A OD1 1 
ATOM   357  O  OD2 . ASP A 1 51  ? -4.600  -4.261  8.996   1.00 19.71 ? 51  ASP A OD2 1 
ATOM   358  N  N   . THR A 1 52  ? -9.997  -4.219  7.842   1.00 14.94 ? 52  THR A N   1 
ATOM   359  C  CA  . THR A 1 52  ? -11.070 -4.315  6.837   1.00 16.84 ? 52  THR A CA  1 
ATOM   360  C  C   . THR A 1 52  ? -10.641 -3.510  5.599   1.00 13.70 ? 52  THR A C   1 
ATOM   361  O  O   . THR A 1 52  ? -10.118 -2.409  5.782   1.00 15.23 ? 52  THR A O   1 
ATOM   362  C  CB  . THR A 1 52  ? -12.386 -3.756  7.383   1.00 17.73 ? 52  THR A CB  1 
ATOM   363  O  OG1 . THR A 1 52  ? -12.822 -4.573  8.485   1.00 21.43 ? 52  THR A OG1 1 
ATOM   364  C  CG2 . THR A 1 52  ? -13.521 -3.772  6.376   1.00 20.33 ? 52  THR A CG2 1 
ATOM   365  N  N   . ILE A 1 53  ? -10.831 -4.060  4.422   1.00 13.48 ? 53  ILE A N   1 
ATOM   366  C  CA  . ILE A 1 53  ? -10.458 -3.369  3.174   1.00 12.86 ? 53  ILE A CA  1 
ATOM   367  C  C   . ILE A 1 53  ? -11.636 -2.505  2.766   1.00 12.65 ? 53  ILE A C   1 
ATOM   368  O  O   . ILE A 1 53  ? -12.788 -2.968  2.710   1.00 12.59 ? 53  ILE A O   1 
ATOM   369  C  CB  . ILE A 1 53  ? -10.031 -4.346  2.062   1.00 13.73 ? 53  ILE A CB  1 
ATOM   370  C  CG1 . ILE A 1 53  ? -8.943  -5.326  2.518   1.00 13.99 ? 53  ILE A CG1 1 
ATOM   371  C  CG2 . ILE A 1 53  ? -9.588  -3.603  0.812   1.00 13.41 ? 53  ILE A CG2 1 
ATOM   372  C  CD1 . ILE A 1 53  ? -7.715  -4.672  3.091   1.00 15.44 ? 53  ILE A CD1 1 
ATOM   373  N  N   . ALA A 1 54  ? -11.358 -1.279  2.385   1.00 12.40 ? 54  ALA A N   1 
ATOM   374  C  CA  . ALA A 1 54  ? -12.329 -0.359  1.790   1.00 12.75 ? 54  ALA A CA  1 
ATOM   375  C  C   . ALA A 1 54  ? -12.792 -0.884  0.435   1.00 11.40 ? 54  ALA A C   1 
ATOM   376  O  O   . ALA A 1 54  ? -11.955 -1.403  -0.340  1.00 11.79 ? 54  ALA A O   1 
ATOM   377  C  CB  . ALA A 1 54  ? -11.693 0.984   1.664   1.00 12.17 ? 54  ALA A CB  1 
ATOM   378  N  N   . ARG A 1 55  ? -14.100 -0.742  0.156   1.00 12.33 ? 55  ARG A N   1 
ATOM   379  C  CA  . ARG A 1 55  ? -14.625 -1.082  -1.186  1.00 12.25 ? 55  ARG A CA  1 
ATOM   380  C  C   . ARG A 1 55  ? -15.397 0.140   -1.612  1.00 11.60 ? 55  ARG A C   1 
ATOM   381  O  O   . ARG A 1 55  ? -16.542 0.296   -1.222  1.00 13.41 ? 55  ARG A O   1 
ATOM   382  C  CB  . ARG A 1 55  ? -15.480 -2.348  -1.135  1.00 13.22 ? 55  ARG A CB  1 
ATOM   383  C  CG  . ARG A 1 55  ? -14.730 -3.594  -0.652  1.00 14.21 ? 55  ARG A CG  1 
ATOM   384  C  CD  . ARG A 1 55  ? -13.551 -4.058  -1.501  1.00 14.33 ? 55  ARG A CD  1 
ATOM   385  N  NE  . ARG A 1 55  ? -12.835 -5.184  -0.859  1.00 15.57 ? 55  ARG A NE  1 
ATOM   386  C  CZ  . ARG A 1 55  ? -11.579 -5.574  -1.168  1.00 14.89 ? 55  ARG A CZ  1 
ATOM   387  N  NH1 . ARG A 1 55  ? -10.918 -5.002  -2.135  1.00 13.74 ? 55  ARG A NH1 1 
ATOM   388  N  NH2 . ARG A 1 55  ? -10.988 -6.586  -0.541  1.00 16.59 ? 55  ARG A NH2 1 
ATOM   389  N  N   . CYS A 1 56  ? -14.777 0.985   -2.413  1.00 11.74 ? 56  CYS A N   1 
ATOM   390  C  CA  . CYS A 1 56  ? -15.248 2.361   -2.620  1.00 11.37 ? 56  CYS A CA  1 
ATOM   391  C  C   . CYS A 1 56  ? -14.355 3.064   -3.637  1.00 11.85 ? 56  CYS A C   1 
ATOM   392  O  O   . CYS A 1 56  ? -13.307 2.502   -4.040  1.00 12.52 ? 56  CYS A O   1 
ATOM   393  C  CB  . CYS A 1 56  ? -15.157 3.123   -1.287  1.00 11.00 ? 56  CYS A CB  1 
ATOM   394  S  SG  . CYS A 1 56  ? -13.453 3.491   -0.785  1.00 12.17 ? 56  CYS A SG  1 
ATOM   395  N  N   A ASP A 1 57  ? -14.734 4.280   -4.048  0.25 12.79 ? 57  ASP A N   1 
ATOM   396  N  N   B ASP A 1 57  ? -14.786 4.299   -3.912  0.25 12.86 ? 57  ASP A N   1 
ATOM   397  C  CA  A ASP A 1 57  ? -13.853 5.161   -4.864  0.25 13.23 ? 57  ASP A CA  1 
ATOM   398  C  CA  B ASP A 1 57  ? -14.191 5.254   -4.870  0.25 13.29 ? 57  ASP A CA  1 
ATOM   399  C  C   A ASP A 1 57  ? -13.570 6.467   -4.116  0.25 13.42 ? 57  ASP A C   1 
ATOM   400  C  C   B ASP A 1 57  ? -13.617 6.471   -4.123  0.25 13.81 ? 57  ASP A C   1 
ATOM   401  O  O   A ASP A 1 57  ? -13.484 7.510   -4.756  0.25 14.33 ? 57  ASP A O   1 
ATOM   402  O  O   B ASP A 1 57  ? -13.338 7.460   -4.789  0.25 14.76 ? 57  ASP A O   1 
ATOM   403  C  CB  A ASP A 1 57  ? -14.409 5.429   -6.266  0.25 13.55 ? 57  ASP A CB  1 
ATOM   404  C  CB  B ASP A 1 57  ? -15.253 5.613   -5.920  0.25 14.59 ? 57  ASP A CB  1 
ATOM   405  C  CG  A ASP A 1 57  ? -15.710 6.202   -6.304  0.25 15.51 ? 57  ASP A CG  1 
ATOM   406  C  CG  B ASP A 1 57  ? -14.721 6.258   -7.189  0.25 17.49 ? 57  ASP A CG  1 
ATOM   407  O  OD1 A ASP A 1 57  ? -16.247 6.537   -5.251  0.25 14.92 ? 57  ASP A OD1 1 
ATOM   408  O  OD1 B ASP A 1 57  ? -13.632 5.873   -7.654  0.25 18.68 ? 57  ASP A OD1 1 
ATOM   409  O  OD2 A ASP A 1 57  ? -16.176 6.439   -7.440  0.25 18.19 ? 57  ASP A OD2 1 
ATOM   410  O  OD2 B ASP A 1 57  ? -15.397 7.167   -7.689  0.25 20.05 ? 57  ASP A OD2 1 
ATOM   411  N  N   . CYS A 1 58  ? -13.464 6.411   -2.806  1.00 12.32 ? 58  CYS A N   1 
ATOM   412  C  CA  . CYS A 1 58  ? -12.992 7.595   -2.038  1.00 11.79 ? 58  CYS A CA  1 
ATOM   413  C  C   . CYS A 1 58  ? -11.679 8.135   -2.605  1.00 11.58 ? 58  CYS A C   1 
ATOM   414  O  O   . CYS A 1 58  ? -10.788 7.366   -3.037  1.00 12.30 ? 58  CYS A O   1 
ATOM   415  C  CB  . CYS A 1 58  ? -12.753 7.315   -0.570  1.00 13.49 ? 58  CYS A CB  1 
ATOM   416  S  SG  . CYS A 1 58  ? -14.274 7.019   0.352   1.00 13.49 ? 58  CYS A SG  1 
ATOM   417  N  N   . GLN A 1 59  ? -11.566 9.455   -2.519  1.00 12.48 ? 59  GLN A N   1 
ATOM   418  C  CA  . GLN A 1 59  ? -10.329 10.191  -2.816  1.00 12.19 ? 59  GLN A CA  1 
ATOM   419  C  C   . GLN A 1 59  ? -9.940  11.053  -1.636  1.00 10.59 ? 59  GLN A C   1 
ATOM   420  O  O   . GLN A 1 59  ? -9.071  11.919  -1.801  1.00 12.78 ? 59  GLN A O   1 
ATOM   421  C  CB  . GLN A 1 59  ? -10.437 11.052  -4.077  1.00 13.57 ? 59  GLN A CB  1 
ATOM   422  C  CG  . GLN A 1 59  ? -10.431 10.250  -5.364  1.00 15.68 ? 59  GLN A CG  1 
ATOM   423  C  CD  . GLN A 1 59  ? -10.369 11.183  -6.564  1.00 15.99 ? 59  GLN A CD  1 
ATOM   424  O  OE1 . GLN A 1 59  ? -11.384 11.441  -7.225  1.00 18.04 ? 59  GLN A OE1 1 
ATOM   425  N  NE2 . GLN A 1 59  ? -9.200  11.763  -6.838  1.00 16.06 ? 59  GLN A NE2 1 
ATOM   426  N  N   . THR A 1 60  ? -10.442 10.790  -0.456  1.00 11.41 ? 60  THR A N   1 
ATOM   427  C  CA  . THR A 1 60  ? -9.938  11.419  0.773   1.00 12.04 ? 60  THR A CA  1 
ATOM   428  C  C   . THR A 1 60  ? -9.785  10.380  1.863   1.00 12.66 ? 60  THR A C   1 
ATOM   429  O  O   . THR A 1 60  ? -10.542 9.395   1.894   1.00 13.53 ? 60  THR A O   1 
ATOM   430  C  CB  . THR A 1 60  ? -10.792 12.579  1.264   1.00 14.57 ? 60  THR A CB  1 
ATOM   431  O  OG1 . THR A 1 60  ? -12.002 11.986  1.659   1.00 19.17 ? 60  THR A OG1 1 
ATOM   432  C  CG2 . THR A 1 60  ? -10.970 13.652  0.227   1.00 15.46 ? 60  THR A CG2 1 
ATOM   433  N  N   . GLY A 1 61  ? -8.764  10.546  2.671   1.00 11.13 ? 61  GLY A N   1 
ATOM   434  C  CA  . GLY A 1 61  ? -8.479  9.579   3.722   1.00 11.53 ? 61  GLY A CA  1 
ATOM   435  C  C   . GLY A 1 61  ? -7.381  10.103  4.624   1.00 11.04 ? 61  GLY A C   1 
ATOM   436  O  O   . GLY A 1 61  ? -7.109  11.307  4.628   1.00 12.27 ? 61  GLY A O   1 
ATOM   437  N  N   . VAL A 1 62  ? -6.844  9.218   5.432   1.00 9.80  ? 62  VAL A N   1 
ATOM   438  C  CA  . VAL A 1 62  ? -5.792  9.559   6.404   1.00 9.74  ? 62  VAL A CA  1 
ATOM   439  C  C   . VAL A 1 62  ? -4.705  8.531   6.248   1.00 10.78 ? 62  VAL A C   1 
ATOM   440  O  O   . VAL A 1 62  ? -5.013  7.329   6.193   1.00 11.72 ? 62  VAL A O   1 
ATOM   441  C  CB  . VAL A 1 62  ? -6.375  9.544   7.822   1.00 10.71 ? 62  VAL A CB  1 
ATOM   442  C  CG1 . VAL A 1 62  ? -5.275  9.737   8.839   1.00 11.56 ? 62  VAL A CG1 1 
ATOM   443  C  CG2 . VAL A 1 62  ? -7.411  10.655  7.974   1.00 11.87 ? 62  VAL A CG2 1 
ATOM   444  N  N   . TYR A 1 63  ? -3.431  8.933   6.221   1.00 10.74 ? 63  TYR A N   1 
ATOM   445  C  CA  . TYR A 1 63  ? -2.347  7.946   6.136   1.00 10.16 ? 63  TYR A CA  1 
ATOM   446  C  C   . TYR A 1 63  ? -1.355  8.138   7.272   1.00 11.08 ? 63  TYR A C   1 
ATOM   447  O  O   . TYR A 1 63  ? -1.220  9.235   7.832   1.00 11.66 ? 63  TYR A O   1 
ATOM   448  C  CB  . TYR A 1 63  ? -1.599  8.001   4.803   1.00 11.18 ? 63  TYR A CB  1 
ATOM   449  C  CG  . TYR A 1 63  ? -0.497  9.025   4.690   1.00 11.01 ? 63  TYR A CG  1 
ATOM   450  C  CD1 . TYR A 1 63  ? -0.808  10.358  4.482   1.00 11.30 ? 63  TYR A CD1 1 
ATOM   451  C  CD2 . TYR A 1 63  ? 0.842   8.678   4.780   1.00 11.19 ? 63  TYR A CD2 1 
ATOM   452  C  CE1 . TYR A 1 63  ? 0.200   11.324  4.371   1.00 12.85 ? 63  TYR A CE1 1 
ATOM   453  C  CE2 . TYR A 1 63  ? 1.856   9.630   4.697   1.00 11.00 ? 63  TYR A CE2 1 
ATOM   454  C  CZ  . TYR A 1 63  ? 1.515   10.950  4.464   1.00 11.39 ? 63  TYR A CZ  1 
ATOM   455  O  OH  . TYR A 1 63  ? 2.502   11.920  4.359   1.00 12.25 ? 63  TYR A OH  1 
ATOM   456  N  N   . TYR A 1 64  ? -0.710  7.069   7.625   1.00 10.68 ? 64  TYR A N   1 
ATOM   457  C  CA  . TYR A 1 64  ? 0.343   7.074   8.660   1.00 10.86 ? 64  TYR A CA  1 
ATOM   458  C  C   . TYR A 1 64  ? 1.699   7.279   8.011   1.00 11.57 ? 64  TYR A C   1 
ATOM   459  O  O   . TYR A 1 64  ? 2.150   6.506   7.151   1.00 11.52 ? 64  TYR A O   1 
ATOM   460  C  CB  . TYR A 1 64  ? 0.370   5.774   9.468   1.00 11.51 ? 64  TYR A CB  1 
ATOM   461  C  CG  . TYR A 1 64  ? 1.423   5.849   10.525  1.00 12.28 ? 64  TYR A CG  1 
ATOM   462  C  CD1 . TYR A 1 64  ? 1.308   6.822   11.506  1.00 13.28 ? 64  TYR A CD1 1 
ATOM   463  C  CD2 . TYR A 1 64  ? 2.468   4.939   10.564  1.00 12.67 ? 64  TYR A CD2 1 
ATOM   464  C  CE1 . TYR A 1 64  ? 2.299   6.937   12.485  1.00 14.38 ? 64  TYR A CE1 1 
ATOM   465  C  CE2 . TYR A 1 64  ? 3.468   5.049   11.530  1.00 14.69 ? 64  TYR A CE2 1 
ATOM   466  C  CZ  . TYR A 1 64  ? 3.337   6.018   12.495  1.00 14.41 ? 64  TYR A CZ  1 
ATOM   467  O  OH  . TYR A 1 64  ? 4.316   6.135   13.466  1.00 16.99 ? 64  TYR A OH  1 
ATOM   468  N  N   . CYS A 1 65  ? 2.407   8.252   8.556   1.00 11.97 ? 65  CYS A N   1 
ATOM   469  C  CA  . CYS A 1 65  ? 3.775   8.634   8.190   1.00 12.11 ? 65  CYS A CA  1 
ATOM   470  C  C   . CYS A 1 65  ? 4.755   8.314   9.322   1.00 11.53 ? 65  CYS A C   1 
ATOM   471  O  O   . CYS A 1 65  ? 4.884   9.138   10.260  1.00 12.39 ? 65  CYS A O   1 
ATOM   472  C  CB  . CYS A 1 65  ? 3.812   10.094  7.819   1.00 11.60 ? 65  CYS A CB  1 
ATOM   473  S  SG  . CYS A 1 65  ? 5.438   10.700  7.344   1.00 12.77 ? 65  CYS A SG  1 
ATOM   474  N  N   . SER A 1 66  ? 5.479   7.219   9.241   1.00 12.54 ? 66  SER A N   1 
ATOM   475  C  CA  . SER A 1 66  ? 6.398   6.810   10.318  1.00 13.51 ? 66  SER A CA  1 
ATOM   476  C  C   . SER A 1 66  ? 7.518   7.818   10.513  1.00 11.93 ? 66  SER A C   1 
ATOM   477  O  O   . SER A 1 66  ? 7.924   8.015   11.660  1.00 13.73 ? 66  SER A O   1 
ATOM   478  C  CB  . SER A 1 66  ? 6.920   5.422   10.100  1.00 14.57 ? 66  SER A CB  1 
ATOM   479  O  OG  . SER A 1 66  ? 7.761   5.308   8.987   1.00 19.19 ? 66  SER A OG  1 
ATOM   480  N  N   . SER A 1 67  ? 7.951   8.512   9.468   1.00 11.06 ? 67  SER A N   1 
ATOM   481  C  CA  . SER A 1 67  ? 9.112   9.431   9.553   1.00 11.40 ? 67  SER A CA  1 
ATOM   482  C  C   . SER A 1 67  ? 8.650   10.758  10.184  1.00 12.29 ? 67  SER A C   1 
ATOM   483  O  O   . SER A 1 67  ? 9.545   11.614  10.477  1.00 11.99 ? 67  SER A O   1 
ATOM   484  C  CB  . SER A 1 67  ? 9.755   9.660   8.261   1.00 11.76 ? 67  SER A CB  1 
ATOM   485  O  OG  . SER A 1 67  ? 8.888   10.301  7.322   1.00 12.36 ? 67  SER A OG  1 
ATOM   486  N  N   . ARG A 1 68  ? 7.394   10.863  10.605  1.00 11.58 ? 68  ARG A N   1 
ATOM   487  C  CA  . ARG A 1 68  ? 6.864   12.006  11.373  1.00 11.68 ? 68  ARG A CA  1 
ATOM   488  C  C   . ARG A 1 68  ? 6.141   11.521  12.620  1.00 11.78 ? 68  ARG A C   1 
ATOM   489  O  O   . ARG A 1 68  ? 5.674   12.375  13.369  1.00 13.43 ? 68  ARG A O   1 
ATOM   490  C  CB  . ARG A 1 68  ? 5.937   12.840  10.498  1.00 12.12 ? 68  ARG A CB  1 
ATOM   491  C  CG  . ARG A 1 68  ? 6.591   13.477  9.301   1.00 12.87 ? 68  ARG A CG  1 
ATOM   492  C  CD  . ARG A 1 68  ? 7.469   14.648  9.761   1.00 13.75 ? 68  ARG A CD  1 
ATOM   493  N  NE  . ARG A 1 68  ? 8.132   15.287  8.653   1.00 14.44 ? 68  ARG A NE  1 
ATOM   494  C  CZ  . ARG A 1 68  ? 9.317   14.942  8.188   1.00 13.27 ? 68  ARG A CZ  1 
ATOM   495  N  NH1 . ARG A 1 68  ? 10.030  14.005  8.784   1.00 14.36 ? 68  ARG A NH1 1 
ATOM   496  N  NH2 . ARG A 1 68  ? 9.825   15.593  7.158   1.00 14.42 ? 68  ARG A NH2 1 
ATOM   497  N  N   . ARG A 1 69  ? 6.006   10.228  12.828  1.00 12.75 ? 69  ARG A N   1 
ATOM   498  C  CA  . ARG A 1 69  ? 5.135   9.663   13.883  1.00 13.13 ? 69  ARG A CA  1 
ATOM   499  C  C   . ARG A 1 69  ? 3.783   10.365  13.866  1.00 15.06 ? 69  ARG A C   1 
ATOM   500  O  O   . ARG A 1 69  ? 3.273   10.732  14.943  1.00 16.24 ? 69  ARG A O   1 
ATOM   501  C  CB  . ARG A 1 69  ? 5.828   9.806   15.248  1.00 13.78 ? 69  ARG A CB  1 
ATOM   502  C  CG  . ARG A 1 69  ? 7.055   8.937   15.411  1.00 14.90 ? 69  ARG A CG  1 
ATOM   503  C  CD  . ARG A 1 69  ? 7.599   9.054   16.818  1.00 15.98 ? 69  ARG A CD  1 
ATOM   504  N  NE  . ARG A 1 69  ? 8.858   8.289   17.041  1.00 18.12 ? 69  ARG A NE  1 
ATOM   505  C  CZ  . ARG A 1 69  ? 10.031  8.833   17.380  1.00 18.46 ? 69  ARG A CZ  1 
ATOM   506  N  NH1 . ARG A 1 69  ? 10.170  10.147  17.471  1.00 18.39 ? 69  ARG A NH1 1 
ATOM   507  N  NH2 . ARG A 1 69  ? 11.085  8.042   17.546  1.00 18.50 ? 69  ARG A NH2 1 
ATOM   508  N  N   . LYS A 1 70  ? 3.177   10.492  12.683  1.00 14.68 ? 70  LYS A N   1 
ATOM   509  C  CA  . LYS A 1 70  ? 1.937   11.298  12.554  1.00 15.85 ? 70  LYS A CA  1 
ATOM   510  C  C   . LYS A 1 70  ? 1.051   10.679  11.488  1.00 14.46 ? 70  LYS A C   1 
ATOM   511  O  O   . LYS A 1 70  ? 1.610   10.149  10.527  1.00 14.37 ? 70  LYS A O   1 
ATOM   512  C  CB  . LYS A 1 70  ? 2.208   12.757  12.188  1.00 17.81 ? 70  LYS A CB  1 
ATOM   513  C  CG  . LYS A 1 70  ? 2.607   13.629  13.370  1.00 25.15 ? 70  LYS A CG  1 
ATOM   514  C  CD  . LYS A 1 70  ? 2.466   15.107  13.094  1.00 30.58 ? 70  LYS A CD  1 
ATOM   515  C  CE  . LYS A 1 70  ? 3.005   15.967  14.225  1.00 36.01 ? 70  LYS A CE  1 
ATOM   516  N  NZ  . LYS A 1 70  ? 4.443   15.710  14.483  1.00 45.71 ? 70  LYS A NZ  1 
ATOM   517  N  N   . HIS A 1 71  ? -0.246  10.805  11.710  1.00 12.84 ? 71  HIS A N   1 
ATOM   518  C  CA  . HIS A 1 71  ? -1.271  10.534  10.699  1.00 13.53 ? 71  HIS A CA  1 
ATOM   519  C  C   . HIS A 1 71  ? -1.663  11.838  10.079  1.00 13.75 ? 71  HIS A C   1 
ATOM   520  O  O   . HIS A 1 71  ? -1.829  12.856  10.812  1.00 17.38 ? 71  HIS A O   1 
ATOM   521  C  CB  . HIS A 1 71  ? -2.480  9.821   11.284  1.00 13.54 ? 71  HIS A CB  1 
ATOM   522  C  CG  . HIS A 1 71  ? -2.219  8.470   11.817  1.00 13.84 ? 71  HIS A CG  1 
ATOM   523  N  ND1 . HIS A 1 71  ? -2.542  7.240   11.208  1.00 15.08 ? 71  HIS A ND1 1 
ATOM   524  C  CD2 . HIS A 1 71  ? -1.614  8.169   12.962  1.00 15.02 ? 71  HIS A CD2 1 
ATOM   525  C  CE1 . HIS A 1 71  ? -2.145  6.261   11.992  1.00 13.40 ? 71  HIS A CE1 1 
ATOM   526  N  NE2 . HIS A 1 71  ? -1.621  6.808   13.093  1.00 18.40 ? 71  HIS A NE2 1 
ATOM   527  N  N   . TYR A 1 72  ? -1.803  11.894  8.757   1.00 11.45 ? 72  TYR A N   1 
ATOM   528  C  CA  . TYR A 1 72  ? -2.180  13.110  8.043   1.00 11.96 ? 72  TYR A CA  1 
ATOM   529  C  C   . TYR A 1 72  ? -3.431  12.857  7.219   1.00 11.87 ? 72  TYR A C   1 
ATOM   530  O  O   . TYR A 1 72  ? -3.466  11.887  6.465   1.00 12.61 ? 72  TYR A O   1 
ATOM   531  C  CB  . TYR A 1 72  ? -1.053  13.502  7.086   1.00 13.10 ? 72  TYR A CB  1 
ATOM   532  C  CG  . TYR A 1 72  ? 0.223   13.954  7.730   1.00 13.51 ? 72  TYR A CG  1 
ATOM   533  C  CD1 . TYR A 1 72  ? 0.338   15.225  8.280   1.00 15.05 ? 72  TYR A CD1 1 
ATOM   534  C  CD2 . TYR A 1 72  ? 1.312   13.115  7.813   1.00 13.81 ? 72  TYR A CD2 1 
ATOM   535  C  CE1 . TYR A 1 72  ? 1.506   15.633  8.914   1.00 15.73 ? 72  TYR A CE1 1 
ATOM   536  C  CE2 . TYR A 1 72  ? 2.512   13.522  8.381   1.00 14.66 ? 72  TYR A CE2 1 
ATOM   537  C  CZ  . TYR A 1 72  ? 2.585   14.785  8.925   1.00 14.29 ? 72  TYR A CZ  1 
ATOM   538  O  OH  . TYR A 1 72  ? 3.778   15.199  9.473   1.00 16.28 ? 72  TYR A OH  1 
ATOM   539  N  N   . PRO A 1 73  ? -4.372  13.797  7.202   1.00 12.01 ? 73  PRO A N   1 
ATOM   540  C  CA  . PRO A 1 73  ? -5.478  13.732  6.250   1.00 11.86 ? 73  PRO A CA  1 
ATOM   541  C  C   . PRO A 1 73  ? -4.992  14.184  4.875   1.00 13.05 ? 73  PRO A C   1 
ATOM   542  O  O   . PRO A 1 73  ? -4.345  15.217  4.748   1.00 15.45 ? 73  PRO A O   1 
ATOM   543  C  CB  . PRO A 1 73  ? -6.547  14.703  6.812   1.00 13.34 ? 73  PRO A CB  1 
ATOM   544  C  CG  . PRO A 1 73  ? -5.798  15.615  7.723   1.00 15.56 ? 73  PRO A CG  1 
ATOM   545  C  CD  . PRO A 1 73  ? -4.519  14.919  8.161   1.00 13.07 ? 73  PRO A CD  1 
ATOM   546  N  N   . VAL A 1 74  ? -5.377  13.456  3.853   1.00 11.78 ? 74  VAL A N   1 
ATOM   547  C  CA  . VAL A 1 74  ? -4.951  13.780  2.483   1.00 11.61 ? 74  VAL A CA  1 
ATOM   548  C  C   . VAL A 1 74  ? -6.081  13.536  1.500   1.00 11.49 ? 74  VAL A C   1 
ATOM   549  O  O   . VAL A 1 74  ? -6.999  12.697  1.692   1.00 12.23 ? 74  VAL A O   1 
ATOM   550  C  CB  . VAL A 1 74  ? -3.753  12.932  2.041   1.00 13.39 ? 74  VAL A CB  1 
ATOM   551  C  CG1 . VAL A 1 74  ? -2.487  13.363  2.751   1.00 14.42 ? 74  VAL A CG1 1 
ATOM   552  C  CG2 . VAL A 1 74  ? -3.955  11.438  2.187   1.00 14.90 ? 74  VAL A CG2 1 
ATOM   553  N  N   . SER A 1 75  ? -6.003  14.257  0.399   1.00 11.33 ? 75  SER A N   1 
ATOM   554  C  CA  . SER A 1 75  ? -6.749  13.964  -0.845  1.00 12.08 ? 75  SER A CA  1 
ATOM   555  C  C   . SER A 1 75  ? -5.771  13.209  -1.736  1.00 11.27 ? 75  SER A C   1 
ATOM   556  O  O   . SER A 1 75  ? -4.596  13.532  -1.750  1.00 11.98 ? 75  SER A O   1 
ATOM   557  C  CB  . SER A 1 75  ? -7.185  15.206  -1.531  1.00 15.05 ? 75  SER A CB  1 
ATOM   558  O  OG  . SER A 1 75  ? -8.031  16.003  -0.737  1.00 22.42 ? 75  SER A OG  1 
ATOM   559  N  N   . PHE A 1 76  ? -6.247  12.262  -2.504  1.00 11.09 ? 76  PHE A N   1 
ATOM   560  C  CA  . PHE A 1 76  ? -5.366  11.453  -3.360  1.00 11.32 ? 76  PHE A CA  1 
ATOM   561  C  C   . PHE A 1 76  ? -6.015  11.149  -4.688  1.00 11.69 ? 76  PHE A C   1 
ATOM   562  O  O   . PHE A 1 76  ? -7.273  11.099  -4.813  1.00 12.30 ? 76  PHE A O   1 
ATOM   563  C  CB  . PHE A 1 76  ? -4.945  10.160  -2.662  1.00 11.03 ? 76  PHE A CB  1 
ATOM   564  C  CG  . PHE A 1 76  ? -6.044  9.300   -2.086  1.00 10.63 ? 76  PHE A CG  1 
ATOM   565  C  CD1 . PHE A 1 76  ? -6.502  9.497   -0.805  1.00 11.25 ? 76  PHE A CD1 1 
ATOM   566  C  CD2 . PHE A 1 76  ? -6.659  8.305   -2.842  1.00 11.17 ? 76  PHE A CD2 1 
ATOM   567  C  CE1 . PHE A 1 76  ? -7.513  8.725   -0.258  1.00 11.71 ? 76  PHE A CE1 1 
ATOM   568  C  CE2 . PHE A 1 76  ? -7.664  7.529   -2.277  1.00 10.71 ? 76  PHE A CE2 1 
ATOM   569  C  CZ  . PHE A 1 76  ? -8.102  7.757   -1.004  1.00 11.59 ? 76  PHE A CZ  1 
ATOM   570  N  N   . SER A 1 77  ? -5.194  10.996  -5.702  1.00 11.88 ? 77  SER A N   1 
ATOM   571  C  CA  . SER A 1 77  ? -5.660  10.614  -7.057  1.00 12.08 ? 77  SER A CA  1 
ATOM   572  C  C   . SER A 1 77  ? -6.177  9.193   -7.082  1.00 12.80 ? 77  SER A C   1 
ATOM   573  O  O   . SER A 1 77  ? -5.786  8.373   -6.278  1.00 12.32 ? 77  SER A O   1 
ATOM   574  C  CB  . SER A 1 77  ? -4.548  10.850  -8.041  1.00 12.59 ? 77  SER A CB  1 
ATOM   575  O  OG  . SER A 1 77  ? -3.406  10.053  -7.774  1.00 14.61 ? 77  SER A OG  1 
ATOM   576  N  N   . LYS A 1 78  ? -7.036  8.897   -8.054  1.00 13.28 ? 78  LYS A N   1 
ATOM   577  C  CA  . LYS A 1 78  ? -7.498  7.515   -8.297  1.00 13.25 ? 78  LYS A CA  1 
ATOM   578  C  C   . LYS A 1 78  ? -6.343  6.668   -8.788  1.00 14.26 ? 78  LYS A C   1 
ATOM   579  O  O   . LYS A 1 78  ? -5.400  7.138   -9.423  1.00 14.29 ? 78  LYS A O   1 
ATOM   580  C  CB  . LYS A 1 78  ? -8.660  7.498   -9.271  1.00 15.06 ? 78  LYS A CB  1 
ATOM   581  C  CG  . LYS A 1 78  ? -9.885  8.225   -8.765  1.00 15.69 ? 78  LYS A CG  1 
ATOM   582  C  CD  . LYS A 1 78  ? -11.088 8.099   -9.706  1.00 17.69 ? 78  LYS A CD  1 
ATOM   583  C  CE  . LYS A 1 78  ? -12.311 8.732   -9.085  1.00 20.62 ? 78  LYS A CE  1 
ATOM   584  N  NZ  . LYS A 1 78  ? -13.537 8.536   -9.903  1.00 25.89 ? 78  LYS A NZ  1 
ATOM   585  N  N   . PRO A 1 79  ? -6.359  5.349   -8.510  1.00 13.09 ? 79  PRO A N   1 
ATOM   586  C  CA  . PRO A 1 79  ? -5.249  4.485   -8.868  1.00 13.60 ? 79  PRO A CA  1 
ATOM   587  C  C   . PRO A 1 79  ? -4.985  4.555   -10.369 1.00 14.51 ? 79  PRO A C   1 
ATOM   588  O  O   . PRO A 1 79  ? -5.916  4.389   -11.170 1.00 17.12 ? 79  PRO A O   1 
ATOM   589  C  CB  . PRO A 1 79  ? -5.671  3.074   -8.433  1.00 15.42 ? 79  PRO A CB  1 
ATOM   590  C  CG  . PRO A 1 79  ? -6.812  3.281   -7.503  1.00 16.29 ? 79  PRO A CG  1 
ATOM   591  C  CD  . PRO A 1 79  ? -7.401  4.666   -7.756  1.00 13.39 ? 79  PRO A CD  1 
ATOM   592  N  N   A SER A 1 80  ? -3.725  4.759   -10.749 0.25 15.10 ? 80  SER A N   1 
ATOM   593  N  N   B SER A 1 80  ? -3.721  4.670   -10.750 0.25 15.08 ? 80  SER A N   1 
ATOM   594  C  CA  A SER A 1 80  ? -3.323  4.872   -12.176 0.25 16.32 ? 80  SER A CA  1 
ATOM   595  C  CA  B SER A 1 80  ? -3.355  4.735   -12.183 0.25 16.02 ? 80  SER A CA  1 
ATOM   596  C  C   A SER A 1 80  ? -1.917  4.315   -12.400 0.25 16.71 ? 80  SER A C   1 
ATOM   597  C  C   B SER A 1 80  ? -1.925  4.263   -12.407 0.25 16.60 ? 80  SER A C   1 
ATOM   598  O  O   A SER A 1 80  ? -1.208  3.982   -11.422 0.25 14.79 ? 80  SER A O   1 
ATOM   599  O  O   B SER A 1 80  ? -1.234  3.896   -11.438 0.25 14.65 ? 80  SER A O   1 
ATOM   600  C  CB  A SER A 1 80  ? -3.343  6.302   -12.648 0.25 19.35 ? 80  SER A CB  1 
ATOM   601  C  CB  B SER A 1 80  ? -3.532  6.129   -12.689 0.25 18.49 ? 80  SER A CB  1 
ATOM   602  O  OG  A SER A 1 80  ? -4.300  7.075   -11.947 0.25 25.30 ? 80  SER A OG  1 
ATOM   603  O  OG  B SER A 1 80  ? -4.777  6.636   -12.246 0.25 23.98 ? 80  SER A OG  1 
ATOM   604  N  N   . LEU A 1 81  ? -1.493  4.312   -13.667 1.00 15.83 ? 81  LEU A N   1 
ATOM   605  C  CA  . LEU A 1 81  ? -0.148  3.911   -14.092 1.00 16.29 ? 81  LEU A CA  1 
ATOM   606  C  C   . LEU A 1 81  ? 0.692   5.163   -14.120 1.00 16.32 ? 81  LEU A C   1 
ATOM   607  O  O   . LEU A 1 81  ? 0.368   6.046   -14.960 1.00 17.91 ? 81  LEU A O   1 
ATOM   608  C  CB  . LEU A 1 81  ? -0.296  3.234   -15.460 1.00 18.25 ? 81  LEU A CB  1 
ATOM   609  C  CG  . LEU A 1 81  ? 1.009   2.750   -16.076 1.00 20.22 ? 81  LEU A CG  1 
ATOM   610  C  CD1 . LEU A 1 81  ? 1.702   1.701   -15.209 1.00 19.07 ? 81  LEU A CD1 1 
ATOM   611  C  CD2 . LEU A 1 81  ? 0.716   2.170   -17.465 1.00 22.90 ? 81  LEU A CD2 1 
ATOM   612  N  N   . ILE A 1 82  ? 1.688   5.266   -13.273 1.00 14.39 ? 82  ILE A N   1 
ATOM   613  C  CA  . ILE A 1 82  ? 2.422   6.504   -12.982 1.00 15.37 ? 82  ILE A CA  1 
ATOM   614  C  C   . ILE A 1 82  ? 3.910   6.243   -13.092 1.00 14.56 ? 82  ILE A C   1 
ATOM   615  O  O   . ILE A 1 82  ? 4.393   5.310   -12.473 1.00 14.80 ? 82  ILE A O   1 
ATOM   616  C  CB  . ILE A 1 82  ? 2.108   7.028   -11.565 1.00 17.77 ? 82  ILE A CB  1 
ATOM   617  C  CG1 . ILE A 1 82  ? 0.597   7.178   -11.381 1.00 18.27 ? 82  ILE A CG1 1 
ATOM   618  C  CG2 . ILE A 1 82  ? 2.898   8.295   -11.271 1.00 21.05 ? 82  ILE A CG2 1 
ATOM   619  C  CD1 . ILE A 1 82  ? -0.038  8.205   -12.274 1.00 23.84 ? 82  ILE A CD1 1 
ATOM   620  N  N   . PHE A 1 83  ? 4.645   7.166   -13.672 1.00 13.60 ? 83  PHE A N   1 
ATOM   621  C  CA  . PHE A 1 83  ? 6.103   7.125   -13.645 1.00 14.40 ? 83  PHE A CA  1 
ATOM   622  C  C   . PHE A 1 83  ? 6.589   7.512   -12.263 1.00 13.89 ? 83  PHE A C   1 
ATOM   623  O  O   . PHE A 1 83  ? 6.156   8.563   -11.712 1.00 14.67 ? 83  PHE A O   1 
ATOM   624  C  CB  . PHE A 1 83  ? 6.727   8.012   -14.731 1.00 14.87 ? 83  PHE A CB  1 
ATOM   625  C  CG  . PHE A 1 83  ? 8.201   7.778   -14.844 1.00 15.38 ? 83  PHE A CG  1 
ATOM   626  C  CD1 . PHE A 1 83  ? 8.666   6.583   -15.358 1.00 17.16 ? 83  PHE A CD1 1 
ATOM   627  C  CD2 . PHE A 1 83  ? 9.116   8.685   -14.374 1.00 17.66 ? 83  PHE A CD2 1 
ATOM   628  C  CE1 . PHE A 1 83  ? 10.031  6.353   -15.494 1.00 17.40 ? 83  PHE A CE1 1 
ATOM   629  C  CE2 . PHE A 1 83  ? 10.474  8.446   -14.493 1.00 20.24 ? 83  PHE A CE2 1 
ATOM   630  C  CZ  . PHE A 1 83  ? 10.917  7.277   -15.031 1.00 18.31 ? 83  PHE A CZ  1 
ATOM   631  N  N   . VAL A 1 84  ? 7.486   6.720   -11.708 1.00 14.57 ? 84  VAL A N   1 
ATOM   632  C  CA  . VAL A 1 84  ? 8.049   6.970   -10.373 1.00 13.70 ? 84  VAL A CA  1 
ATOM   633  C  C   . VAL A 1 84  ? 9.549   7.127   -10.551 1.00 13.18 ? 84  VAL A C   1 
ATOM   634  O  O   . VAL A 1 84  ? 10.225  6.186   -11.070 1.00 14.94 ? 84  VAL A O   1 
ATOM   635  C  CB  . VAL A 1 84  ? 7.674   5.846   -9.388  1.00 14.18 ? 84  VAL A CB  1 
ATOM   636  C  CG1 . VAL A 1 84  ? 8.212   6.133   -8.013  1.00 14.19 ? 84  VAL A CG1 1 
ATOM   637  C  CG2 . VAL A 1 84  ? 6.178   5.637   -9.394  1.00 14.29 ? 84  VAL A CG2 1 
ATOM   638  N  N   . GLU A 1 85  ? 10.139  8.171   -10.017 1.00 13.30 ? 85  GLU A N   1 
ATOM   639  C  CA  . GLU A 1 85  ? 11.580  8.358   -10.085 1.00 14.75 ? 85  GLU A CA  1 
ATOM   640  C  C   . GLU A 1 85  ? 12.276  7.310   -9.223  1.00 14.57 ? 85  GLU A C   1 
ATOM   641  O  O   . GLU A 1 85  ? 11.651  6.691   -8.312  1.00 14.90 ? 85  GLU A O   1 
ATOM   642  C  CB  . GLU A 1 85  ? 11.941  9.760   -9.634  1.00 15.53 ? 85  GLU A CB  1 
ATOM   643  C  CG  . GLU A 1 85  ? 11.393  10.840  -10.559 1.00 16.98 ? 85  GLU A CG  1 
ATOM   644  C  CD  . GLU A 1 85  ? 11.933  10.871  -11.979 1.00 19.23 ? 85  GLU A CD  1 
ATOM   645  O  OE1 . GLU A 1 85  ? 13.021  10.303  -12.251 1.00 21.76 ? 85  GLU A OE1 1 
ATOM   646  O  OE2 . GLU A 1 85  ? 11.253  11.456  -12.830 1.00 20.01 ? 85  GLU A OE2 1 
ATOM   647  N  N   . ALA A 1 86  ? 13.574  7.132   -9.426  1.00 16.06 ? 86  ALA A N   1 
ATOM   648  C  CA  . ALA A 1 86  ? 14.375  6.149   -8.675  1.00 16.07 ? 86  ALA A CA  1 
ATOM   649  C  C   . ALA A 1 86  ? 14.305  6.471   -7.202  1.00 17.08 ? 86  ALA A C   1 
ATOM   650  O  O   . ALA A 1 86  ? 14.330  7.643   -6.833  1.00 16.47 ? 86  ALA A O   1 
ATOM   651  C  CB  . ALA A 1 86  ? 15.797  6.204   -9.178  1.00 16.64 ? 86  ALA A CB  1 
ATOM   652  N  N   . SER A 1 87  ? 14.277  5.429   -6.373  1.00 17.14 ? 87  SER A N   1 
ATOM   653  C  CA  . SER A 1 87  ? 14.250  5.522   -4.905  1.00 19.05 ? 87  SER A CA  1 
ATOM   654  C  C   . SER A 1 87  ? 15.383  4.652   -4.382  1.00 18.95 ? 87  SER A C   1 
ATOM   655  O  O   . SER A 1 87  ? 16.079  3.955   -5.198  1.00 19.37 ? 87  SER A O   1 
ATOM   656  C  CB  . SER A 1 87  ? 12.932  5.036   -4.341  1.00 17.86 ? 87  SER A CB  1 
ATOM   657  O  OG  . SER A 1 87  ? 12.760  3.656   -4.579  1.00 17.71 ? 87  SER A OG  1 
ATOM   658  N  N   . GLU A 1 88  ? 15.515  4.576   -3.064  1.00 20.78 ? 88  GLU A N   1 
ATOM   659  C  CA  . GLU A 1 88  ? 16.528  3.662   -2.486  1.00 21.13 ? 88  GLU A CA  1 
ATOM   660  C  C   . GLU A 1 88  ? 16.224  2.212   -2.841  1.00 20.98 ? 88  GLU A C   1 
ATOM   661  O  O   . GLU A 1 88  ? 17.175  1.421   -2.780  1.00 21.56 ? 88  GLU A O   1 
ATOM   662  C  CB  . GLU A 1 88  ? 16.727  3.947   -0.997  1.00 23.93 ? 88  GLU A CB  1 
ATOM   663  C  CG  . GLU A 1 88  ? 15.982  3.049   -0.050  1.00 33.73 ? 88  GLU A CG  1 
ATOM   664  C  CD  . GLU A 1 88  ? 16.310  3.303   1.421   1.00 36.37 ? 88  GLU A CD  1 
ATOM   665  O  OE1 . GLU A 1 88  ? 16.974  4.337   1.719   1.00 40.42 ? 88  GLU A OE1 1 
ATOM   666  O  OE2 . GLU A 1 88  ? 15.853  2.485   2.267   1.00 39.02 ? 88  GLU A OE2 1 
ATOM   667  N  N   . TYR A 1 89  ? 14.981  1.836   -3.164  1.00 18.00 ? 89  TYR A N   1 
ATOM   668  C  CA  . TYR A 1 89  ? 14.567  0.410   -3.266  1.00 17.77 ? 89  TYR A CA  1 
ATOM   669  C  C   . TYR A 1 89  ? 14.079  0.016   -4.655  1.00 18.20 ? 89  TYR A C   1 
ATOM   670  O  O   . TYR A 1 89  ? 13.849  -1.194  -4.937  1.00 19.11 ? 89  TYR A O   1 
ATOM   671  C  CB  . TYR A 1 89  ? 13.506  0.085   -2.211  1.00 16.65 ? 89  TYR A CB  1 
ATOM   672  C  CG  . TYR A 1 89  ? 12.361  1.073   -2.155  1.00 16.49 ? 89  TYR A CG  1 
ATOM   673  C  CD1 . TYR A 1 89  ? 12.453  2.196   -1.365  1.00 17.22 ? 89  TYR A CD1 1 
ATOM   674  C  CD2 . TYR A 1 89  ? 11.188  0.869   -2.856  1.00 16.21 ? 89  TYR A CD2 1 
ATOM   675  C  CE1 . TYR A 1 89  ? 11.440  3.134   -1.316  1.00 17.02 ? 89  TYR A CE1 1 
ATOM   676  C  CE2 . TYR A 1 89  ? 10.156  1.793   -2.817  1.00 16.08 ? 89  TYR A CE2 1 
ATOM   677  C  CZ  . TYR A 1 89  ? 10.269  2.886   -1.997  1.00 15.05 ? 89  TYR A CZ  1 
ATOM   678  O  OH  . TYR A 1 89  ? 9.291   3.835   -1.894  1.00 15.91 ? 89  TYR A OH  1 
ATOM   679  N  N   . TYR A 1 90  ? 13.838  0.983   -5.548  1.00 17.47 ? 90  TYR A N   1 
ATOM   680  C  CA  . TYR A 1 90  ? 13.502  0.687   -6.965  1.00 15.86 ? 90  TYR A CA  1 
ATOM   681  C  C   . TYR A 1 90  ? 14.178  1.661   -7.919  1.00 15.77 ? 90  TYR A C   1 
ATOM   682  O  O   . TYR A 1 90  ? 14.434  2.804   -7.582  1.00 16.89 ? 90  TYR A O   1 
ATOM   683  C  CB  . TYR A 1 90  ? 12.003  0.818   -7.231  1.00 16.68 ? 90  TYR A CB  1 
ATOM   684  C  CG  . TYR A 1 90  ? 11.158  -0.337  -6.756  1.00 16.57 ? 90  TYR A CG  1 
ATOM   685  C  CD1 . TYR A 1 90  ? 11.364  -1.653  -7.172  1.00 17.67 ? 90  TYR A CD1 1 
ATOM   686  C  CD2 . TYR A 1 90  ? 10.062  -0.108  -5.952  1.00 16.76 ? 90  TYR A CD2 1 
ATOM   687  C  CE1 . TYR A 1 90  ? 10.491  -2.666  -6.803  1.00 18.07 ? 90  TYR A CE1 1 
ATOM   688  C  CE2 . TYR A 1 90  ? 9.207   -1.113  -5.538  1.00 16.10 ? 90  TYR A CE2 1 
ATOM   689  C  CZ  . TYR A 1 90  ? 9.439   -2.416  -5.933  1.00 16.24 ? 90  TYR A CZ  1 
ATOM   690  O  OH  . TYR A 1 90  ? 8.584   -3.424  -5.543  1.00 17.21 ? 90  TYR A OH  1 
ATOM   691  N  N   . PRO A 1 91  ? 14.447  1.208   -9.153  1.00 17.38 ? 91  PRO A N   1 
ATOM   692  C  CA  . PRO A 1 91  ? 14.892  2.127   -10.197 1.00 16.19 ? 91  PRO A CA  1 
ATOM   693  C  C   . PRO A 1 91  ? 13.708  3.039   -10.561 1.00 17.27 ? 91  PRO A C   1 
ATOM   694  O  O   . PRO A 1 91  ? 12.545  2.803   -10.207 1.00 15.52 ? 91  PRO A O   1 
ATOM   695  C  CB  . PRO A 1 91  ? 15.240  1.159   -11.337 1.00 17.88 ? 91  PRO A CB  1 
ATOM   696  C  CG  . PRO A 1 91  ? 14.242  0.045   -11.163 1.00 18.47 ? 91  PRO A CG  1 
ATOM   697  C  CD  . PRO A 1 91  ? 14.212  -0.146  -9.662  1.00 18.18 ? 91  PRO A CD  1 
ATOM   698  N  N   . ALA A 1 92  ? 13.970  4.002   -11.426 1.00 16.69 ? 92  ALA A N   1 
ATOM   699  C  CA  . ALA A 1 92  ? 12.921  4.812   -12.040 1.00 18.04 ? 92  ALA A CA  1 
ATOM   700  C  C   . ALA A 1 92  ? 12.097  3.886   -12.921 1.00 17.06 ? 92  ALA A C   1 
ATOM   701  O  O   . ALA A 1 92  ? 12.730  3.142   -13.745 1.00 20.56 ? 92  ALA A O   1 
ATOM   702  C  CB  . ALA A 1 92  ? 13.568  5.921   -12.845 1.00 18.13 ? 92  ALA A CB  1 
ATOM   703  N  N   . ARG A 1 93  ? 10.780  3.822   -12.789 1.00 16.34 ? 93  ARG A N   1 
ATOM   704  C  CA  . ARG A 1 93  ? 9.933   2.892   -13.539 1.00 17.88 ? 93  ARG A CA  1 
ATOM   705  C  C   . ARG A 1 93  ? 8.468   3.335   -13.463 1.00 17.16 ? 93  ARG A C   1 
ATOM   706  O  O   . ARG A 1 93  ? 8.129   4.261   -12.647 1.00 16.77 ? 93  ARG A O   1 
ATOM   707  C  CB  . ARG A 1 93  ? 10.179  1.493   -12.948 1.00 17.45 ? 93  ARG A CB  1 
ATOM   708  C  CG  . ARG A 1 93  ? 9.551   1.369   -11.577 1.00 17.56 ? 93  ARG A CG  1 
ATOM   709  C  CD  . ARG A 1 93  ? 9.766   0.046   -10.880 1.00 18.93 ? 93  ARG A CD  1 
ATOM   710  N  NE  . ARG A 1 93  ? 8.799   -0.060  -9.796  1.00 18.52 ? 93  ARG A NE  1 
ATOM   711  C  CZ  . ARG A 1 93  ? 8.137   -1.153  -9.446  1.00 18.64 ? 93  ARG A CZ  1 
ATOM   712  N  NH1 . ARG A 1 93  ? 8.357   -2.318  -10.057 1.00 18.86 ? 93  ARG A NH1 1 
ATOM   713  N  NH2 . ARG A 1 93  ? 7.201   -1.063  -8.532  1.00 19.50 ? 93  ARG A NH2 1 
ATOM   714  N  N   . TYR A 1 94  ? 7.637   2.709   -14.244 1.00 16.63 ? 94  TYR A N   1 
ATOM   715  C  CA  . TYR A 1 94  ? 6.180   2.833   -14.161 1.00 17.02 ? 94  TYR A CA  1 
ATOM   716  C  C   . TYR A 1 94  ? 5.705   1.905   -13.065 1.00 16.35 ? 94  TYR A C   1 
ATOM   717  O  O   . TYR A 1 94  ? 6.176   0.749   -12.977 1.00 18.56 ? 94  TYR A O   1 
ATOM   718  C  CB  . TYR A 1 94  ? 5.492   2.553   -15.494 1.00 17.94 ? 94  TYR A CB  1 
ATOM   719  C  CG  . TYR A 1 94  ? 5.584   3.754   -16.410 1.00 18.71 ? 94  TYR A CG  1 
ATOM   720  C  CD1 . TYR A 1 94  ? 4.639   4.749   -16.263 1.00 19.66 ? 94  TYR A CD1 1 
ATOM   721  C  CD2 . TYR A 1 94  ? 6.637   3.965   -17.288 1.00 22.90 ? 94  TYR A CD2 1 
ATOM   722  C  CE1 . TYR A 1 94  ? 4.666   5.898   -17.023 1.00 22.32 ? 94  TYR A CE1 1 
ATOM   723  C  CE2 . TYR A 1 94  ? 6.698   5.138   -18.053 1.00 21.60 ? 94  TYR A CE2 1 
ATOM   724  C  CZ  . TYR A 1 94  ? 5.697   6.098   -17.909 1.00 22.59 ? 94  TYR A CZ  1 
ATOM   725  O  OH  . TYR A 1 94  ? 5.626   7.278   -18.595 1.00 27.12 ? 94  TYR A OH  1 
ATOM   726  N  N   . GLN A 1 95  ? 4.833   2.421   -12.212 1.00 14.02 ? 95  GLN A N   1 
ATOM   727  C  CA  . GLN A 1 95  ? 4.130   1.607   -11.190 1.00 13.31 ? 95  GLN A CA  1 
ATOM   728  C  C   . GLN A 1 95  ? 2.641   1.697   -11.447 1.00 14.25 ? 95  GLN A C   1 
ATOM   729  O  O   . GLN A 1 95  ? 2.139   2.836   -11.739 1.00 15.47 ? 95  GLN A O   1 
ATOM   730  C  CB  . GLN A 1 95  ? 4.482   2.115   -9.802  1.00 14.52 ? 95  GLN A CB  1 
ATOM   731  C  CG  . GLN A 1 95  ? 3.899   1.322   -8.661  1.00 15.74 ? 95  GLN A CG  1 
ATOM   732  C  CD  . GLN A 1 95  ? 4.681   1.446   -7.356  1.00 14.03 ? 95  GLN A CD  1 
ATOM   733  O  OE1 . GLN A 1 95  ? 5.894   1.513   -7.292  1.00 16.42 ? 95  GLN A OE1 1 
ATOM   734  N  NE2 . GLN A 1 95  ? 3.912   1.374   -6.309  1.00 16.29 ? 95  GLN A NE2 1 
ATOM   735  N  N   . SER A 1 96  ? 1.918   0.590   -11.402 1.00 13.41 ? 96  SER A N   1 
ATOM   736  C  CA  . SER A 1 96  ? 0.475   0.554   -11.633 1.00 14.04 ? 96  SER A CA  1 
ATOM   737  C  C   . SER A 1 96  ? -0.306  0.641   -10.325 1.00 14.31 ? 96  SER A C   1 
ATOM   738  O  O   . SER A 1 96  ? 0.232   0.362   -9.235  1.00 13.27 ? 96  SER A O   1 
ATOM   739  C  CB  . SER A 1 96  ? 0.066   -0.676  -12.426 1.00 14.67 ? 96  SER A CB  1 
ATOM   740  O  OG  . SER A 1 96  ? 0.356   -1.830  -11.645 1.00 16.94 ? 96  SER A OG  1 
ATOM   741  N  N   . HIS A 1 97  ? -1.586  0.943   -10.461 1.00 12.79 ? 97  HIS A N   1 
ATOM   742  C  CA  . HIS A 1 97  ? -2.520  0.977   -9.302  1.00 12.74 ? 97  HIS A CA  1 
ATOM   743  C  C   . HIS A 1 97  ? -1.969  1.894   -8.197  1.00 11.26 ? 97  HIS A C   1 
ATOM   744  O  O   . HIS A 1 97  ? -2.198  1.594   -7.032  1.00 11.75 ? 97  HIS A O   1 
ATOM   745  C  CB  . HIS A 1 97  ? -2.766  -0.447  -8.832  1.00 13.47 ? 97  HIS A CB  1 
ATOM   746  C  CG  . HIS A 1 97  ? -3.382  -1.293  -9.870  1.00 14.35 ? 97  HIS A CG  1 
ATOM   747  N  ND1 . HIS A 1 97  ? -4.736  -1.528  -9.910  1.00 15.00 ? 97  HIS A ND1 1 
ATOM   748  C  CD2 . HIS A 1 97  ? -2.823  -2.020  -10.859 1.00 14.85 ? 97  HIS A CD2 1 
ATOM   749  C  CE1 . HIS A 1 97  ? -4.983  -2.377  -10.925 1.00 15.63 ? 97  HIS A CE1 1 
ATOM   750  N  NE2 . HIS A 1 97  ? -3.864  -2.655  -11.509 1.00 16.99 ? 97  HIS A NE2 1 
ATOM   751  N  N   . LEU A 1 98  ? -1.365  2.985   -8.600  1.00 11.62 ? 98  LEU A N   1 
ATOM   752  C  CA  . LEU A 1 98  ? -0.723  3.925   -7.667  1.00 11.16 ? 98  LEU A CA  1 
ATOM   753  C  C   . LEU A 1 98  ? -1.567  5.194   -7.528  1.00 11.29 ? 98  LEU A C   1 
ATOM   754  O  O   . LEU A 1 98  ? -2.020  5.738   -8.539  1.00 12.14 ? 98  LEU A O   1 
ATOM   755  C  CB  . LEU A 1 98  ? 0.663   4.271   -8.186  1.00 12.21 ? 98  LEU A CB  1 
ATOM   756  C  CG  . LEU A 1 98  ? 1.474   5.181   -7.266  1.00 12.65 ? 98  LEU A CG  1 
ATOM   757  C  CD1 . LEU A 1 98  ? 1.840   4.459   -6.022  1.00 13.03 ? 98  LEU A CD1 1 
ATOM   758  C  CD2 . LEU A 1 98  ? 2.738   5.748   -7.903  1.00 14.80 ? 98  LEU A CD2 1 
ATOM   759  N  N   . MET A 1 99  ? -1.749  5.647   -6.300  1.00 10.93 ? 99  MET A N   1 
ATOM   760  C  CA  . MET A 1 99  ? -2.486  6.874   -5.931  1.00 10.63 ? 99  MET A CA  1 
ATOM   761  C  C   . MET A 1 99  ? -1.488  7.879   -5.388  1.00 10.87 ? 99  MET A C   1 
ATOM   762  O  O   . MET A 1 99  ? -0.632  7.466   -4.628  1.00 12.58 ? 99  MET A O   1 
ATOM   763  C  CB  . MET A 1 99  ? -3.528  6.550   -4.865  1.00 10.43 ? 99  MET A CB  1 
ATOM   764  C  CG  . MET A 1 99  ? -4.583  5.566   -5.383  1.00 12.19 ? 99  MET A CG  1 
ATOM   765  S  SD  . MET A 1 99  ? -5.673  4.929   -4.092  1.00 13.66 ? 99  MET A SD  1 
ATOM   766  C  CE  . MET A 1 99  ? -4.516  3.985   -3.100  1.00 13.75 ? 99  MET A CE  1 
ATOM   767  N  N   . LEU A 1 100 ? -1.626  9.167   -5.720  1.00 10.97 ? 100 LEU A N   1 
ATOM   768  C  CA  . LEU A 1 100 ? -0.659  10.176  -5.224  1.00 10.26 ? 100 LEU A CA  1 
ATOM   769  C  C   . LEU A 1 100 ? -1.418  11.185  -4.375  1.00 11.39 ? 100 LEU A C   1 
ATOM   770  O  O   . LEU A 1 100 ? -2.549  11.603  -4.713  1.00 11.55 ? 100 LEU A O   1 
ATOM   771  C  CB  . LEU A 1 100 ? 0.008   10.899  -6.386  1.00 12.21 ? 100 LEU A CB  1 
ATOM   772  C  CG  . LEU A 1 100 ? 0.949   10.055  -7.221  1.00 13.22 ? 100 LEU A CG  1 
ATOM   773  C  CD1 . LEU A 1 100 ? 1.394   10.829  -8.448  1.00 14.63 ? 100 LEU A CD1 1 
ATOM   774  C  CD2 . LEU A 1 100 ? 2.139   9.566   -6.419  1.00 14.43 ? 100 LEU A CD2 1 
ATOM   775  N  N   . ALA A 1 101 ? -0.761  11.657  -3.329  1.00 10.87 ? 101 ALA A N   1 
ATOM   776  C  CA  . ALA A 1 101 ? -1.184  12.799  -2.509  1.00 10.05 ? 101 ALA A CA  1 
ATOM   777  C  C   . ALA A 1 101 ? 0.002   13.706  -2.216  1.00 10.74 ? 101 ALA A C   1 
ATOM   778  O  O   . ALA A 1 101 ? 1.169   13.278  -2.345  1.00 11.15 ? 101 ALA A O   1 
ATOM   779  C  CB  . ALA A 1 101 ? -1.751  12.332  -1.202  1.00 11.31 ? 101 ALA A CB  1 
ATOM   780  N  N   . VAL A 1 102 ? -0.320  14.926  -1.846  1.00 10.54 ? 102 VAL A N   1 
ATOM   781  C  CA  . VAL A 1 102 ? 0.728   15.877  -1.412  1.00 11.19 ? 102 VAL A CA  1 
ATOM   782  C  C   . VAL A 1 102 ? 1.005   15.594  0.054   1.00 11.29 ? 102 VAL A C   1 
ATOM   783  O  O   . VAL A 1 102 ? 0.093   15.666  0.910   1.00 12.61 ? 102 VAL A O   1 
ATOM   784  C  CB  . VAL A 1 102 ? 0.304   17.328  -1.644  1.00 10.92 ? 102 VAL A CB  1 
ATOM   785  C  CG1 . VAL A 1 102 ? 1.364   18.283  -1.104  1.00 10.84 ? 102 VAL A CG1 1 
ATOM   786  C  CG2 . VAL A 1 102 ? 0.090   17.570  -3.104  1.00 11.05 ? 102 VAL A CG2 1 
ATOM   787  N  N   . GLY A 1 103 ? 2.240   15.216  0.355   1.00 12.01 ? 103 GLY A N   1 
ATOM   788  C  CA  . GLY A 1 103 ? 2.581   14.856  1.728   1.00 12.02 ? 103 GLY A CA  1 
ATOM   789  C  C   . GLY A 1 103 ? 3.999   14.330  1.793   1.00 12.99 ? 103 GLY A C   1 
ATOM   790  O  O   . GLY A 1 103 ? 4.657   14.172  0.767   1.00 13.92 ? 103 GLY A O   1 
ATOM   791  N  N   . HIS A 1 104 ? 4.421   14.003  3.005   1.00 12.93 ? 104 HIS A N   1 
ATOM   792  C  CA  . HIS A 1 104 ? 5.779   13.526  3.252   1.00 12.99 ? 104 HIS A CA  1 
ATOM   793  C  C   . HIS A 1 104 ? 5.871   12.013  3.202   1.00 12.33 ? 104 HIS A C   1 
ATOM   794  O  O   . HIS A 1 104 ? 5.093   11.302  3.887   1.00 12.44 ? 104 HIS A O   1 
ATOM   795  C  CB  . HIS A 1 104 ? 6.246   14.053  4.602   1.00 12.32 ? 104 HIS A CB  1 
ATOM   796  C  CG  . HIS A 1 104 ? 7.661   13.693  4.859   1.00 13.17 ? 104 HIS A CG  1 
ATOM   797  N  ND1 . HIS A 1 104 ? 8.694   14.188  4.089   1.00 14.59 ? 104 HIS A ND1 1 
ATOM   798  C  CD2 . HIS A 1 104 ? 8.204   12.769  5.674   1.00 14.08 ? 104 HIS A CD2 1 
ATOM   799  C  CE1 . HIS A 1 104 ? 9.826   13.592  4.487   1.00 14.36 ? 104 HIS A CE1 1 
ATOM   800  N  NE2 . HIS A 1 104 ? 9.541   12.769  5.456   1.00 14.03 ? 104 HIS A NE2 1 
ATOM   801  N  N   . SER A 1 105 ? 6.881   11.500  2.504   1.00 12.21 ? 105 SER A N   1 
ATOM   802  C  CA  . SER A 1 105 ? 7.133   10.062  2.391   1.00 12.00 ? 105 SER A CA  1 
ATOM   803  C  C   . SER A 1 105 ? 8.613   9.842   2.112   1.00 14.08 ? 105 SER A C   1 
ATOM   804  O  O   . SER A 1 105 ? 9.086   10.322  1.064   1.00 15.89 ? 105 SER A O   1 
ATOM   805  C  CB  . SER A 1 105 ? 6.209   9.426   1.341   1.00 12.13 ? 105 SER A CB  1 
ATOM   806  O  OG  . SER A 1 105 ? 6.581   8.076   1.161   1.00 13.87 ? 105 SER A OG  1 
ATOM   807  N  N   . GLU A 1 106 ? 9.233   9.100   2.973   1.00 12.71 ? 106 GLU A N   1 
ATOM   808  C  CA  . GLU A 1 106 ? 10.612  8.571   2.805   1.00 14.43 ? 106 GLU A CA  1 
ATOM   809  C  C   . GLU A 1 106 ? 10.554  7.084   2.657   1.00 15.55 ? 106 GLU A C   1 
ATOM   810  O  O   . GLU A 1 106 ? 9.533   6.471   2.968   1.00 15.38 ? 106 GLU A O   1 
ATOM   811  C  CB  . GLU A 1 106 ? 11.423  8.886   4.072   1.00 18.66 ? 106 GLU A CB  1 
ATOM   812  C  CG  . GLU A 1 106 ? 11.727  10.340  4.233   1.00 22.04 ? 106 GLU A CG  1 
ATOM   813  C  CD  . GLU A 1 106 ? 12.318  10.657  5.619   1.00 19.58 ? 106 GLU A CD  1 
ATOM   814  O  OE1 . GLU A 1 106 ? 13.116  9.846   6.164   1.00 25.94 ? 106 GLU A OE1 1 
ATOM   815  O  OE2 . GLU A 1 106 ? 11.952  11.630  6.148   1.00 19.44 ? 106 GLU A OE2 1 
ATOM   816  N  N   . PRO A 1 107 ? 11.626  6.403   2.205   1.00 15.83 ? 107 PRO A N   1 
ATOM   817  C  CA  . PRO A 1 107 ? 11.536  4.969   1.964   1.00 16.32 ? 107 PRO A CA  1 
ATOM   818  C  C   . PRO A 1 107 ? 11.014  4.155   3.155   1.00 16.02 ? 107 PRO A C   1 
ATOM   819  O  O   . PRO A 1 107 ? 10.186  3.218   2.944   1.00 17.69 ? 107 PRO A O   1 
ATOM   820  C  CB  . PRO A 1 107 ? 13.014  4.634   1.711   1.00 17.32 ? 107 PRO A CB  1 
ATOM   821  C  CG  . PRO A 1 107 ? 13.481  5.844   0.950   1.00 17.27 ? 107 PRO A CG  1 
ATOM   822  C  CD  . PRO A 1 107 ? 12.894  7.005   1.748   1.00 16.67 ? 107 PRO A CD  1 
ATOM   823  N  N   . GLY A 1 108 ? 11.441  4.498   4.370   1.00 16.16 ? 108 GLY A N   1 
ATOM   824  C  CA  . GLY A 1 108 ? 10.996  3.733   5.543   1.00 15.96 ? 108 GLY A CA  1 
ATOM   825  C  C   . GLY A 1 108 ? 9.509   3.904   5.858   1.00 14.04 ? 108 GLY A C   1 
ATOM   826  O  O   . GLY A 1 108 ? 8.999   3.177   6.741   1.00 15.55 ? 108 GLY A O   1 
ATOM   827  N  N   . ASP A 1 109 ? 8.854   4.899   5.234   1.00 13.70 ? 109 ASP A N   1 
ATOM   828  C  CA  . ASP A 1 109 ? 7.400   5.074   5.416   1.00 12.76 ? 109 ASP A CA  1 
ATOM   829  C  C   . ASP A 1 109 ? 6.587   4.016   4.679   1.00 11.92 ? 109 ASP A C   1 
ATOM   830  O  O   . ASP A 1 109 ? 5.400   3.912   4.959   1.00 12.35 ? 109 ASP A O   1 
ATOM   831  C  CB  . ASP A 1 109 ? 6.993   6.482   4.975   1.00 12.56 ? 109 ASP A CB  1 
ATOM   832  C  CG  . ASP A 1 109 ? 7.565   7.541   5.913   1.00 11.51 ? 109 ASP A CG  1 
ATOM   833  O  OD1 . ASP A 1 109 ? 7.544   7.252   7.117   1.00 14.28 ? 109 ASP A OD1 1 
ATOM   834  O  OD2 . ASP A 1 109 ? 7.972   8.600   5.446   1.00 13.13 ? 109 ASP A OD2 1 
ATOM   835  N  N   . CYS A 1 110 ? 7.196   3.280   3.769   1.00 12.14 ? 110 CYS A N   1 
ATOM   836  C  CA  . CYS A 1 110 ? 6.440   2.268   3.029   1.00 11.55 ? 110 CYS A CA  1 
ATOM   837  C  C   . CYS A 1 110 ? 5.792   1.329   4.026   1.00 12.30 ? 110 CYS A C   1 
ATOM   838  O  O   . CYS A 1 110 ? 6.430   0.863   4.990   1.00 13.59 ? 110 CYS A O   1 
ATOM   839  C  CB  . CYS A 1 110 ? 7.359   1.487   2.096   1.00 11.88 ? 110 CYS A CB  1 
ATOM   840  S  SG  . CYS A 1 110 ? 7.820   2.418   0.632   1.00 13.96 ? 110 CYS A SG  1 
ATOM   841  N  N   . GLY A 1 111 ? 4.541   0.970   3.732   1.00 11.37 ? 111 GLY A N   1 
ATOM   842  C  CA  . GLY A 1 111 ? 3.746   0.051   4.540   1.00 12.34 ? 111 GLY A CA  1 
ATOM   843  C  C   . GLY A 1 111 ? 2.776   0.786   5.461   1.00 12.37 ? 111 GLY A C   1 
ATOM   844  O  O   . GLY A 1 111 ? 1.877   0.127   6.013   1.00 12.18 ? 111 GLY A O   1 
ATOM   845  N  N   . GLY A 1 112 ? 2.914   2.093   5.656   1.00 12.49 ? 112 GLY A N   1 
ATOM   846  C  CA  . GLY A 1 112 ? 1.922   2.858   6.421   1.00 11.60 ? 112 GLY A CA  1 
ATOM   847  C  C   . GLY A 1 112 ? 0.581   2.761   5.738   1.00 11.56 ? 112 GLY A C   1 
ATOM   848  O  O   . GLY A 1 112 ? 0.503   2.843   4.511   1.00 11.21 ? 112 GLY A O   1 
ATOM   849  N  N   . ILE A 1 113 ? -0.480  2.674   6.500   1.00 11.45 ? 113 ILE A N   1 
ATOM   850  C  CA  . ILE A 1 113 ? -1.859  2.494   5.973   1.00 10.46 ? 113 ILE A CA  1 
ATOM   851  C  C   . ILE A 1 113 ? -2.419  3.849   5.601   1.00 10.70 ? 113 ILE A C   1 
ATOM   852  O  O   . ILE A 1 113 ? -2.333  4.826   6.381   1.00 11.17 ? 113 ILE A O   1 
ATOM   853  C  CB  . ILE A 1 113 ? -2.716  1.799   7.030   1.00 12.29 ? 113 ILE A CB  1 
ATOM   854  C  CG1 . ILE A 1 113 ? -2.356  0.307   6.978   1.00 15.65 ? 113 ILE A CG1 1 
ATOM   855  C  CG2 . ILE A 1 113 ? -4.221  2.016   6.807   1.00 12.35 ? 113 ILE A CG2 1 
ATOM   856  C  CD1 . ILE A 1 113 ? -3.079  -0.505  8.013   1.00 18.04 ? 113 ILE A CD1 1 
ATOM   857  N  N   . LEU A 1 114 ? -3.089  3.886   4.450   1.00 10.44 ? 114 LEU A N   1 
ATOM   858  C  CA  . LEU A 1 114 ? -4.065  4.923   4.042   1.00 10.34 ? 114 LEU A CA  1 
ATOM   859  C  C   . LEU A 1 114 ? -5.448  4.330   4.292   1.00 10.16 ? 114 LEU A C   1 
ATOM   860  O  O   . LEU A 1 114 ? -5.729  3.188   3.831   1.00 10.94 ? 114 LEU A O   1 
ATOM   861  C  CB  . LEU A 1 114 ? -3.859  5.248   2.568   1.00 10.49 ? 114 LEU A CB  1 
ATOM   862  C  CG  . LEU A 1 114 ? -4.921  6.167   1.957   1.00 10.31 ? 114 LEU A CG  1 
ATOM   863  C  CD1 . LEU A 1 114 ? -4.879  7.580   2.533   1.00 11.17 ? 114 LEU A CD1 1 
ATOM   864  C  CD2 . LEU A 1 114 ? -4.712  6.220   0.439   1.00 10.89 ? 114 LEU A CD2 1 
ATOM   865  N  N   . ARG A 1 115 ? -6.297  5.046   5.004   1.00 10.33 ? 115 ARG A N   1 
ATOM   866  C  CA  . ARG A 1 115 ? -7.677  4.579   5.301   1.00 10.81 ? 115 ARG A CA  1 
ATOM   867  C  C   . ARG A 1 115 ? -8.672  5.681   5.025   1.00 11.11 ? 115 ARG A C   1 
ATOM   868  O  O   . ARG A 1 115 ? -8.376  6.867   5.156   1.00 11.52 ? 115 ARG A O   1 
ATOM   869  C  CB  . ARG A 1 115 ? -7.814  4.097   6.732   1.00 12.29 ? 115 ARG A CB  1 
ATOM   870  C  CG  . ARG A 1 115 ? -7.571  5.199   7.754   1.00 13.21 ? 115 ARG A CG  1 
ATOM   871  C  CD  . ARG A 1 115 ? -7.551  4.723   9.180   1.00 15.73 ? 115 ARG A CD  1 
ATOM   872  N  NE  . ARG A 1 115 ? -6.332  3.998   9.512   1.00 18.18 ? 115 ARG A NE  1 
ATOM   873  C  CZ  . ARG A 1 115 ? -6.244  2.726   9.954   1.00 19.76 ? 115 ARG A CZ  1 
ATOM   874  N  NH1 . ARG A 1 115 ? -7.291  1.923   9.964   1.00 24.19 ? 115 ARG A NH1 1 
ATOM   875  N  NH2 . ARG A 1 115 ? -5.073  2.237   10.296  1.00 22.93 ? 115 ARG A NH2 1 
ATOM   876  N  N   . CYS A 1 116 ? -9.862  5.254   4.678   1.00 10.43 ? 116 CYS A N   1 
ATOM   877  C  CA  . CYS A 1 116 ? -11.038 6.123   4.491   1.00 11.65 ? 116 CYS A CA  1 
ATOM   878  C  C   . CYS A 1 116 ? -12.130 5.628   5.429   1.00 11.72 ? 116 CYS A C   1 
ATOM   879  O  O   . CYS A 1 116 ? -11.959 4.701   6.193   1.00 12.45 ? 116 CYS A O   1 
ATOM   880  C  CB  . CYS A 1 116 ? -11.459 6.100   3.016   1.00 11.17 ? 116 CYS A CB  1 
ATOM   881  S  SG  . CYS A 1 116 ? -12.145 4.498   2.530   1.00 11.80 ? 116 CYS A SG  1 
ATOM   882  N  N   . GLN A 1 117 ? -13.308 6.214   5.289   1.00 14.23 ? 117 GLN A N   1 
ATOM   883  C  CA  . GLN A 1 117 ? -14.464 5.785   6.103   1.00 15.02 ? 117 GLN A CA  1 
ATOM   884  C  C   . GLN A 1 117 ? -14.864 4.334   5.861   1.00 15.50 ? 117 GLN A C   1 
ATOM   885  O  O   . GLN A 1 117 ? -15.489 3.757   6.739   1.00 17.60 ? 117 GLN A O   1 
ATOM   886  C  CB  . GLN A 1 117 ? -15.668 6.681   5.824   1.00 16.47 ? 117 GLN A CB  1 
ATOM   887  C  CG  . GLN A 1 117 ? -16.227 6.544   4.422   1.00 18.58 ? 117 GLN A CG  1 
ATOM   888  C  CD  . GLN A 1 117 ? -17.432 7.396   4.109   1.00 23.93 ? 117 GLN A CD  1 
ATOM   889  O  OE1 . GLN A 1 117 ? -17.308 8.456   3.498   1.00 28.44 ? 117 GLN A OE1 1 
ATOM   890  N  NE2 . GLN A 1 117 ? -18.572 6.923   4.564   1.00 25.73 ? 117 GLN A NE2 1 
ATOM   891  N  N   . HIS A 1 118 ? -14.449 3.722   4.766   1.00 14.88 ? 118 HIS A N   1 
ATOM   892  C  CA  . HIS A 1 118 ? -14.826 2.328   4.466   1.00 13.27 ? 118 HIS A CA  1 
ATOM   893  C  C   . HIS A 1 118 ? -13.773 1.301   4.930   1.00 14.23 ? 118 HIS A C   1 
ATOM   894  O  O   . HIS A 1 118 ? -14.058 0.099   4.798   1.00 16.82 ? 118 HIS A O   1 
ATOM   895  C  CB  . HIS A 1 118 ? -15.078 2.205   2.954   1.00 13.25 ? 118 HIS A CB  1 
ATOM   896  C  CG  . HIS A 1 118 ? -16.064 3.171   2.429   1.00 13.56 ? 118 HIS A CG  1 
ATOM   897  N  ND1 . HIS A 1 118 ? -15.712 4.298   1.711   1.00 13.34 ? 118 HIS A ND1 1 
ATOM   898  C  CD2 . HIS A 1 118 ? -17.424 3.126   2.504   1.00 14.00 ? 118 HIS A CD2 1 
ATOM   899  C  CE1 . HIS A 1 118 ? -16.831 4.968   1.447   1.00 14.82 ? 118 HIS A CE1 1 
ATOM   900  N  NE2 . HIS A 1 118 ? -17.879 4.223   1.887   1.00 15.75 ? 118 HIS A NE2 1 
ATOM   901  N  N   . GLY A 1 119 ? -12.578 1.727   5.383   1.00 12.73 ? 119 GLY A N   1 
ATOM   902  C  CA  . GLY A 1 119 ? -11.498 0.842   5.827   1.00 12.67 ? 119 GLY A CA  1 
ATOM   903  C  C   . GLY A 1 119 ? -10.202 1.176   5.122   1.00 11.77 ? 119 GLY A C   1 
ATOM   904  O  O   . GLY A 1 119 ? -9.985  2.317   4.738   1.00 12.23 ? 119 GLY A O   1 
ATOM   905  N  N   . VAL A 1 120 ? -9.383  0.154   4.943   1.00 10.99 ? 120 VAL A N   1 
ATOM   906  C  CA  . VAL A 1 120 ? -8.005  0.350   4.457   1.00 11.82 ? 120 VAL A CA  1 
ATOM   907  C  C   . VAL A 1 120 ? -8.055  0.510   2.948   1.00 11.62 ? 120 VAL A C   1 
ATOM   908  O  O   . VAL A 1 120 ? -8.662  -0.359  2.229   1.00 12.26 ? 120 VAL A O   1 
ATOM   909  C  CB  . VAL A 1 120 ? -7.108  -0.819  4.878   1.00 12.22 ? 120 VAL A CB  1 
ATOM   910  C  CG1 . VAL A 1 120 ? -5.743  -0.711  4.207   1.00 12.01 ? 120 VAL A CG1 1 
ATOM   911  C  CG2 . VAL A 1 120 ? -7.009  -0.903  6.396   1.00 12.55 ? 120 VAL A CG2 1 
ATOM   912  N  N   . VAL A 1 121 ? -7.467  1.564   2.417   1.00 11.13 ? 121 VAL A N   1 
ATOM   913  C  CA  . VAL A 1 121 ? -7.417  1.875   0.970   1.00 10.87 ? 121 VAL A CA  1 
ATOM   914  C  C   . VAL A 1 121 ? -6.177  1.276   0.355   1.00 10.99 ? 121 VAL A C   1 
ATOM   915  O  O   . VAL A 1 121 ? -6.205  0.808   -0.779  1.00 11.86 ? 121 VAL A O   1 
ATOM   916  C  CB  . VAL A 1 121 ? -7.503  3.395   0.801   1.00 11.34 ? 121 VAL A CB  1 
ATOM   917  C  CG1 . VAL A 1 121 ? -7.303  3.793   -0.639  1.00 11.09 ? 121 VAL A CG1 1 
ATOM   918  C  CG2 . VAL A 1 121 ? -8.790  3.960   1.357   1.00 13.30 ? 121 VAL A CG2 1 
ATOM   919  N  N   . GLY A 1 122 ? -5.051  1.399   1.054   1.00 11.11 ? 122 GLY A N   1 
ATOM   920  C  CA  . GLY A 1 122 ? -3.763  0.981   0.503   1.00 12.16 ? 122 GLY A CA  1 
ATOM   921  C  C   . GLY A 1 122 ? -2.636  1.236   1.456   1.00 11.14 ? 122 GLY A C   1 
ATOM   922  O  O   . GLY A 1 122 ? -2.887  1.556   2.626   1.00 11.15 ? 122 GLY A O   1 
ATOM   923  N  N   . ILE A 1 123 ? -1.424  1.056   0.970   1.00 10.63 ? 123 ILE A N   1 
ATOM   924  C  CA  . ILE A 1 123 ? -0.224  1.254   1.820   1.00 11.01 ? 123 ILE A CA  1 
ATOM   925  C  C   . ILE A 1 123 ? 0.765   2.171   1.092   1.00 10.26 ? 123 ILE A C   1 
ATOM   926  O  O   . ILE A 1 123 ? 0.828   2.178   -0.142  1.00 10.24 ? 123 ILE A O   1 
ATOM   927  C  CB  . ILE A 1 123 ? 0.480   -0.064  2.222   1.00 11.36 ? 123 ILE A CB  1 
ATOM   928  C  CG1 . ILE A 1 123 ? 0.839   -0.937  1.009   1.00 11.64 ? 123 ILE A CG1 1 
ATOM   929  C  CG2 . ILE A 1 123 ? -0.314  -0.794  3.299   1.00 11.71 ? 123 ILE A CG2 1 
ATOM   930  C  CD1 . ILE A 1 123 ? 1.595   -2.177  1.374   1.00 12.68 ? 123 ILE A CD1 1 
ATOM   931  N  N   . VAL A 1 124 ? 1.505   2.954   1.856   1.00 10.20 ? 124 VAL A N   1 
ATOM   932  C  CA  . VAL A 1 124 ? 2.577   3.808   1.300   1.00 11.18 ? 124 VAL A CA  1 
ATOM   933  C  C   . VAL A 1 124 ? 3.530   2.944   0.484   1.00 10.85 ? 124 VAL A C   1 
ATOM   934  O  O   . VAL A 1 124 ? 3.979   1.881   0.956   1.00 10.67 ? 124 VAL A O   1 
ATOM   935  C  CB  . VAL A 1 124 ? 3.321   4.568   2.396   1.00 10.70 ? 124 VAL A CB  1 
ATOM   936  C  CG1 . VAL A 1 124 ? 4.485   5.354   1.805   1.00 11.35 ? 124 VAL A CG1 1 
ATOM   937  C  CG2 . VAL A 1 124 ? 2.405   5.505   3.164   1.00 10.59 ? 124 VAL A CG2 1 
ATOM   938  N  N   . SER A 1 125 ? 3.825   3.400   -0.728  1.00 10.53 ? 125 SER A N   1 
ATOM   939  C  CA  . SER A 1 125 ? 4.734   2.697   -1.642  1.00 11.37 ? 125 SER A CA  1 
ATOM   940  C  C   . SER A 1 125 ? 5.750   3.629   -2.299  1.00 12.50 ? 125 SER A C   1 
ATOM   941  O  O   . SER A 1 125 ? 6.825   3.138   -2.691  1.00 13.12 ? 125 SER A O   1 
ATOM   942  C  CB  . SER A 1 125 ? 3.917   2.016   -2.696  1.00 11.50 ? 125 SER A CB  1 
ATOM   943  O  OG  . SER A 1 125 ? 4.752   1.321   -3.641  1.00 13.16 ? 125 SER A OG  1 
ATOM   944  N  N   . THR A 1 126 ? 5.453   4.924   -2.452  1.00 12.31 ? 126 THR A N   1 
ATOM   945  C  CA  . THR A 1 126 ? 6.412   5.850   -3.110  1.00 12.22 ? 126 THR A CA  1 
ATOM   946  C  C   . THR A 1 126 ? 6.532   7.145   -2.313  1.00 11.74 ? 126 THR A C   1 
ATOM   947  O  O   . THR A 1 126 ? 5.660   7.426   -1.483  1.00 12.59 ? 126 THR A O   1 
ATOM   948  C  CB  . THR A 1 126 ? 6.082   6.170   -4.585  1.00 12.81 ? 126 THR A CB  1 
ATOM   949  O  OG1 . THR A 1 126 ? 5.011   7.123   -4.602  1.00 13.61 ? 126 THR A OG1 1 
ATOM   950  C  CG2 . THR A 1 126 ? 5.682   4.965   -5.389  1.00 12.40 ? 126 THR A CG2 1 
ATOM   951  N  N   . GLY A 1 127 ? 7.587   7.907   -2.583  1.00 12.69 ? 127 GLY A N   1 
ATOM   952  C  CA  . GLY A 1 127 ? 7.746   9.225   -1.982  1.00 13.61 ? 127 GLY A CA  1 
ATOM   953  C  C   . GLY A 1 127 ? 8.673   10.073  -2.823  1.00 13.79 ? 127 GLY A C   1 
ATOM   954  O  O   . GLY A 1 127 ? 8.969   9.730   -3.960  1.00 16.51 ? 127 GLY A O   1 
ATOM   955  N  N   . GLY A 1 128 ? 9.123   11.164  -2.238  1.00 15.95 ? 128 GLY A N   1 
ATOM   956  C  CA  . GLY A 1 128 ? 9.988   12.153  -2.900  1.00 16.16 ? 128 GLY A CA  1 
ATOM   957  C  C   . GLY A 1 128 ? 9.213   13.273  -3.529  1.00 16.91 ? 128 GLY A C   1 
ATOM   958  O  O   . GLY A 1 128 ? 8.018   13.148  -3.892  1.00 15.53 ? 128 GLY A O   1 
ATOM   959  N  N   . ASN A 1 129 ? 9.885   14.398  -3.678  1.00 18.17 ? 129 ASN A N   1 
ATOM   960  C  CA  . ASN A 1 129 ? 9.335   15.590  -4.379  1.00 18.00 ? 129 ASN A CA  1 
ATOM   961  C  C   . ASN A 1 129 ? 7.981   15.988  -3.795  1.00 15.85 ? 129 ASN A C   1 
ATOM   962  O  O   . ASN A 1 129 ? 7.109   16.485  -4.564  1.00 16.14 ? 129 ASN A O   1 
ATOM   963  C  CB  . ASN A 1 129 ? 9.176   15.434  -5.889  1.00 20.46 ? 129 ASN A CB  1 
ATOM   964  C  CG  . ASN A 1 129 ? 10.505  15.415  -6.600  1.00 27.34 ? 129 ASN A CG  1 
ATOM   965  O  OD1 . ASN A 1 129 ? 11.389  16.215  -6.279  1.00 26.20 ? 129 ASN A OD1 1 
ATOM   966  N  ND2 . ASN A 1 129 ? 10.626  14.537  -7.580  1.00 27.96 ? 129 ASN A ND2 1 
ATOM   967  N  N   . GLY A 1 130 ? 7.829   15.868  -2.474  1.00 14.49 ? 130 GLY A N   1 
ATOM   968  C  CA  . GLY A 1 130 ? 6.659   16.383  -1.780  1.00 13.19 ? 130 GLY A CA  1 
ATOM   969  C  C   . GLY A 1 130 ? 5.381   15.586  -2.009  1.00 12.12 ? 130 GLY A C   1 
ATOM   970  O  O   . GLY A 1 130 ? 4.366   16.080  -1.622  1.00 12.53 ? 130 GLY A O   1 
ATOM   971  N  N   . LEU A 1 131 ? 5.451   14.418  -2.630  1.00 12.68 ? 131 LEU A N   1 
ATOM   972  C  CA  . LEU A 1 131 ? 4.307   13.515  -2.797  1.00 11.45 ? 131 LEU A CA  1 
ATOM   973  C  C   . LEU A 1 131 ? 4.501   12.256  -1.955  1.00 12.11 ? 131 LEU A C   1 
ATOM   974  O  O   . LEU A 1 131 ? 5.618   11.789  -1.720  1.00 13.91 ? 131 LEU A O   1 
ATOM   975  C  CB  . LEU A 1 131 ? 4.072   13.138  -4.249  1.00 13.59 ? 131 LEU A CB  1 
ATOM   976  C  CG  . LEU A 1 131 ? 3.923   14.291  -5.239  1.00 13.48 ? 131 LEU A CG  1 
ATOM   977  C  CD1 . LEU A 1 131 ? 3.450   13.762  -6.602  1.00 14.83 ? 131 LEU A CD1 1 
ATOM   978  C  CD2 . LEU A 1 131 ? 2.927   15.333  -4.735  1.00 13.57 ? 131 LEU A CD2 1 
ATOM   979  N  N   . VAL A 1 132 ? 3.370   11.651  -1.655  1.00 11.69 ? 132 VAL A N   1 
ATOM   980  C  CA  . VAL A 1 132 ? 3.334   10.281  -1.108  1.00 11.29 ? 132 VAL A CA  1 
ATOM   981  C  C   . VAL A 1 132 ? 2.467   9.461   -2.051  1.00 11.33 ? 132 VAL A C   1 
ATOM   982  O  O   . VAL A 1 132 ? 1.374   9.908   -2.454  1.00 11.87 ? 132 VAL A O   1 
ATOM   983  C  CB  . VAL A 1 132 ? 2.808   10.274  0.321   1.00 12.04 ? 132 VAL A CB  1 
ATOM   984  C  CG1 . VAL A 1 132 ? 1.539   11.042  0.549   1.00 13.95 ? 132 VAL A CG1 1 
ATOM   985  C  CG2 . VAL A 1 132 ? 2.757   8.835   0.840   1.00 12.60 ? 132 VAL A CG2 1 
ATOM   986  N  N   . GLY A 1 133 ? 2.958   8.302   -2.471  1.00 10.85 ? 133 GLY A N   1 
ATOM   987  C  CA  . GLY A 1 133 ? 2.216   7.378   -3.313  1.00 10.61 ? 133 GLY A CA  1 
ATOM   988  C  C   . GLY A 1 133 ? 1.798   6.186   -2.523  1.00 10.76 ? 133 GLY A C   1 
ATOM   989  O  O   . GLY A 1 133 ? 2.592   5.656   -1.763  1.00 11.76 ? 133 GLY A O   1 
ATOM   990  N  N   . PHE A 1 134 ? 0.614   5.694   -2.822  1.00 11.22 ? 134 PHE A N   1 
ATOM   991  C  CA  . PHE A 1 134 ? -0.016  4.561   -2.138  1.00 10.95 ? 134 PHE A CA  1 
ATOM   992  C  C   . PHE A 1 134 ? -0.407  3.492   -3.132  1.00 11.04 ? 134 PHE A C   1 
ATOM   993  O  O   . PHE A 1 134 ? -0.989  3.793   -4.187  1.00 11.59 ? 134 PHE A O   1 
ATOM   994  C  CB  . PHE A 1 134 ? -1.289  4.963   -1.401  1.00 10.92 ? 134 PHE A CB  1 
ATOM   995  C  CG  . PHE A 1 134 ? -1.131  6.180   -0.532  1.00 10.39 ? 134 PHE A CG  1 
ATOM   996  C  CD1 . PHE A 1 134 ? -0.702  6.039   0.769   1.00 10.72 ? 134 PHE A CD1 1 
ATOM   997  C  CD2 . PHE A 1 134 ? -1.476  7.450   -0.985  1.00 10.49 ? 134 PHE A CD2 1 
ATOM   998  C  CE1 . PHE A 1 134 ? -0.545  7.147   1.587   1.00 11.16 ? 134 PHE A CE1 1 
ATOM   999  C  CE2 . PHE A 1 134 ? -1.323  8.553   -0.134  1.00 10.84 ? 134 PHE A CE2 1 
ATOM   1000 C  CZ  . PHE A 1 134 ? -0.917  8.373   1.170   1.00 11.00 ? 134 PHE A CZ  1 
ATOM   1001 N  N   . ALA A 1 135 ? -0.007  2.262   -2.808  1.00 10.14 ? 135 ALA A N   1 
ATOM   1002 C  CA  . ALA A 1 135 ? -0.451  1.098   -3.586  1.00 10.06 ? 135 ALA A CA  1 
ATOM   1003 C  C   . ALA A 1 135 ? -1.885  0.767   -3.189  1.00 10.58 ? 135 ALA A C   1 
ATOM   1004 O  O   . ALA A 1 135 ? -2.130  0.388   -2.062  1.00 10.96 ? 135 ALA A O   1 
ATOM   1005 C  CB  . ALA A 1 135 ? 0.509   -0.024  -3.355  1.00 10.23 ? 135 ALA A CB  1 
ATOM   1006 N  N   . ASP A 1 136 ? -2.834  0.881   -4.126  1.00 10.53 ? 136 ASP A N   1 
ATOM   1007 C  CA  . ASP A 1 136 ? -4.240  0.573   -3.863  1.00 11.17 ? 136 ASP A CA  1 
ATOM   1008 C  C   . ASP A 1 136 ? -4.413  -0.916  -3.639  1.00 10.45 ? 136 ASP A C   1 
ATOM   1009 O  O   . ASP A 1 136 ? -3.727  -1.713  -4.296  1.00 11.27 ? 136 ASP A O   1 
ATOM   1010 C  CB  . ASP A 1 136 ? -5.093  1.021   -5.055  1.00 11.85 ? 136 ASP A CB  1 
ATOM   1011 C  CG  . ASP A 1 136 ? -6.568  0.829   -4.849  1.00 12.61 ? 136 ASP A CG  1 
ATOM   1012 O  OD1 . ASP A 1 136 ? -7.082  1.262   -3.837  1.00 12.84 ? 136 ASP A OD1 1 
ATOM   1013 O  OD2 . ASP A 1 136 ? -7.187  0.094   -5.684  1.00 15.23 ? 136 ASP A OD2 1 
ATOM   1014 N  N   . VAL A 1 137 ? -5.341  -1.274  -2.766  1.00 10.94 ? 137 VAL A N   1 
ATOM   1015 C  CA  . VAL A 1 137 ? -5.762  -2.702  -2.601  1.00 11.96 ? 137 VAL A CA  1 
ATOM   1016 C  C   . VAL A 1 137 ? -7.290  -2.843  -2.748  1.00 11.78 ? 137 VAL A C   1 
ATOM   1017 O  O   . VAL A 1 137 ? -7.757  -3.948  -2.602  1.00 12.94 ? 137 VAL A O   1 
ATOM   1018 C  CB  . VAL A 1 137 ? -5.296  -3.277  -1.243  1.00 12.47 ? 137 VAL A CB  1 
ATOM   1019 C  CG1 . VAL A 1 137 ? -3.779  -3.250  -1.154  1.00 12.75 ? 137 VAL A CG1 1 
ATOM   1020 C  CG2 . VAL A 1 137 ? -5.891  -2.527  -0.065  1.00 11.74 ? 137 VAL A CG2 1 
ATOM   1021 N  N   . ARG A 1 138 ? -8.022  -1.777  -3.007  1.00 12.13 ? 138 ARG A N   1 
ATOM   1022 C  CA  . ARG A 1 138 ? -9.514  -1.844  -3.017  1.00 11.72 ? 138 ARG A CA  1 
ATOM   1023 C  C   . ARG A 1 138 ? -10.034 -2.674  -4.175  1.00 12.12 ? 138 ARG A C   1 
ATOM   1024 O  O   . ARG A 1 138 ? -11.190 -3.114  -4.076  1.00 13.61 ? 138 ARG A O   1 
ATOM   1025 C  CB  . ARG A 1 138 ? -10.090 -0.447  -3.072  1.00 10.82 ? 138 ARG A CB  1 
ATOM   1026 C  CG  . ARG A 1 138 ? -9.728  0.392   -1.853  1.00 10.73 ? 138 ARG A CG  1 
ATOM   1027 C  CD  . ARG A 1 138 ? -10.312 1.758   -2.038  1.00 11.11 ? 138 ARG A CD  1 
ATOM   1028 N  NE  . ARG A 1 138 ? -9.566  2.456   -3.061  1.00 10.90 ? 138 ARG A NE  1 
ATOM   1029 C  CZ  . ARG A 1 138 ? -9.765  3.715   -3.409  1.00 11.32 ? 138 ARG A CZ  1 
ATOM   1030 N  NH1 . ARG A 1 138 ? -10.796 4.394   -2.927  1.00 11.51 ? 138 ARG A NH1 1 
ATOM   1031 N  NH2 . ARG A 1 138 ? -8.900  4.269   -4.241  1.00 11.91 ? 138 ARG A NH2 1 
ATOM   1032 N  N   . ASP A 1 139 ? -9.271  -2.875  -5.215  1.00 12.03 ? 139 ASP A N   1 
ATOM   1033 C  CA  . ASP A 1 139 ? -9.708  -3.757  -6.318  1.00 12.17 ? 139 ASP A CA  1 
ATOM   1034 C  C   . ASP A 1 139 ? -9.445  -5.236  -6.021  1.00 15.20 ? 139 ASP A C   1 
ATOM   1035 O  O   . ASP A 1 139 ? -9.986  -6.044  -6.799  1.00 16.06 ? 139 ASP A O   1 
ATOM   1036 C  CB  . ASP A 1 139 ? -8.996  -3.411  -7.614  1.00 14.35 ? 139 ASP A CB  1 
ATOM   1037 C  CG  . ASP A 1 139 ? -7.492  -3.625  -7.569  1.00 16.12 ? 139 ASP A CG  1 
ATOM   1038 O  OD1 . ASP A 1 139 ? -6.880  -3.327  -6.522  1.00 14.89 ? 139 ASP A OD1 1 
ATOM   1039 O  OD2 . ASP A 1 139 ? -6.918  -4.049  -8.594  1.00 18.09 ? 139 ASP A OD2 1 
ATOM   1040 N  N   . LEU A 1 140 ? -8.780  -5.596  -4.931  1.00 13.31 ? 140 LEU A N   1 
ATOM   1041 C  CA  . LEU A 1 140 ? -8.402  -6.991  -4.663  1.00 13.89 ? 140 LEU A CA  1 
ATOM   1042 C  C   . LEU A 1 140 ? -9.525  -7.586  -3.825  1.00 13.24 ? 140 LEU A C   1 
ATOM   1043 O  O   . LEU A 1 140 ? -9.421  -7.794  -2.628  1.00 14.21 ? 140 LEU A O   1 
ATOM   1044 C  CB  . LEU A 1 140 ? -7.028  -7.007  -3.986  1.00 13.46 ? 140 LEU A CB  1 
ATOM   1045 C  CG  . LEU A 1 140 ? -5.871  -6.356  -4.759  1.00 14.64 ? 140 LEU A CG  1 
ATOM   1046 C  CD1 . LEU A 1 140 ? -4.596  -6.396  -3.922  1.00 15.39 ? 140 LEU A CD1 1 
ATOM   1047 C  CD2 . LEU A 1 140 ? -5.614  -7.005  -6.114  1.00 16.23 ? 140 LEU A CD2 1 
ATOM   1048 N  N   . LEU A 1 141 ? -10.651 -7.887  -4.502  1.00 13.63 ? 141 LEU A N   1 
ATOM   1049 C  CA  . LEU A 1 141 ? -11.863 -8.304  -3.764  1.00 15.31 ? 141 LEU A CA  1 
ATOM   1050 C  C   . LEU A 1 141 ? -11.688 -9.642  -3.065  1.00 15.37 ? 141 LEU A C   1 
ATOM   1051 O  O   . LEU A 1 141 ? -12.291 -9.860  -2.022  1.00 16.98 ? 141 LEU A O   1 
ATOM   1052 C  CB  . LEU A 1 141 ? -13.094 -8.381  -4.684  1.00 15.69 ? 141 LEU A CB  1 
ATOM   1053 C  CG  . LEU A 1 141 ? -13.354 -7.164  -5.551  1.00 18.48 ? 141 LEU A CG  1 
ATOM   1054 C  CD1 . LEU A 1 141 ? -14.708 -7.352  -6.205  1.00 20.76 ? 141 LEU A CD1 1 
ATOM   1055 C  CD2 . LEU A 1 141 ? -13.353 -5.841  -4.805  1.00 18.41 ? 141 LEU A CD2 1 
ATOM   1056 N  N   . TRP A 1 142 ? -10.790 -10.471 -3.600  1.00 15.28 ? 142 TRP A N   1 
ATOM   1057 C  CA  . TRP A 1 142 ? -10.503 -11.804 -3.025  1.00 17.15 ? 142 TRP A CA  1 
ATOM   1058 C  C   . TRP A 1 142 ? -9.897  -11.695 -1.630  1.00 16.32 ? 142 TRP A C   1 
ATOM   1059 O  O   . TRP A 1 142 ? -9.930  -12.695 -0.865  1.00 19.22 ? 142 TRP A O   1 
ATOM   1060 C  CB  . TRP A 1 142 ? -9.642  -12.594 -4.002  1.00 15.70 ? 142 TRP A CB  1 
ATOM   1061 C  CG  . TRP A 1 142 ? -8.334  -11.962 -4.389  1.00 14.98 ? 142 TRP A CG  1 
ATOM   1062 C  CD1 . TRP A 1 142 ? -8.100  -11.255 -5.525  1.00 17.18 ? 142 TRP A CD1 1 
ATOM   1063 C  CD2 . TRP A 1 142 ? -7.132  -11.925 -3.601  1.00 15.19 ? 142 TRP A CD2 1 
ATOM   1064 N  NE1 . TRP A 1 142 ? -6.801  -10.816 -5.542  1.00 16.84 ? 142 TRP A NE1 1 
ATOM   1065 C  CE2 . TRP A 1 142 ? -6.191  -11.241 -4.403  1.00 15.61 ? 142 TRP A CE2 1 
ATOM   1066 C  CE3 . TRP A 1 142 ? -6.735  -12.542 -2.412  1.00 16.35 ? 142 TRP A CE3 1 
ATOM   1067 C  CZ2 . TRP A 1 142 ? -4.870  -11.072 -3.980  1.00 15.62 ? 142 TRP A CZ2 1 
ATOM   1068 C  CZ3 . TRP A 1 142 ? -5.436  -12.339 -1.977  1.00 17.16 ? 142 TRP A CZ3 1 
ATOM   1069 C  CH2 . TRP A 1 142 ? -4.535  -11.613 -2.755  1.00 16.68 ? 142 TRP A CH2 1 
ATOM   1070 N  N   . LEU A 1 143 ? -9.345  -10.553 -1.227  1.00 16.05 ? 143 LEU A N   1 
ATOM   1071 C  CA  . LEU A 1 143 ? -8.810  -10.385 0.143   1.00 16.89 ? 143 LEU A CA  1 
ATOM   1072 C  C   . LEU A 1 143 ? -9.929  -10.569 1.184   1.00 20.81 ? 143 LEU A C   1 
ATOM   1073 O  O   . LEU A 1 143 ? -9.606  -10.848 2.338   1.00 20.32 ? 143 LEU A O   1 
ATOM   1074 C  CB  . LEU A 1 143 ? -8.186  -9.002  0.314   1.00 16.34 ? 143 LEU A CB  1 
ATOM   1075 C  CG  . LEU A 1 143 ? -6.843  -8.756  -0.356  1.00 14.72 ? 143 LEU A CG  1 
ATOM   1076 C  CD1 . LEU A 1 143 ? -6.496  -7.288  -0.243  1.00 16.26 ? 143 LEU A CD1 1 
ATOM   1077 C  CD2 . LEU A 1 143 ? -5.743  -9.590  0.303   1.00 16.60 ? 143 LEU A CD2 1 
ATOM   1078 N  N   . ASP A 1 144 ? -11.207 -10.397 0.809   1.00 20.76 ? 144 ASP A N   1 
ATOM   1079 C  CA  . ASP A 1 144 ? -12.333 -10.391 1.781   1.00 24.22 ? 144 ASP A CA  1 
ATOM   1080 C  C   . ASP A 1 144 ? -12.847 -11.800 2.046   1.00 28.33 ? 144 ASP A C   1 
ATOM   1081 O  O   . ASP A 1 144 ? -13.716 -11.922 2.940   1.00 29.29 ? 144 ASP A O   1 
ATOM   1082 C  CB  . ASP A 1 144 ? -13.507 -9.568  1.256   1.00 24.21 ? 144 ASP A CB  1 
ATOM   1083 C  CG  . ASP A 1 144 ? -13.255 -8.073  1.153   1.00 22.43 ? 144 ASP A CG  1 
ATOM   1084 O  OD1 . ASP A 1 144 ? -12.241 -7.603  1.744   1.00 25.10 ? 144 ASP A OD1 1 
ATOM   1085 O  OD2 . ASP A 1 144 ? -14.029 -7.391  0.409   1.00 26.34 ? 144 ASP A OD2 1 
ATOM   1086 N  N   . GLU A 1 145 ? -12.333 -12.822 1.359   1.00 32.46 ? 145 GLU A N   1 
ATOM   1087 C  CA  . GLU A 1 145 ? -12.791 -14.225 1.576   1.00 40.08 ? 145 GLU A CA  1 
ATOM   1088 C  C   . GLU A 1 145 ? -11.626 -15.222 1.568   1.00 42.42 ? 145 GLU A C   1 
ATOM   1089 O  O   . GLU A 1 145 ? -10.513 -14.846 1.131   1.00 36.63 ? 145 GLU A O   1 
ATOM   1090 C  CB  . GLU A 1 145 ? -13.765 -14.608 0.470   1.00 43.27 ? 145 GLU A CB  1 
ATOM   1091 C  CG  . GLU A 1 145 ? -13.082 -14.734 -0.887  1.00 49.21 ? 145 GLU A CG  1 
ATOM   1092 C  CD  . GLU A 1 145 ? -13.795 -14.073 -2.050  1.00 55.96 ? 145 GLU A CD  1 
ATOM   1093 O  OE1 . GLU A 1 145 ? -13.269 -14.148 -3.186  1.00 63.73 ? 145 GLU A OE1 1 
ATOM   1094 O  OE2 . GLU A 1 145 ? -14.860 -13.478 -1.821  1.00 64.51 ? 145 GLU A OE2 1 
ATOM   1095 N  N   . GLU A 1 146 ? -11.901 -16.455 2.008   1.00 46.37 ? 146 GLU A N   1 
ATOM   1096 C  CA  . GLU A 1 146 ? -11.128 -17.682 1.659   1.00 53.68 ? 146 GLU A CA  1 
ATOM   1097 C  C   . GLU A 1 146 ? -9.696  -17.553 2.190   1.00 60.42 ? 146 GLU A C   1 
ATOM   1098 O  O   . GLU A 1 146 ? -8.939  -18.521 2.304   1.00 64.39 ? 146 GLU A O   1 
ATOM   1099 C  CB  . GLU A 1 146 ? -11.214 -17.896 0.143   1.00 52.78 ? 146 GLU A CB  1 
ATOM   1100 C  CG  . GLU A 1 146 ? -9.899  -18.235 -0.542  1.00 59.08 ? 146 GLU A CG  1 
ATOM   1101 C  CD  . GLU A 1 146 ? -9.511  -19.704 -0.622  1.00 65.74 ? 146 GLU A CD  1 
ATOM   1102 O  OE1 . GLU A 1 146 ? -8.361  -19.975 -1.030  1.00 61.50 ? 146 GLU A OE1 1 
ATOM   1103 O  OE2 . GLU A 1 146 ? -10.353 -20.579 -0.303  1.00 68.30 ? 146 GLU A OE2 1 
HETATM 1104 N  N1  . WHD B 2 .   ? 16.673  -3.354  -7.191  0.50 20.00 ? 201 WHD A N1  1 
HETATM 1105 C  C4  . WHD B 2 .   ? 20.176  4.740   -6.428  0.50 20.00 ? 201 WHD A C4  1 
HETATM 1106 C  C5  . WHD B 2 .   ? 18.438  3.232   -7.296  0.50 20.00 ? 201 WHD A C5  1 
HETATM 1107 C  C6  . WHD B 2 .   ? 18.034  1.786   -7.314  0.50 20.00 ? 201 WHD A C6  1 
HETATM 1108 C  C7  . WHD B 2 .   ? 18.241  0.983   -8.420  0.50 20.00 ? 201 WHD A C7  1 
HETATM 1109 C  C8  . WHD B 2 .   ? 17.881  -0.349  -8.405  0.50 20.00 ? 201 WHD A C8  1 
HETATM 1110 C  C10 . WHD B 2 .   ? 16.945  -2.265  -7.243  0.50 20.00 ? 201 WHD A C10 1 
HETATM 1111 C  C13 . WHD B 2 .   ? 19.093  5.844   -4.440  0.50 20.00 ? 201 WHD A C13 1 
HETATM 1112 N  N   . WHD B 2 .   ? 19.619  3.374   -6.423  0.50 20.00 ? 201 WHD A N   1 
HETATM 1113 C  C   . WHD B 2 .   ? 17.650  7.696   -4.684  0.50 20.00 ? 201 WHD A C   1 
HETATM 1114 C  C1  . WHD B 2 .   ? 17.818  7.700   -6.032  0.50 20.00 ? 201 WHD A C1  1 
HETATM 1115 C  C11 . WHD B 2 .   ? 17.089  -0.094  -6.151  0.50 20.00 ? 201 WHD A C11 1 
HETATM 1116 C  C12 . WHD B 2 .   ? 17.450  1.229   -6.188  0.50 20.00 ? 201 WHD A C12 1 
HETATM 1117 C  C14 . WHD B 2 .   ? 18.263  6.793   -3.865  0.50 20.00 ? 201 WHD A C14 1 
HETATM 1118 C  C2  . WHD B 2 .   ? 18.631  6.735   -6.598  0.50 20.00 ? 201 WHD A C2  1 
HETATM 1119 C  C3  . WHD B 2 .   ? 19.287  5.798   -5.812  0.50 20.00 ? 201 WHD A C3  1 
HETATM 1120 C  C9  . WHD B 2 .   ? 17.303  -0.897  -7.265  0.50 20.00 ? 201 WHD A C9  1 
HETATM 1121 F  F   . WHD B 2 .   ? 16.818  8.616   -4.134  0.50 20.00 ? 201 WHD A F   1 
HETATM 1122 ZN ZN  . ZN  C 3 .   ? -13.878 4.849   1.074   1.00 12.28 ? 202 ZN  A ZN  1 
HETATM 1123 S  S   . DMS D 4 .   ? -13.304 -0.124  9.078   1.00 40.32 ? 203 DMS A S   1 
HETATM 1124 O  O   . DMS D 4 .   ? -13.802 -0.677  10.400  1.00 53.10 ? 203 DMS A O   1 
HETATM 1125 C  C1  . DMS D 4 .   ? -14.011 1.526   8.953   1.00 35.37 ? 203 DMS A C1  1 
HETATM 1126 C  C2  . DMS D 4 .   ? -11.639 0.327   9.435   1.00 38.32 ? 203 DMS A C2  1 
HETATM 1127 S  S   . DMS E 4 .   ? 3.698   -7.913  -12.502 1.00 32.57 ? 204 DMS A S   1 
HETATM 1128 O  O   . DMS E 4 .   ? 4.750   -6.849  -12.401 1.00 24.28 ? 204 DMS A O   1 
HETATM 1129 C  C1  . DMS E 4 .   ? 2.505   -7.273  -13.661 1.00 33.09 ? 204 DMS A C1  1 
HETATM 1130 C  C2  . DMS E 4 .   ? 4.386   -9.214  -13.535 1.00 31.02 ? 204 DMS A C2  1 
HETATM 1131 S  S   . DMS F 4 .   ? 1.491   2.679   13.913  1.00 69.73 ? 205 DMS A S   1 
HETATM 1132 O  O   . DMS F 4 .   ? 2.046   3.474   15.060  1.00 61.62 ? 205 DMS A O   1 
HETATM 1133 C  C1  . DMS F 4 .   ? 0.367   1.496   14.640  1.00 68.43 ? 205 DMS A C1  1 
HETATM 1134 C  C2  . DMS F 4 .   ? 0.279   3.729   13.180  1.00 61.44 ? 205 DMS A C2  1 
HETATM 1135 S  S   . DMS G 4 .   ? 1.310   18.947  2.724   1.00 44.89 ? 206 DMS A S   1 
HETATM 1136 O  O   . DMS G 4 .   ? 2.714   18.561  2.438   1.00 36.60 ? 206 DMS A O   1 
HETATM 1137 C  C1  . DMS G 4 .   ? 1.109   18.837  4.484   1.00 40.52 ? 206 DMS A C1  1 
HETATM 1138 C  C2  . DMS G 4 .   ? 1.219   20.724  2.554   1.00 40.99 ? 206 DMS A C2  1 
HETATM 1139 S  S   . SO4 H 5 .   ? 10.004  7.757   -19.335 1.00 45.67 ? 207 SO4 A S   1 
HETATM 1140 O  O1  . SO4 H 5 .   ? 8.981   7.168   -20.160 1.00 44.86 ? 207 SO4 A O1  1 
HETATM 1141 O  O2  . SO4 H 5 .   ? 9.399   8.541   -18.294 1.00 43.85 ? 207 SO4 A O2  1 
HETATM 1142 O  O3  . SO4 H 5 .   ? 10.831  8.608   -20.144 1.00 45.24 ? 207 SO4 A O3  1 
HETATM 1143 O  O4  . SO4 H 5 .   ? 10.806  6.724   -18.744 1.00 45.74 ? 207 SO4 A O4  1 
HETATM 1144 O  O   . HOH I 6 .   ? 13.341  7.867   6.640   1.00 34.78 ? 301 HOH A O   1 
HETATM 1145 O  O   . HOH I 6 .   ? 5.858   7.434   -20.813 1.00 52.19 ? 302 HOH A O   1 
HETATM 1146 O  O   . HOH I 6 .   ? 8.815   10.016  -6.327  1.00 13.35 ? 303 HOH A O   1 
HETATM 1147 O  O   . HOH I 6 .   ? -11.647 -12.394 9.172   1.00 52.12 ? 304 HOH A O   1 
HETATM 1148 O  O   . HOH I 6 .   ? 3.877   6.855   15.751  1.00 37.99 ? 305 HOH A O   1 
HETATM 1149 O  O   . HOH I 6 .   ? -7.470  -17.134 3.666   1.00 37.08 ? 306 HOH A O   1 
HETATM 1150 O  O   . HOH I 6 .   ? -5.441  -5.936  12.336  1.00 24.07 ? 307 HOH A O   1 
HETATM 1151 O  O   . HOH I 6 .   ? -5.951  8.908   -12.019 1.00 36.36 ? 308 HOH A O   1 
HETATM 1152 O  O   . HOH I 6 .   ? -4.840  -20.538 10.835  1.00 42.20 ? 309 HOH A O   1 
HETATM 1153 O  O   . HOH I 6 .   ? 10.504  -5.885  -8.643  1.00 31.71 ? 310 HOH A O   1 
HETATM 1154 O  O   . HOH I 6 .   ? 12.242  -8.082  0.363   1.00 37.08 ? 311 HOH A O   1 
HETATM 1155 O  O   . HOH I 6 .   ? -14.656 9.742   -4.968  1.00 45.69 ? 312 HOH A O   1 
HETATM 1156 O  O   . HOH I 6 .   ? 3.555   -14.646 -9.030  1.00 23.16 ? 313 HOH A O   1 
HETATM 1157 O  O   . HOH I 6 .   ? 5.281   -13.715 6.872   1.00 26.93 ? 314 HOH A O   1 
HETATM 1158 O  O   . HOH I 6 .   ? 6.211   4.344   13.558  1.00 22.15 ? 315 HOH A O   1 
HETATM 1159 O  O   . HOH I 6 .   ? 3.948   12.276  16.939  1.00 32.99 ? 316 HOH A O   1 
HETATM 1160 O  O   . HOH I 6 .   ? 2.446   -14.444 6.336   1.00 30.61 ? 317 HOH A O   1 
HETATM 1161 O  O   . HOH I 6 .   ? -14.888 -10.065 4.366   1.00 47.00 ? 318 HOH A O   1 
HETATM 1162 O  O   . HOH I 6 .   ? -6.501  -0.337  -8.181  1.00 19.02 ? 319 HOH A O   1 
HETATM 1163 O  O   . HOH I 6 .   ? 7.617   -0.989  -14.329 1.00 36.33 ? 320 HOH A O   1 
HETATM 1164 O  O   . HOH I 6 .   ? 5.442   -3.270  3.710   1.00 14.28 ? 321 HOH A O   1 
HETATM 1165 O  O   . HOH I 6 .   ? -6.905  -16.304 -2.081  1.00 45.24 ? 322 HOH A O   1 
HETATM 1166 O  O   . HOH I 6 .   ? -2.255  -3.571  10.001  1.00 24.17 ? 323 HOH A O   1 
HETATM 1167 O  O   . HOH I 6 .   ? -12.429 -14.773 -5.616  1.00 47.39 ? 324 HOH A O   1 
HETATM 1168 O  O   . HOH I 6 .   ? -2.070  16.519  5.130   1.00 24.03 ? 325 HOH A O   1 
HETATM 1169 O  O   . HOH I 6 .   ? -2.881  8.220   -9.619  1.00 15.94 ? 326 HOH A O   1 
HETATM 1170 O  O   . HOH I 6 .   ? 8.288   -6.882  5.788   1.00 31.32 ? 327 HOH A O   1 
HETATM 1171 O  O   . HOH I 6 .   ? 14.997  8.798   -11.304 1.00 21.09 ? 328 HOH A O   1 
HETATM 1172 O  O   . HOH I 6 .   ? 4.005   17.530  10.746  1.00 24.81 ? 329 HOH A O   1 
HETATM 1173 O  O   . HOH I 6 .   ? -12.114 -6.620  4.220   1.00 19.70 ? 330 HOH A O   1 
HETATM 1174 O  O   . HOH I 6 .   ? 8.356   15.931  2.097   1.00 31.97 ? 331 HOH A O   1 
HETATM 1175 O  O   . HOH I 6 .   ? -11.104 5.041   -7.337  1.00 19.82 ? 332 HOH A O   1 
HETATM 1176 O  O   . HOH I 6 .   ? -7.574  -0.976  10.781  1.00 34.59 ? 333 HOH A O   1 
HETATM 1177 O  O   . HOH I 6 .   ? 6.859   15.000  13.537  1.00 25.49 ? 334 HOH A O   1 
HETATM 1178 O  O   . HOH I 6 .   ? -8.555  4.666   -11.637 1.00 29.88 ? 335 HOH A O   1 
HETATM 1179 O  O   . HOH I 6 .   ? 13.345  0.659   -14.609 1.00 24.68 ? 336 HOH A O   1 
HETATM 1180 O  O   . HOH I 6 .   ? 10.431  -6.596  5.972   1.00 29.61 ? 337 HOH A O   1 
HETATM 1181 O  O   . HOH I 6 .   ? 3.364   -5.834  10.860  1.00 32.07 ? 338 HOH A O   1 
HETATM 1182 O  O   . HOH I 6 .   ? 5.652   -9.663  -10.236 1.00 20.48 ? 339 HOH A O   1 
HETATM 1183 O  O   . HOH I 6 .   ? 8.390   5.993   13.390  1.00 26.72 ? 340 HOH A O   1 
HETATM 1184 O  O   . HOH I 6 .   ? -16.379 -0.962  5.689   1.00 30.59 ? 341 HOH A O   1 
HETATM 1185 O  O   . HOH I 6 .   ? -11.531 -3.782  10.816  1.00 22.75 ? 342 HOH A O   1 
HETATM 1186 O  O   . HOH I 6 .   ? 12.775  -11.490 0.954   1.00 26.90 ? 343 HOH A O   1 
HETATM 1187 O  O   . HOH I 6 .   ? -10.275 -12.914 3.960   1.00 43.71 ? 344 HOH A O   1 
HETATM 1188 O  O   . HOH I 6 .   ? -17.273 4.621   -9.128  1.00 28.08 ? 345 HOH A O   1 
HETATM 1189 O  O   . HOH I 6 .   ? 19.670  2.256   -3.449  1.00 37.06 ? 346 HOH A O   1 
HETATM 1190 O  O   . HOH I 6 .   ? 14.220  -3.580  -3.697  1.00 29.88 ? 347 HOH A O   1 
HETATM 1191 O  O   . HOH I 6 .   ? 4.604   2.761   8.808   1.00 18.17 ? 348 HOH A O   1 
HETATM 1192 O  O   . HOH I 6 .   ? -9.732  -8.861  9.060   1.00 20.57 ? 349 HOH A O   1 
HETATM 1193 O  O   . HOH I 6 .   ? -5.475  17.600  4.084   1.00 41.44 ? 350 HOH A O   1 
HETATM 1194 O  O   . HOH I 6 .   ? -9.699  0.703   -6.544  1.00 15.02 ? 351 HOH A O   1 
HETATM 1195 O  O   . HOH I 6 .   ? 15.469  9.849   -7.970  1.00 31.32 ? 352 HOH A O   1 
HETATM 1196 O  O   . HOH I 6 .   ? 11.101  0.857   1.918   1.00 19.41 ? 353 HOH A O   1 
HETATM 1197 O  O   . HOH I 6 .   ? -2.943  -11.819 10.990  1.00 21.26 ? 354 HOH A O   1 
HETATM 1198 O  O   . HOH I 6 .   ? 4.522   5.150   7.253   1.00 11.83 ? 355 HOH A O   1 
HETATM 1199 O  O   . HOH I 6 .   ? 6.560   11.248  -12.080 1.00 19.77 ? 356 HOH A O   1 
HETATM 1200 O  O   . HOH I 6 .   ? -1.793  17.498  1.689   1.00 22.06 ? 357 HOH A O   1 
HETATM 1201 O  O   . HOH I 6 .   ? -8.662  -14.858 4.818   1.00 29.85 ? 358 HOH A O   1 
HETATM 1202 O  O   . HOH I 6 .   ? 5.535   -20.196 -1.603  1.00 24.18 ? 359 HOH A O   1 
HETATM 1203 O  O   . HOH I 6 .   ? -7.577  -6.545  -9.534  1.00 26.07 ? 360 HOH A O   1 
HETATM 1204 O  O   . HOH I 6 .   ? 12.911  -16.595 -0.132  1.00 19.49 ? 361 HOH A O   1 
HETATM 1205 O  O   . HOH I 6 .   ? -16.691 -7.353  1.110   1.00 27.34 ? 362 HOH A O   1 
HETATM 1206 O  O   . HOH I 6 .   ? 6.965   11.746  -6.021  1.00 17.60 ? 363 HOH A O   1 
HETATM 1207 O  O   . HOH I 6 .   ? -2.554  -18.282 -4.499  1.00 32.66 ? 364 HOH A O   1 
HETATM 1208 O  O   . HOH I 6 .   ? -3.070  15.832  -1.760  1.00 12.00 ? 365 HOH A O   1 
HETATM 1209 O  O   . HOH I 6 .   ? 4.110   -22.183 -0.284  1.00 26.29 ? 366 HOH A O   1 
HETATM 1210 O  O   . HOH I 6 .   ? 14.782  7.032   -2.022  1.00 28.88 ? 367 HOH A O   1 
HETATM 1211 O  O   . HOH I 6 .   ? 7.574   -12.391 7.776   1.00 29.21 ? 368 HOH A O   1 
HETATM 1212 O  O   . HOH I 6 .   ? -15.815 4.732   9.311   1.00 26.38 ? 369 HOH A O   1 
HETATM 1213 O  O   . HOH I 6 .   ? -0.214  -4.938  -12.672 1.00 43.35 ? 370 HOH A O   1 
HETATM 1214 O  O   . HOH I 6 .   ? 9.770   -5.990  -5.245  1.00 18.94 ? 371 HOH A O   1 
HETATM 1215 O  O   . HOH I 6 .   ? 8.877   12.745  -12.184 1.00 17.62 ? 372 HOH A O   1 
HETATM 1216 O  O   . HOH I 6 .   ? 10.702  0.077   6.532   1.00 24.42 ? 373 HOH A O   1 
HETATM 1217 O  O   . HOH I 6 .   ? -11.579 2.612   -6.216  1.00 15.89 ? 374 HOH A O   1 
HETATM 1218 O  O   . HOH I 6 .   ? 10.479  8.161   -6.259  1.00 17.57 ? 375 HOH A O   1 
HETATM 1219 O  O   . HOH I 6 .   ? -7.301  -15.893 14.521  1.00 23.29 ? 376 HOH A O   1 
HETATM 1220 O  O   . HOH I 6 .   ? 13.965  -3.520  -0.656  1.00 35.74 ? 377 HOH A O   1 
HETATM 1221 O  O   . HOH I 6 .   ? -4.684  -17.304 3.718   1.00 29.34 ? 378 HOH A O   1 
HETATM 1222 O  O   . HOH I 6 .   ? 7.321   13.112  0.053   1.00 18.64 ? 379 HOH A O   1 
HETATM 1223 O  O   . HOH I 6 .   ? 2.204   -10.757 -11.071 1.00 41.41 ? 380 HOH A O   1 
HETATM 1224 O  O   . HOH I 6 .   ? -8.070  -2.917  -10.872 1.00 28.88 ? 381 HOH A O   1 
HETATM 1225 O  O   . HOH I 6 .   ? 0.975   0.370   -6.543  1.00 17.33 ? 382 HOH A O   1 
HETATM 1226 O  O   . HOH I 6 .   ? -9.678  6.629   -5.519  1.00 15.87 ? 383 HOH A O   1 
HETATM 1227 O  O   . HOH I 6 .   ? 0.690   -0.817  8.361   1.00 19.43 ? 384 HOH A O   1 
HETATM 1228 O  O   . HOH I 6 .   ? -11.329 5.968   8.605   1.00 24.02 ? 385 HOH A O   1 
HETATM 1229 O  O   . HOH I 6 .   ? 13.785  5.806   5.152   1.00 23.07 ? 386 HOH A O   1 
HETATM 1230 O  O   . HOH I 6 .   ? -2.199  15.622  11.005  1.00 24.92 ? 387 HOH A O   1 
HETATM 1231 O  O   . HOH I 6 .   ? 7.670   2.065   -5.135  1.00 16.03 ? 388 HOH A O   1 
HETATM 1232 O  O   . HOH I 6 .   ? 4.602   18.129  0.273   1.00 16.75 ? 389 HOH A O   1 
HETATM 1233 O  O   . HOH I 6 .   ? -1.444  -1.543  -5.915  1.00 13.36 ? 390 HOH A O   1 
HETATM 1234 O  O   . HOH I 6 .   ? 13.940  0.586   1.473   1.00 28.38 ? 391 HOH A O   1 
HETATM 1235 O  O   . HOH I 6 .   ? -4.596  -0.334  11.337  1.00 24.07 ? 392 HOH A O   1 
HETATM 1236 O  O   . HOH I 6 .   ? 10.817  -9.331  -2.135  1.00 25.64 ? 393 HOH A O   1 
HETATM 1237 O  O   . HOH I 6 .   ? 8.941   -5.169  -12.556 1.00 31.68 ? 394 HOH A O   1 
HETATM 1238 O  O   . HOH I 6 .   ? 7.983   -12.417 -9.362  1.00 21.28 ? 395 HOH A O   1 
HETATM 1239 O  O   . HOH I 6 .   ? 6.004   16.397  -7.158  1.00 18.36 ? 396 HOH A O   1 
HETATM 1240 O  O   . HOH I 6 .   ? -3.851  5.515   8.660   1.00 18.54 ? 397 HOH A O   1 
HETATM 1241 O  O   . HOH I 6 .   ? -4.221  -11.049 8.755   1.00 20.06 ? 398 HOH A O   1 
HETATM 1242 O  O   . HOH I 6 .   ? -1.258  11.665  14.203  1.00 24.11 ? 399 HOH A O   1 
HETATM 1243 O  O   . HOH I 6 .   ? 10.977  12.375  0.624   1.00 26.26 ? 400 HOH A O   1 
HETATM 1244 O  O   . HOH I 6 .   ? 12.595  14.416  -2.874  1.00 33.52 ? 401 HOH A O   1 
HETATM 1245 O  O   . HOH I 6 .   ? -13.356 -1.319  -4.385  1.00 13.54 ? 402 HOH A O   1 
HETATM 1246 O  O   . HOH I 6 .   ? 6.203   17.210  12.850  1.00 32.20 ? 403 HOH A O   1 
HETATM 1247 O  O   . HOH I 6 .   ? 10.825  3.978   -8.238  1.00 16.13 ? 404 HOH A O   1 
HETATM 1248 O  O   . HOH I 6 .   ? 5.572   9.675   -9.163  1.00 16.16 ? 405 HOH A O   1 
HETATM 1249 O  O   . HOH I 6 .   ? -17.509 5.001   -3.214  1.00 18.47 ? 406 HOH A O   1 
HETATM 1250 O  O   . HOH I 6 .   ? -3.108  1.369   -12.833 1.00 19.93 ? 407 HOH A O   1 
HETATM 1251 O  O   . HOH I 6 .   ? -13.799 11.051  -1.748  1.00 25.32 ? 408 HOH A O   1 
HETATM 1252 O  O   . HOH I 6 .   ? -7.998  10.733  -10.017 1.00 19.59 ? 409 HOH A O   1 
HETATM 1253 O  O   . HOH I 6 .   ? -9.895  -1.596  8.979   1.00 24.50 ? 410 HOH A O   1 
HETATM 1254 O  O   . HOH I 6 .   ? -3.393  4.680   -15.780 1.00 31.51 ? 411 HOH A O   1 
HETATM 1255 O  O   . HOH I 6 .   ? 11.371  -14.737 6.892   1.00 22.27 ? 412 HOH A O   1 
HETATM 1256 O  O   . HOH I 6 .   ? 10.035  3.782   -5.462  1.00 17.21 ? 413 HOH A O   1 
HETATM 1257 O  O   . HOH I 6 .   ? -5.590  -10.133 -8.052  1.00 33.01 ? 414 HOH A O   1 
HETATM 1258 O  O   . HOH I 6 .   ? 8.454   2.473   -8.490  1.00 19.96 ? 415 HOH A O   1 
HETATM 1259 O  O   . HOH I 6 .   ? 6.036   -2.166  11.034  1.00 36.68 ? 416 HOH A O   1 
HETATM 1260 O  O   . HOH I 6 .   ? -10.809 12.036  -9.983  1.00 33.32 ? 417 HOH A O   1 
HETATM 1261 O  O   . HOH I 6 .   ? 12.431  14.411  6.825   1.00 17.48 ? 418 HOH A O   1 
HETATM 1262 O  O   . HOH I 6 .   ? -3.225  -6.430  -10.674 1.00 28.54 ? 419 HOH A O   1 
HETATM 1263 O  O   . HOH I 6 .   ? 6.114   9.110   -6.393  1.00 17.39 ? 420 HOH A O   1 
HETATM 1264 O  O   . HOH I 6 .   ? 8.861   13.033  -9.318  1.00 18.70 ? 421 HOH A O   1 
HETATM 1265 O  O   . HOH I 6 .   ? 8.902   12.490  16.316  1.00 16.76 ? 422 HOH A O   1 
HETATM 1266 O  O   . HOH I 6 .   ? 14.043  12.004  8.131   1.00 17.37 ? 423 HOH A O   1 
HETATM 1267 O  O   . HOH I 6 .   ? 6.357   17.119  7.245   1.00 25.25 ? 424 HOH A O   1 
HETATM 1268 O  O   . HOH I 6 .   ? -20.236 5.355   0.602   1.00 36.26 ? 425 HOH A O   1 
HETATM 1269 O  O   . HOH I 6 .   ? 1.273   -16.234 10.397  1.00 29.32 ? 426 HOH A O   1 
HETATM 1270 O  O   . HOH I 6 .   ? 12.698  9.101   -4.905  1.00 24.23 ? 427 HOH A O   1 
HETATM 1271 O  O   . HOH I 6 .   ? 2.569   14.831  5.108   1.00 14.08 ? 428 HOH A O   1 
HETATM 1272 O  O   . HOH I 6 .   ? 6.299   -22.858 3.465   1.00 24.90 ? 429 HOH A O   1 
HETATM 1273 O  O   . HOH I 6 .   ? -10.042 2.704   9.365   1.00 40.22 ? 430 HOH A O   1 
HETATM 1274 O  O   . HOH I 6 .   ? 3.879   -10.520 10.594  1.00 35.79 ? 431 HOH A O   1 
HETATM 1275 O  O   . HOH I 6 .   ? -10.220 -15.563 6.858   1.00 51.12 ? 432 HOH A O   1 
HETATM 1276 O  O   . HOH I 6 .   ? 13.602  -12.306 5.020   1.00 27.37 ? 433 HOH A O   1 
HETATM 1277 O  O   . HOH I 6 .   ? 14.087  4.027   -16.185 1.00 31.36 ? 434 HOH A O   1 
HETATM 1278 O  O   . HOH I 6 .   ? -0.462  -14.959 12.234  1.00 25.36 ? 435 HOH A O   1 
HETATM 1279 O  O   . HOH I 6 .   ? -4.176  16.557  0.638   1.00 17.58 ? 436 HOH A O   1 
HETATM 1280 O  O   . HOH I 6 .   ? 3.097   -20.173 -2.794  1.00 33.69 ? 437 HOH A O   1 
HETATM 1281 O  O   . HOH I 6 .   ? -8.905  13.629  4.353   1.00 32.93 ? 438 HOH A O   1 
HETATM 1282 O  O   . HOH I 6 .   ? 8.815   0.785   -16.143 1.00 25.37 ? 439 HOH A O   1 
HETATM 1283 O  O   . HOH I 6 .   ? 0.199   15.425  3.851   1.00 16.61 ? 440 HOH A O   1 
HETATM 1284 O  O   . HOH I 6 .   ? 8.124   2.406   9.532   1.00 28.17 ? 441 HOH A O   1 
HETATM 1285 O  O   . HOH I 6 .   ? 16.691  4.315   -12.568 1.00 19.49 ? 442 HOH A O   1 
HETATM 1286 O  O   . HOH I 6 .   ? 8.576   6.153   0.093   1.00 18.64 ? 443 HOH A O   1 
HETATM 1287 O  O   . HOH I 6 .   ? 14.063  2.278   4.635   1.00 33.11 ? 444 HOH A O   1 
HETATM 1288 O  O   . HOH I 6 .   ? 5.778   -5.635  7.906   1.00 23.25 ? 445 HOH A O   1 
HETATM 1289 O  O   . HOH I 6 .   ? 8.378   10.195  -8.714  1.00 16.06 ? 446 HOH A O   1 
HETATM 1290 O  O   . HOH I 6 .   ? -0.168  2.281   9.442   1.00 19.55 ? 447 HOH A O   1 
HETATM 1291 O  O   . HOH I 6 .   ? -4.247  -7.346  12.971  1.00 24.44 ? 448 HOH A O   1 
HETATM 1292 O  O   . HOH I 6 .   ? 9.470   14.604  -0.321  1.00 20.29 ? 449 HOH A O   1 
HETATM 1293 O  O   . HOH I 6 .   ? -19.106 5.626   -5.319  1.00 27.33 ? 450 HOH A O   1 
HETATM 1294 O  O   . HOH I 6 .   ? 1.008   -13.953 -8.024  1.00 20.83 ? 451 HOH A O   1 
HETATM 1295 O  O   . HOH I 6 .   ? 2.079   -3.507  10.367  1.00 24.25 ? 452 HOH A O   1 
HETATM 1296 O  O   . HOH I 6 .   ? 6.985   -4.023  6.034   1.00 18.26 ? 453 HOH A O   1 
HETATM 1297 O  O   . HOH I 6 .   ? 15.949  6.503   3.554   1.00 26.04 ? 454 HOH A O   1 
HETATM 1298 O  O   . HOH I 6 .   ? -1.027  -15.641 -7.523  1.00 38.87 ? 455 HOH A O   1 
HETATM 1299 O  O   . HOH I 6 .   ? -7.563  -18.403 11.335  1.00 40.18 ? 456 HOH A O   1 
HETATM 1300 O  O   . HOH I 6 .   ? -13.003 8.987   4.069   1.00 27.62 ? 457 HOH A O   1 
HETATM 1301 O  O   . HOH I 6 .   ? 13.186  13.591  -8.956  1.00 38.77 ? 458 HOH A O   1 
HETATM 1302 O  O   . HOH I 6 .   ? 9.559   6.319   -4.307  1.00 14.00 ? 459 HOH A O   1 
HETATM 1303 O  O   . HOH I 6 .   ? -15.274 -9.065  -1.992  1.00 28.24 ? 460 HOH A O   1 
HETATM 1304 O  O   . HOH I 6 .   ? 17.086  -0.797  -0.622  1.00 36.92 ? 461 HOH A O   1 
HETATM 1305 O  O   . HOH I 6 .   ? 10.441  11.603  -6.595  1.00 25.22 ? 462 HOH A O   1 
HETATM 1306 O  O   . HOH I 6 .   ? 10.155  5.310   18.687  1.00 35.21 ? 463 HOH A O   1 
HETATM 1307 O  O   . HOH I 6 .   ? -2.383  3.602   11.087  1.00 19.37 ? 464 HOH A O   1 
HETATM 1308 O  O   . HOH I 6 .   ? 0.527   -19.570 6.897   1.00 45.46 ? 465 HOH A O   1 
HETATM 1309 O  O   . HOH I 6 .   ? 11.013  -22.382 3.848   1.00 31.82 ? 466 HOH A O   1 
HETATM 1310 O  O   . HOH I 6 .   ? -5.419  1.345   -11.707 1.00 31.29 ? 467 HOH A O   1 
HETATM 1311 O  O   . HOH I 6 .   ? -15.266 10.578  4.568   1.00 39.00 ? 468 HOH A O   1 
HETATM 1312 O  O   . HOH I 6 .   ? -15.672 -3.456  9.197   1.00 37.84 ? 469 HOH A O   1 
HETATM 1313 O  O   . HOH I 6 .   ? 8.313   -7.619  7.874   1.00 35.08 ? 470 HOH A O   1 
HETATM 1314 O  O   . HOH I 6 .   ? -10.925 -8.902  -7.731  1.00 23.19 ? 471 HOH A O   1 
HETATM 1315 O  O   . HOH I 6 .   ? -8.274  15.975  2.414   1.00 35.41 ? 472 HOH A O   1 
HETATM 1316 O  O   . HOH I 6 .   ? 9.653   -2.585  -13.029 1.00 25.78 ? 473 HOH A O   1 
HETATM 1317 O  O   . HOH I 6 .   ? 10.653  6.861   -1.777  1.00 20.23 ? 474 HOH A O   1 
HETATM 1318 O  O   . HOH I 6 .   ? 0.014   10.183  16.013  1.00 32.20 ? 475 HOH A O   1 
HETATM 1319 O  O   . HOH I 6 .   ? 15.267  9.415   3.448   1.00 26.77 ? 476 HOH A O   1 
HETATM 1320 O  O   . HOH I 6 .   ? 13.517  -7.815  2.989   1.00 48.78 ? 477 HOH A O   1 
HETATM 1321 O  O   . HOH I 6 .   ? -13.790 -11.964 -5.890  1.00 34.31 ? 478 HOH A O   1 
HETATM 1322 O  O   . HOH I 6 .   ? -8.286  -8.786  -8.205  1.00 27.27 ? 479 HOH A O   1 
HETATM 1323 O  O   . HOH I 6 .   ? -7.176  -18.343 13.701  1.00 35.01 ? 480 HOH A O   1 
HETATM 1324 O  O   . HOH I 6 .   ? 4.060   -1.166  -15.088 1.00 48.12 ? 481 HOH A O   1 
HETATM 1325 O  O   . HOH I 6 .   ? -16.740 7.280   -1.687  1.00 23.26 ? 482 HOH A O   1 
HETATM 1326 O  O   . HOH I 6 .   ? 6.182   17.522  2.295   1.00 24.34 ? 483 HOH A O   1 
HETATM 1327 O  O   . HOH I 6 .   ? 1.826   -2.295  -15.268 1.00 35.61 ? 484 HOH A O   1 
HETATM 1328 O  O   . HOH I 6 .   ? 7.116   8.509   -23.024 1.00 42.72 ? 485 HOH A O   1 
HETATM 1329 O  O   . HOH I 6 .   ? 3.917   16.979  6.257   1.00 24.59 ? 486 HOH A O   1 
HETATM 1330 O  O   . HOH I 6 .   ? -11.469 -11.278 -7.126  1.00 29.06 ? 487 HOH A O   1 
HETATM 1331 O  O   . HOH I 6 .   ? -4.199  -18.557 15.391  1.00 49.33 ? 488 HOH A O   1 
HETATM 1332 O  O   . HOH I 6 .   ? 8.062   -9.854  9.262   1.00 40.47 ? 489 HOH A O   1 
HETATM 1333 O  O   . HOH I 6 .   ? 8.262   9.526   20.632  1.00 38.72 ? 490 HOH A O   1 
HETATM 1334 O  O   . HOH I 6 .   ? -16.364 9.603   -3.100  1.00 38.08 ? 491 HOH A O   1 
HETATM 1335 O  O   . HOH I 6 .   ? 9.067   6.988   20.573  1.00 60.67 ? 492 HOH A O   1 
HETATM 1336 O  O   . HOH I 6 .   ? 12.148  0.389   4.487   1.00 28.94 ? 493 HOH A O   1 
HETATM 1337 O  O   . HOH I 6 .   ? 10.139  18.966  -2.223  1.00 46.94 ? 494 HOH A O   1 
HETATM 1338 O  O   . HOH I 6 .   ? -2.850  -9.760  13.166  1.00 26.04 ? 495 HOH A O   1 
HETATM 1339 O  O   . HOH I 6 .   ? 11.506  0.698   -16.632 1.00 29.27 ? 496 HOH A O   1 
HETATM 1340 O  O   . HOH I 6 .   ? -4.648  -8.395  -9.886  1.00 42.00 ? 497 HOH A O   1 
HETATM 1341 O  O   . HOH I 6 .   ? -5.465  -12.630 -8.851  1.00 38.08 ? 498 HOH A O   1 
HETATM 1342 O  O   . HOH I 6 .   ? -15.589 -3.878  12.190  1.00 39.23 ? 499 HOH A O   1 
HETATM 1343 O  O   . HOH I 6 .   ? 12.494  8.587   -2.243  1.00 26.35 ? 500 HOH A O   1 
HETATM 1344 O  O   . HOH I 6 .   ? -9.124  1.110   -9.159  1.00 25.94 ? 501 HOH A O   1 
HETATM 1345 O  O   . HOH I 6 .   ? 12.941  10.827  -0.752  1.00 31.93 ? 502 HOH A O   1 
HETATM 1346 O  O   . HOH I 6 .   ? -18.983 7.750   -0.203  1.00 36.97 ? 503 HOH A O   1 
HETATM 1347 O  O   . HOH I 6 .   ? -8.020  -12.448 -9.160  1.00 52.96 ? 504 HOH A O   1 
HETATM 1348 O  O   . HOH I 6 .   ? -9.148  -16.077 -3.532  1.00 42.87 ? 505 HOH A O   1 
HETATM 1349 O  O   . HOH I 6 .   ? 1.892   -12.356 9.875   1.00 40.96 ? 506 HOH A O   1 
HETATM 1350 O  O   . HOH I 6 .   ? -10.977 -1.704  13.542  1.00 26.60 ? 507 HOH A O   1 
HETATM 1351 O  O   . HOH I 6 .   ? 2.581   18.908  7.726   1.00 33.72 ? 508 HOH A O   1 
HETATM 1352 O  O   . HOH I 6 .   ? 6.461   13.710  -8.076  1.00 17.40 ? 509 HOH A O   1 
HETATM 1353 O  O   . HOH I 6 .   ? 13.117  11.525  -5.452  1.00 36.99 ? 510 HOH A O   1 
HETATM 1354 O  O   . HOH I 6 .   ? 4.889   12.321  -10.040 1.00 15.35 ? 511 HOH A O   1 
HETATM 1355 O  O   . HOH I 6 .   ? -0.234  -12.410 11.449  1.00 28.72 ? 512 HOH A O   1 
HETATM 1356 O  O   . HOH I 6 .   ? -3.533  -18.979 1.444   1.00 45.20 ? 513 HOH A O   1 
HETATM 1357 O  O   . HOH I 6 .   ? -10.430 4.014   -10.024 1.00 29.05 ? 514 HOH A O   1 
HETATM 1358 O  O   . HOH I 6 .   ? 12.902  -7.647  6.353   1.00 39.73 ? 515 HOH A O   1 
HETATM 1359 O  O   . HOH I 6 .   ? 13.834  12.565  -2.891  1.00 39.29 ? 516 HOH A O   1 
HETATM 1360 O  O   . HOH I 6 .   ? 17.092  9.738   -10.084 1.00 53.92 ? 517 HOH A O   1 
HETATM 1361 O  O   . HOH I 6 .   ? 9.591   -4.158  6.699   1.00 25.75 ? 518 HOH A O   1 
HETATM 1362 O  O   . HOH I 6 .   ? 6.651   12.923  17.678  1.00 30.81 ? 519 HOH A O   1 
HETATM 1363 O  O   . HOH I 6 .   ? 4.823   10.204  19.128  1.00 46.97 ? 520 HOH A O   1 
HETATM 1364 O  O   . HOH I 6 .   ? 14.507  12.097  -7.635  1.00 36.30 ? 521 HOH A O   1 
HETATM 1365 O  O   . HOH I 6 .   ? -1.851  18.220  7.045   1.00 36.67 ? 522 HOH A O   1 
HETATM 1366 O  O   . HOH I 6 .   ? 16.816  7.167   -12.985 1.00 36.57 ? 523 HOH A O   1 
HETATM 1367 O  O   . HOH I 6 .   ? -20.304 4.623   8.092   1.00 45.58 ? 524 HOH A O   1 
HETATM 1368 O  O   . HOH I 6 .   ? -10.008 -15.507 -6.224  1.00 38.71 ? 525 HOH A O   1 
HETATM 1369 O  O   . HOH I 6 .   ? 11.801  -2.205  6.692   1.00 33.84 ? 526 HOH A O   1 
HETATM 1370 O  O   . HOH I 6 .   ? 8.613   -23.585 4.035   1.00 35.87 ? 527 HOH A O   1 
HETATM 1371 O  O   . HOH I 6 .   ? -10.142 -13.331 -8.032  1.00 31.83 ? 528 HOH A O   1 
HETATM 1372 O  O   . HOH I 6 .   ? -2.363  17.702  9.327   1.00 40.16 ? 529 HOH A O   1 
HETATM 1373 O  O   . HOH I 6 .   ? 3.903   2.701   -19.545 1.00 44.09 ? 530 HOH A O   1 
HETATM 1374 O  O   . HOH I 6 .   ? -0.206  17.932  10.769  1.00 50.42 ? 531 HOH A O   1 
HETATM 1375 O  O   . HOH I 6 .   ? 4.583   0.689   -18.218 1.00 41.37 ? 532 HOH A O   1 
HETATM 1376 O  O   . HOH I 6 .   ? -12.496 -18.907 15.978  1.00 59.09 ? 533 HOH A O   1 
HETATM 1377 O  O   . HOH I 6 .   ? 13.799  -1.684  5.096   1.00 36.14 ? 534 HOH A O   1 
HETATM 1378 O  O   . HOH I 6 .   ? 1.484   0.814   -20.954 1.00 43.69 ? 535 HOH A O   1 
# 
